data_4HNN
#
_entry.id   4HNN
#
_cell.length_a   220.610
_cell.length_b   137.930
_cell.length_c   133.940
_cell.angle_alpha   90.00
_cell.angle_beta   108.25
_cell.angle_gamma   90.00
#
_symmetry.space_group_name_H-M   'C 1 2 1'
#
loop_
_entity.id
_entity.type
_entity.pdbx_description
1 polymer 'Dihydrodipicolinate synthase'
2 non-polymer LYSINE
3 water water
#
_entity_poly.entity_id   1
_entity_poly.type   'polypeptide(L)'
_entity_poly.pdbx_seq_one_letter_code
;MGSSHHHHHSSGLVPRGSHMAVIPNFHLPMRSFEVKNRTSVDDIKSLRLITAIKTPYLPDGRFDLEAYDALVNMQIVDGA
EGVIVGGTTGEGQLMSWDEHIMLIGHTVNCFGGSIKVIGNTGSNSTREAIHATEQGFAVGMHAALHINPYYGKTSLEGLV
SHFESVLPMGPTVIYNVPSRTGQDIPPGVIHTVAQSANLAGV(KPI)ECVGNDRIKQYTDNRIVVWSGNDDQCHDAKWDY
GATGVISVTSNLIPGLMRQLLFKGKNPSLNAKIMPLVNWLFEEPNPIGLNTALAQLGVVRPVFRLPYVPLPLAKRVEFVN
IVKEIGRENFVGEKDVKVLDDDDFILVGRY
;
_entity_poly.pdbx_strand_id   A,B,C,D,E,F,G,H
#
# COMPACT_ATOMS: atom_id res chain seq x y z
N SER A 40 -57.11 5.24 6.20
CA SER A 40 -57.88 4.33 7.04
C SER A 40 -57.98 2.94 6.49
N VAL A 41 -57.65 2.00 7.33
CA VAL A 41 -57.67 0.60 7.02
C VAL A 41 -59.04 0.07 6.71
N ASP A 42 -60.05 0.64 7.34
CA ASP A 42 -61.41 0.18 7.10
C ASP A 42 -61.94 0.54 5.73
N ASP A 43 -61.51 1.67 5.21
CA ASP A 43 -61.70 2.01 3.81
C ASP A 43 -61.09 0.98 2.84
N ILE A 44 -59.91 0.50 3.10
CA ILE A 44 -59.33 -0.55 2.32
C ILE A 44 -60.03 -1.92 2.47
N LYS A 45 -60.50 -2.26 3.66
CA LYS A 45 -61.11 -3.56 3.94
C LYS A 45 -62.42 -3.84 3.26
N SER A 46 -63.14 -2.82 2.91
CA SER A 46 -64.41 -2.97 2.27
C SER A 46 -64.38 -3.13 0.76
N LEU A 47 -63.23 -2.92 0.15
CA LEU A 47 -63.10 -3.00 -1.29
C LEU A 47 -63.30 -4.40 -1.81
N ARG A 48 -64.09 -4.52 -2.86
CA ARG A 48 -64.43 -5.80 -3.42
C ARG A 48 -63.76 -6.05 -4.72
N LEU A 49 -63.58 -5.02 -5.50
CA LEU A 49 -62.92 -5.17 -6.77
C LEU A 49 -61.71 -4.30 -6.88
N ILE A 50 -60.54 -4.90 -6.85
CA ILE A 50 -59.31 -4.20 -7.06
C ILE A 50 -58.67 -4.64 -8.37
N THR A 51 -58.22 -3.71 -9.17
CA THR A 51 -57.56 -4.08 -10.38
C THR A 51 -56.08 -3.92 -10.26
N ALA A 52 -55.36 -4.97 -10.54
CA ALA A 52 -53.94 -4.92 -10.71
C ALA A 52 -53.66 -4.41 -12.09
N ILE A 53 -53.63 -3.11 -12.22
CA ILE A 53 -53.50 -2.40 -13.45
C ILE A 53 -52.19 -2.60 -14.19
N LYS A 54 -52.32 -2.83 -15.48
CA LYS A 54 -51.17 -2.92 -16.34
C LYS A 54 -50.45 -1.59 -16.64
N THR A 55 -49.19 -1.68 -16.96
CA THR A 55 -48.42 -0.50 -17.25
C THR A 55 -48.04 -0.50 -18.69
N PRO A 56 -48.58 0.45 -19.42
CA PRO A 56 -48.33 0.61 -20.84
C PRO A 56 -47.08 1.42 -21.18
N TYR A 57 -46.48 1.11 -22.29
CA TYR A 57 -45.24 1.70 -22.70
C TYR A 57 -45.26 2.43 -24.03
N LEU A 58 -44.45 3.45 -24.14
CA LEU A 58 -44.09 4.06 -25.39
C LEU A 58 -43.14 3.18 -26.15
N PRO A 59 -43.00 3.44 -27.44
CA PRO A 59 -42.18 2.63 -28.31
C PRO A 59 -40.75 2.45 -27.89
N ASP A 60 -40.19 3.38 -27.18
CA ASP A 60 -38.87 3.27 -26.64
C ASP A 60 -38.76 2.60 -25.28
N GLY A 61 -39.87 2.23 -24.68
CA GLY A 61 -39.88 1.55 -23.43
C GLY A 61 -40.30 2.35 -22.22
N ARG A 62 -40.36 3.64 -22.33
CA ARG A 62 -40.80 4.52 -21.27
C ARG A 62 -42.29 4.41 -21.05
N PHE A 63 -42.73 4.74 -19.86
CA PHE A 63 -44.15 4.72 -19.56
C PHE A 63 -44.98 5.60 -20.53
N ASP A 64 -46.08 5.05 -21.01
CA ASP A 64 -47.09 5.76 -21.75
C ASP A 64 -48.17 6.24 -20.80
N LEU A 65 -48.00 7.42 -20.27
CA LEU A 65 -48.91 7.97 -19.31
C LEU A 65 -50.29 8.30 -19.82
N GLU A 66 -50.40 8.63 -21.09
CA GLU A 66 -51.63 8.91 -21.73
C GLU A 66 -52.46 7.66 -21.81
N ALA A 67 -51.83 6.58 -22.17
CA ALA A 67 -52.50 5.31 -22.23
C ALA A 67 -52.82 4.75 -20.88
N TYR A 68 -52.01 5.05 -19.90
CA TYR A 68 -52.23 4.65 -18.54
C TYR A 68 -53.43 5.33 -17.93
N ASP A 69 -53.56 6.62 -18.12
CA ASP A 69 -54.64 7.39 -17.59
C ASP A 69 -55.93 6.91 -18.14
N ALA A 70 -55.92 6.57 -19.40
CA ALA A 70 -57.06 6.02 -20.07
C ALA A 70 -57.44 4.61 -19.59
N LEU A 71 -56.50 3.77 -19.22
CA LEU A 71 -56.82 2.50 -18.62
C LEU A 71 -57.40 2.68 -17.23
N VAL A 72 -56.90 3.65 -16.50
CA VAL A 72 -57.42 3.90 -15.20
C VAL A 72 -58.84 4.41 -15.27
N ASN A 73 -59.10 5.34 -16.18
CA ASN A 73 -60.42 5.86 -16.38
C ASN A 73 -61.41 4.79 -16.74
N MET A 74 -61.05 3.89 -17.62
CA MET A 74 -61.84 2.77 -17.97
C MET A 74 -62.25 1.93 -16.79
N GLN A 75 -61.31 1.66 -15.91
CA GLN A 75 -61.56 0.98 -14.67
C GLN A 75 -62.57 1.69 -13.82
N ILE A 76 -62.40 2.98 -13.62
CA ILE A 76 -63.30 3.81 -12.84
C ILE A 76 -64.74 3.78 -13.37
N VAL A 77 -64.88 3.89 -14.66
CA VAL A 77 -66.14 3.92 -15.31
C VAL A 77 -66.91 2.65 -15.11
N ASP A 78 -66.25 1.52 -15.06
CA ASP A 78 -66.89 0.27 -14.76
C ASP A 78 -66.93 -0.16 -13.32
N GLY A 79 -66.56 0.71 -12.43
CA GLY A 79 -66.71 0.46 -11.05
C GLY A 79 -65.68 -0.33 -10.29
N ALA A 80 -64.45 -0.40 -10.75
CA ALA A 80 -63.37 -0.87 -9.94
C ALA A 80 -63.17 0.05 -8.73
N GLU A 81 -62.85 -0.48 -7.57
CA GLU A 81 -62.78 0.36 -6.41
C GLU A 81 -61.38 0.70 -6.01
N GLY A 82 -60.43 0.01 -6.59
CA GLY A 82 -59.05 0.21 -6.29
C GLY A 82 -58.15 -0.32 -7.35
N VAL A 83 -56.97 0.22 -7.41
CA VAL A 83 -55.94 -0.23 -8.31
C VAL A 83 -54.71 -0.58 -7.53
N ILE A 84 -53.95 -1.49 -8.07
CA ILE A 84 -52.60 -1.73 -7.65
C ILE A 84 -51.71 -1.11 -8.68
N VAL A 85 -50.85 -0.22 -8.26
CA VAL A 85 -49.90 0.41 -9.16
C VAL A 85 -48.56 -0.30 -9.09
N GLY A 86 -48.09 -0.85 -10.19
CA GLY A 86 -46.90 -1.67 -10.20
C GLY A 86 -46.91 -2.99 -9.44
N GLY A 87 -48.00 -3.71 -9.53
CA GLY A 87 -48.11 -5.04 -9.05
C GLY A 87 -47.42 -5.97 -10.02
N THR A 88 -47.58 -7.26 -9.89
CA THR A 88 -46.98 -8.20 -10.79
C THR A 88 -47.47 -7.96 -12.17
N THR A 89 -48.76 -7.84 -12.29
CA THR A 89 -49.42 -7.57 -13.55
C THR A 89 -49.02 -6.24 -14.15
N GLY A 90 -48.72 -5.32 -13.29
CA GLY A 90 -48.16 -4.05 -13.64
C GLY A 90 -46.70 -3.99 -13.92
N GLU A 91 -45.99 -5.10 -13.87
CA GLU A 91 -44.57 -5.18 -14.14
C GLU A 91 -43.74 -4.24 -13.27
N GLY A 92 -44.11 -4.12 -12.02
CA GLY A 92 -43.36 -3.38 -11.06
C GLY A 92 -41.96 -3.88 -10.91
N GLN A 93 -41.79 -5.15 -11.21
CA GLN A 93 -40.53 -5.83 -11.18
C GLN A 93 -39.54 -5.33 -12.22
N LEU A 94 -40.07 -4.72 -13.24
CA LEU A 94 -39.30 -4.14 -14.29
C LEU A 94 -39.20 -2.65 -14.19
N MET A 95 -39.70 -2.05 -13.14
CA MET A 95 -39.59 -0.64 -12.97
C MET A 95 -38.38 -0.30 -12.17
N SER A 96 -37.82 0.84 -12.43
CA SER A 96 -36.90 1.43 -11.52
C SER A 96 -37.73 2.06 -10.42
N TRP A 97 -37.13 2.33 -9.29
CA TRP A 97 -37.82 2.94 -8.22
C TRP A 97 -38.31 4.32 -8.49
N ASP A 98 -37.65 5.10 -9.32
CA ASP A 98 -38.12 6.44 -9.62
C ASP A 98 -39.39 6.42 -10.44
N GLU A 99 -39.46 5.47 -11.35
CA GLU A 99 -40.60 5.23 -12.17
C GLU A 99 -41.80 4.81 -11.37
N HIS A 100 -41.55 3.92 -10.43
CA HIS A 100 -42.57 3.29 -9.64
C HIS A 100 -43.29 4.26 -8.71
N ILE A 101 -42.48 5.02 -8.00
CA ILE A 101 -42.94 6.00 -7.10
C ILE A 101 -43.65 7.08 -7.89
N MET A 102 -43.15 7.43 -9.04
CA MET A 102 -43.74 8.42 -9.85
C MET A 102 -45.11 8.03 -10.29
N LEU A 103 -45.25 6.81 -10.76
CA LEU A 103 -46.51 6.22 -11.09
C LEU A 103 -47.52 6.12 -9.98
N ILE A 104 -47.12 5.84 -8.76
CA ILE A 104 -48.00 5.91 -7.64
C ILE A 104 -48.47 7.32 -7.39
N GLY A 105 -47.56 8.25 -7.26
CA GLY A 105 -47.85 9.62 -7.05
C GLY A 105 -48.68 10.26 -8.13
N HIS A 106 -48.51 9.83 -9.33
CA HIS A 106 -49.29 10.26 -10.41
C HIS A 106 -50.74 9.76 -10.33
N THR A 107 -50.91 8.50 -10.01
CA THR A 107 -52.19 7.87 -9.87
C THR A 107 -53.00 8.47 -8.74
N VAL A 108 -52.35 8.78 -7.65
CA VAL A 108 -52.94 9.41 -6.51
C VAL A 108 -53.39 10.83 -6.84
N ASN A 109 -52.55 11.58 -7.52
CA ASN A 109 -52.85 12.94 -7.91
C ASN A 109 -53.99 13.05 -8.92
N CYS A 110 -54.07 12.13 -9.85
CA CYS A 110 -55.05 12.20 -10.88
C CYS A 110 -56.36 11.47 -10.67
N PHE A 111 -56.38 10.50 -9.77
CA PHE A 111 -57.46 9.59 -9.61
C PHE A 111 -57.78 9.22 -8.18
N GLY A 112 -57.10 9.82 -7.25
CA GLY A 112 -57.21 9.46 -5.83
C GLY A 112 -58.53 9.78 -5.14
N GLY A 113 -59.35 10.57 -5.76
CA GLY A 113 -60.55 11.00 -5.14
C GLY A 113 -61.60 10.13 -5.65
N SER A 114 -61.25 9.33 -6.60
CA SER A 114 -62.26 8.62 -7.26
C SER A 114 -61.95 7.13 -7.35
N ILE A 115 -60.86 6.70 -6.76
CA ILE A 115 -60.46 5.32 -6.71
C ILE A 115 -59.35 5.15 -5.65
N LYS A 116 -59.34 4.03 -4.95
CA LYS A 116 -58.28 3.75 -3.98
C LYS A 116 -57.00 3.32 -4.63
N VAL A 117 -55.90 3.87 -4.19
CA VAL A 117 -54.62 3.62 -4.80
C VAL A 117 -53.72 2.85 -3.88
N ILE A 118 -53.38 1.65 -4.29
CA ILE A 118 -52.57 0.79 -3.49
C ILE A 118 -51.25 0.58 -4.18
N GLY A 119 -50.22 1.15 -3.65
CA GLY A 119 -48.94 1.00 -4.25
C GLY A 119 -48.26 -0.26 -3.87
N ASN A 120 -47.65 -0.87 -4.83
CA ASN A 120 -46.78 -1.99 -4.62
C ASN A 120 -45.37 -1.58 -4.27
N THR A 121 -45.12 -1.46 -3.00
CA THR A 121 -43.87 -0.98 -2.55
C THR A 121 -43.18 -2.11 -1.86
N GLY A 122 -43.55 -3.31 -2.22
CA GLY A 122 -42.93 -4.52 -1.77
C GLY A 122 -41.60 -4.83 -2.40
N SER A 123 -40.80 -5.60 -1.70
CA SER A 123 -39.46 -5.95 -2.11
C SER A 123 -38.91 -7.12 -1.36
N ASN A 124 -38.03 -7.85 -1.97
CA ASN A 124 -37.30 -8.92 -1.34
C ASN A 124 -36.24 -8.43 -0.32
N SER A 125 -35.90 -7.18 -0.46
CA SER A 125 -35.06 -6.42 0.39
C SER A 125 -35.85 -5.50 1.32
N THR A 126 -35.59 -5.62 2.60
CA THR A 126 -36.26 -4.87 3.64
C THR A 126 -35.98 -3.41 3.54
N ARG A 127 -34.77 -3.08 3.19
CA ARG A 127 -34.39 -1.73 2.97
C ARG A 127 -35.16 -1.06 1.85
N GLU A 128 -35.25 -1.71 0.71
CA GLU A 128 -35.97 -1.22 -0.42
C GLU A 128 -37.44 -1.00 -0.09
N ALA A 129 -38.00 -1.92 0.65
CA ALA A 129 -39.35 -1.89 1.06
C ALA A 129 -39.64 -0.78 2.01
N ILE A 130 -38.69 -0.44 2.86
CA ILE A 130 -38.88 0.61 3.80
C ILE A 130 -38.90 1.98 3.15
N HIS A 131 -37.92 2.25 2.31
CA HIS A 131 -37.83 3.48 1.59
C HIS A 131 -38.96 3.66 0.61
N ALA A 132 -39.32 2.66 -0.15
CA ALA A 132 -40.36 2.80 -1.11
C ALA A 132 -41.72 3.00 -0.47
N THR A 133 -41.96 2.30 0.61
CA THR A 133 -43.20 2.39 1.33
C THR A 133 -43.38 3.76 1.92
N GLU A 134 -42.38 4.27 2.57
CA GLU A 134 -42.51 5.56 3.15
C GLU A 134 -42.71 6.69 2.12
N GLN A 135 -42.02 6.59 1.01
CA GLN A 135 -42.12 7.48 -0.11
C GLN A 135 -43.48 7.38 -0.79
N GLY A 136 -44.00 6.18 -0.86
CA GLY A 136 -45.29 5.92 -1.42
C GLY A 136 -46.39 6.49 -0.59
N PHE A 137 -46.31 6.37 0.71
CA PHE A 137 -47.26 6.99 1.61
C PHE A 137 -47.12 8.51 1.65
N ALA A 138 -45.92 9.01 1.55
CA ALA A 138 -45.71 10.42 1.55
C ALA A 138 -46.30 11.11 0.31
N VAL A 139 -46.48 10.42 -0.80
CA VAL A 139 -47.03 11.00 -1.99
C VAL A 139 -48.54 10.79 -2.07
N GLY A 140 -49.06 10.08 -1.11
CA GLY A 140 -50.45 9.99 -0.90
C GLY A 140 -51.14 8.71 -1.20
N MET A 141 -50.43 7.63 -1.29
CA MET A 141 -51.08 6.37 -1.52
C MET A 141 -51.98 5.90 -0.37
N HIS A 142 -52.95 5.07 -0.67
CA HIS A 142 -53.92 4.65 0.30
C HIS A 142 -53.49 3.40 1.06
N ALA A 143 -52.81 2.50 0.42
CA ALA A 143 -52.30 1.32 1.07
C ALA A 143 -51.08 0.82 0.33
N ALA A 144 -50.36 -0.09 0.97
CA ALA A 144 -49.21 -0.75 0.45
C ALA A 144 -49.48 -2.23 0.26
N LEU A 145 -49.01 -2.76 -0.84
CA LEU A 145 -49.01 -4.15 -1.10
C LEU A 145 -47.64 -4.71 -0.76
N HIS A 146 -47.58 -5.69 0.10
CA HIS A 146 -46.34 -6.32 0.53
C HIS A 146 -46.27 -7.83 0.40
N ILE A 147 -45.50 -8.26 -0.55
CA ILE A 147 -45.06 -9.62 -0.76
C ILE A 147 -43.97 -10.08 0.22
N ASN A 148 -43.88 -11.35 0.44
CA ASN A 148 -42.76 -11.88 1.17
C ASN A 148 -41.53 -11.93 0.29
N PRO A 149 -40.35 -11.97 0.85
CA PRO A 149 -39.18 -11.86 0.03
C PRO A 149 -38.99 -13.03 -0.92
N TYR A 150 -39.07 -12.73 -2.21
CA TYR A 150 -38.92 -13.65 -3.29
C TYR A 150 -37.42 -13.90 -3.51
N TYR A 151 -37.09 -15.06 -4.03
CA TYR A 151 -35.74 -15.43 -4.43
C TYR A 151 -34.75 -15.56 -3.27
N GLY A 152 -34.45 -14.47 -2.58
CA GLY A 152 -33.80 -14.47 -1.30
C GLY A 152 -34.69 -14.75 -0.11
N LYS A 153 -35.27 -15.92 -0.12
CA LYS A 153 -35.96 -16.54 0.98
C LYS A 153 -35.42 -16.36 2.39
N THR A 154 -36.28 -16.00 3.29
CA THR A 154 -35.91 -15.93 4.66
C THR A 154 -36.67 -16.90 5.52
N SER A 155 -36.33 -16.91 6.78
CA SER A 155 -37.02 -17.64 7.80
C SER A 155 -38.32 -17.01 8.24
N LEU A 156 -39.12 -17.79 8.91
CA LEU A 156 -40.36 -17.30 9.43
C LEU A 156 -40.22 -16.16 10.39
N GLU A 157 -39.12 -16.14 11.09
CA GLU A 157 -38.78 -15.08 11.98
C GLU A 157 -38.32 -13.87 11.20
N GLY A 158 -37.63 -14.09 10.11
CA GLY A 158 -37.26 -13.04 9.23
C GLY A 158 -38.41 -12.36 8.56
N LEU A 159 -39.36 -13.16 8.13
CA LEU A 159 -40.63 -12.74 7.63
C LEU A 159 -41.34 -11.74 8.53
N VAL A 160 -41.44 -12.08 9.81
CA VAL A 160 -42.04 -11.23 10.77
C VAL A 160 -41.29 -9.92 10.91
N SER A 161 -39.97 -9.96 10.93
CA SER A 161 -39.20 -8.76 11.00
C SER A 161 -39.32 -7.89 9.77
N HIS A 162 -39.47 -8.50 8.63
CA HIS A 162 -39.63 -7.80 7.41
C HIS A 162 -40.93 -7.05 7.34
N PHE A 163 -42.00 -7.71 7.68
CA PHE A 163 -43.31 -7.15 7.62
C PHE A 163 -43.49 -6.13 8.70
N GLU A 164 -42.76 -6.27 9.78
CA GLU A 164 -42.90 -5.37 10.89
C GLU A 164 -42.14 -4.09 10.72
N SER A 165 -41.37 -4.03 9.68
CA SER A 165 -40.68 -2.86 9.30
C SER A 165 -41.55 -1.93 8.54
N VAL A 166 -42.49 -2.47 7.82
CA VAL A 166 -43.30 -1.66 6.97
C VAL A 166 -44.71 -1.48 7.47
N LEU A 167 -45.19 -2.41 8.25
CA LEU A 167 -46.55 -2.38 8.75
C LEU A 167 -46.99 -1.10 9.45
N PRO A 168 -46.17 -0.52 10.31
CA PRO A 168 -46.49 0.71 10.98
C PRO A 168 -46.69 1.91 10.07
N MET A 169 -46.29 1.79 8.83
CA MET A 169 -46.32 2.88 7.90
C MET A 169 -47.68 3.29 7.37
N GLY A 170 -48.60 2.33 7.32
CA GLY A 170 -49.94 2.52 6.84
C GLY A 170 -50.63 1.22 6.52
N PRO A 171 -51.84 1.32 6.06
CA PRO A 171 -52.62 0.17 5.64
C PRO A 171 -51.90 -0.76 4.65
N THR A 172 -51.89 -2.02 4.98
CA THR A 172 -51.14 -3.00 4.26
C THR A 172 -51.93 -4.23 3.85
N VAL A 173 -51.74 -4.64 2.62
CA VAL A 173 -52.18 -5.91 2.12
C VAL A 173 -50.96 -6.77 1.93
N ILE A 174 -50.96 -7.94 2.53
CA ILE A 174 -49.90 -8.89 2.39
C ILE A 174 -50.15 -9.85 1.28
N TYR A 175 -49.15 -10.14 0.50
CA TYR A 175 -49.24 -10.85 -0.74
C TYR A 175 -48.51 -12.20 -0.73
N ASN A 176 -49.29 -13.25 -0.84
CA ASN A 176 -48.84 -14.60 -0.92
C ASN A 176 -49.08 -15.27 -2.27
N VAL A 177 -48.02 -15.55 -2.96
CA VAL A 177 -48.00 -16.26 -4.22
C VAL A 177 -46.72 -17.13 -4.30
N PRO A 178 -46.74 -18.28 -3.68
CA PRO A 178 -45.54 -19.10 -3.61
C PRO A 178 -45.06 -19.67 -4.94
N SER A 179 -45.93 -19.74 -5.92
CA SER A 179 -45.54 -20.13 -7.24
C SER A 179 -44.58 -19.14 -7.86
N ARG A 180 -44.58 -17.91 -7.38
CA ARG A 180 -43.67 -16.89 -7.82
C ARG A 180 -42.53 -16.64 -6.89
N THR A 181 -42.78 -16.77 -5.61
CA THR A 181 -41.82 -16.41 -4.61
C THR A 181 -40.95 -17.56 -4.13
N GLY A 182 -41.40 -18.78 -4.30
CA GLY A 182 -40.72 -19.90 -3.76
C GLY A 182 -41.06 -20.16 -2.34
N GLN A 183 -41.95 -19.38 -1.75
CA GLN A 183 -42.31 -19.59 -0.36
C GLN A 183 -43.74 -19.26 0.05
N ASP A 184 -44.45 -20.22 0.55
CA ASP A 184 -45.75 -20.02 1.12
C ASP A 184 -45.71 -19.31 2.48
N ILE A 185 -46.35 -18.17 2.61
CA ILE A 185 -46.55 -17.52 3.90
C ILE A 185 -47.55 -18.30 4.71
N PRO A 186 -47.09 -18.94 5.77
CA PRO A 186 -47.94 -19.76 6.60
C PRO A 186 -48.87 -18.92 7.42
N PRO A 187 -50.05 -19.41 7.73
CA PRO A 187 -51.01 -18.64 8.49
C PRO A 187 -50.52 -18.17 9.81
N GLY A 188 -49.66 -18.92 10.44
CA GLY A 188 -49.02 -18.47 11.63
C GLY A 188 -48.39 -17.11 11.54
N VAL A 189 -47.71 -16.82 10.44
CA VAL A 189 -47.05 -15.56 10.22
C VAL A 189 -48.03 -14.45 10.15
N ILE A 190 -49.08 -14.69 9.38
CA ILE A 190 -50.13 -13.73 9.20
C ILE A 190 -50.81 -13.43 10.51
N HIS A 191 -51.07 -14.44 11.32
CA HIS A 191 -51.64 -14.18 12.62
C HIS A 191 -50.74 -13.37 13.53
N THR A 192 -49.46 -13.58 13.42
CA THR A 192 -48.52 -12.83 14.17
C THR A 192 -48.51 -11.38 13.76
N VAL A 193 -48.55 -11.10 12.47
CA VAL A 193 -48.47 -9.75 12.03
C VAL A 193 -49.80 -9.11 12.15
N ALA A 194 -50.85 -9.89 12.25
CA ALA A 194 -52.14 -9.32 12.36
C ALA A 194 -52.39 -8.62 13.67
N GLN A 195 -51.42 -8.64 14.56
CA GLN A 195 -51.43 -7.81 15.73
C GLN A 195 -51.34 -6.34 15.38
N SER A 196 -50.92 -6.00 14.18
CA SER A 196 -50.93 -4.62 13.72
C SER A 196 -52.28 -4.20 13.22
N ALA A 197 -52.70 -3.04 13.66
CA ALA A 197 -53.95 -2.49 13.24
C ALA A 197 -53.90 -2.07 11.80
N ASN A 198 -52.72 -2.00 11.23
CA ASN A 198 -52.54 -1.60 9.86
C ASN A 198 -52.65 -2.71 8.85
N LEU A 199 -52.82 -3.93 9.31
CA LEU A 199 -53.12 -5.02 8.44
C LEU A 199 -54.54 -4.97 7.94
N ALA A 200 -54.68 -4.73 6.66
CA ALA A 200 -55.95 -4.65 6.02
C ALA A 200 -56.40 -6.02 5.68
N GLY A 201 -55.51 -6.79 5.12
CA GLY A 201 -55.79 -8.18 4.84
C GLY A 201 -54.70 -8.86 4.01
N VAL A 202 -55.08 -9.93 3.34
CA VAL A 202 -54.16 -10.73 2.56
C VAL A 202 -54.67 -10.92 1.15
N GLU A 204 -54.27 -13.58 -1.37
CA GLU A 204 -53.99 -14.97 -1.29
C GLU A 204 -54.11 -15.67 -2.63
N CYS A 205 -53.08 -16.42 -2.97
CA CYS A 205 -53.00 -17.09 -4.24
C CYS A 205 -52.83 -18.57 -4.13
N VAL A 206 -52.92 -19.12 -2.94
CA VAL A 206 -52.72 -20.53 -2.73
C VAL A 206 -53.95 -21.37 -3.03
N GLY A 207 -55.12 -20.79 -2.91
CA GLY A 207 -56.36 -21.48 -3.13
C GLY A 207 -57.46 -21.05 -2.19
N ASN A 208 -58.63 -21.60 -2.43
CA ASN A 208 -59.79 -21.26 -1.67
C ASN A 208 -59.83 -21.84 -0.26
N ASP A 209 -59.29 -23.03 -0.08
CA ASP A 209 -59.15 -23.61 1.24
C ASP A 209 -58.36 -22.78 2.20
N ARG A 210 -57.24 -22.23 1.75
CA ARG A 210 -56.46 -21.31 2.54
C ARG A 210 -57.19 -20.05 2.88
N ILE A 211 -57.90 -19.50 1.92
CA ILE A 211 -58.70 -18.32 2.12
C ILE A 211 -59.66 -18.54 3.28
N LYS A 212 -60.40 -19.62 3.26
CA LYS A 212 -61.39 -19.90 4.25
C LYS A 212 -60.77 -20.02 5.64
N GLN A 213 -59.63 -20.62 5.69
CA GLN A 213 -58.85 -20.63 6.87
C GLN A 213 -58.59 -19.26 7.42
N TYR A 214 -58.36 -18.29 6.56
CA TYR A 214 -58.22 -16.94 7.03
C TYR A 214 -59.51 -16.26 7.36
N THR A 215 -60.52 -16.47 6.55
CA THR A 215 -61.81 -15.84 6.70
C THR A 215 -62.64 -16.32 7.88
N ASP A 216 -62.45 -17.56 8.28
CA ASP A 216 -63.04 -18.09 9.47
C ASP A 216 -62.36 -17.55 10.68
N ASN A 217 -61.24 -16.89 10.48
CA ASN A 217 -60.50 -16.44 11.61
C ASN A 217 -60.22 -14.99 11.61
N ARG A 218 -61.20 -14.24 11.17
CA ARG A 218 -61.22 -12.83 11.33
C ARG A 218 -60.25 -12.01 10.45
N ILE A 219 -59.75 -12.63 9.40
CA ILE A 219 -58.86 -11.97 8.47
C ILE A 219 -59.45 -11.71 7.08
N VAL A 220 -59.43 -10.45 6.68
CA VAL A 220 -59.93 -10.07 5.37
C VAL A 220 -59.02 -10.61 4.28
N VAL A 221 -59.59 -11.20 3.26
CA VAL A 221 -58.81 -11.75 2.19
C VAL A 221 -59.33 -11.39 0.83
N TRP A 222 -58.46 -11.14 -0.12
CA TRP A 222 -58.89 -10.99 -1.48
C TRP A 222 -58.23 -12.10 -2.25
N SER A 223 -58.97 -12.77 -3.10
CA SER A 223 -58.39 -13.76 -3.95
C SER A 223 -57.54 -13.14 -5.04
N GLY A 224 -56.37 -13.68 -5.22
CA GLY A 224 -55.50 -13.27 -6.27
C GLY A 224 -55.55 -14.09 -7.51
N ASN A 225 -56.44 -15.07 -7.57
CA ASN A 225 -56.64 -15.91 -8.74
C ASN A 225 -58.02 -15.71 -9.36
N ASP A 226 -58.08 -15.37 -10.63
CA ASP A 226 -59.33 -15.08 -11.29
C ASP A 226 -60.22 -16.30 -11.54
N ASP A 227 -59.63 -17.44 -11.78
CA ASP A 227 -60.39 -18.63 -11.96
C ASP A 227 -60.98 -19.16 -10.66
N GLN A 228 -60.73 -18.50 -9.56
CA GLN A 228 -61.19 -18.98 -8.29
C GLN A 228 -61.94 -17.93 -7.52
N CYS A 229 -62.04 -16.73 -8.05
CA CYS A 229 -62.50 -15.61 -7.29
C CYS A 229 -63.99 -15.59 -6.99
N HIS A 230 -64.80 -16.05 -7.91
CA HIS A 230 -66.22 -16.20 -7.73
C HIS A 230 -66.54 -17.08 -6.55
N ASP A 231 -66.05 -18.29 -6.59
CA ASP A 231 -66.29 -19.21 -5.52
C ASP A 231 -65.64 -18.78 -4.23
N ALA A 232 -64.54 -18.07 -4.29
CA ALA A 232 -63.89 -17.54 -3.12
C ALA A 232 -64.76 -16.58 -2.35
N LYS A 233 -65.44 -15.75 -3.09
CA LYS A 233 -66.24 -14.72 -2.51
C LYS A 233 -67.55 -15.21 -1.96
N TRP A 234 -68.18 -16.12 -2.66
CA TRP A 234 -69.47 -16.59 -2.29
C TRP A 234 -69.44 -17.79 -1.37
N ASP A 235 -68.42 -18.61 -1.47
CA ASP A 235 -68.36 -19.81 -0.68
C ASP A 235 -67.29 -19.83 0.38
N TYR A 236 -66.27 -19.02 0.27
CA TYR A 236 -65.14 -19.13 1.17
C TYR A 236 -64.83 -17.88 1.95
N GLY A 237 -65.74 -16.94 1.97
CA GLY A 237 -65.66 -15.76 2.82
C GLY A 237 -64.75 -14.64 2.35
N ALA A 238 -64.22 -14.72 1.15
CA ALA A 238 -63.43 -13.65 0.60
C ALA A 238 -64.17 -12.37 0.40
N THR A 239 -63.55 -11.26 0.78
CA THR A 239 -64.07 -9.94 0.56
C THR A 239 -64.05 -9.55 -0.91
N GLY A 240 -63.19 -10.16 -1.70
CA GLY A 240 -63.16 -9.83 -3.11
C GLY A 240 -61.97 -10.32 -3.90
N VAL A 241 -61.68 -9.64 -4.98
CA VAL A 241 -60.61 -9.99 -5.87
C VAL A 241 -59.62 -8.86 -6.05
N ILE A 242 -58.38 -9.22 -6.21
CA ILE A 242 -57.38 -8.36 -6.76
C ILE A 242 -57.09 -9.03 -8.08
N SER A 243 -57.56 -8.42 -9.14
CA SER A 243 -57.82 -9.04 -10.42
C SER A 243 -56.91 -8.63 -11.56
N VAL A 244 -56.60 -9.60 -12.40
CA VAL A 244 -55.89 -9.38 -13.65
C VAL A 244 -56.88 -9.13 -14.75
N THR A 245 -57.92 -9.90 -14.76
CA THR A 245 -58.93 -10.01 -15.79
C THR A 245 -59.81 -8.78 -15.88
N SER A 246 -59.95 -8.09 -14.77
CA SER A 246 -60.57 -6.80 -14.75
C SER A 246 -59.93 -5.75 -15.63
N ASN A 247 -58.68 -5.97 -16.03
CA ASN A 247 -57.98 -5.18 -17.00
C ASN A 247 -58.67 -5.27 -18.36
N LEU A 248 -59.38 -6.34 -18.60
CA LEU A 248 -60.02 -6.51 -19.86
C LEU A 248 -61.49 -6.36 -19.85
N ILE A 249 -62.12 -6.83 -18.78
CA ILE A 249 -63.55 -6.96 -18.66
C ILE A 249 -64.02 -6.56 -17.28
N PRO A 250 -63.91 -5.30 -16.99
CA PRO A 250 -64.16 -4.79 -15.66
C PRO A 250 -65.61 -4.89 -15.21
N GLY A 251 -66.54 -4.59 -16.10
CA GLY A 251 -67.93 -4.75 -15.83
C GLY A 251 -68.38 -6.13 -15.47
N LEU A 252 -67.93 -7.12 -16.21
CA LEU A 252 -68.25 -8.49 -15.96
C LEU A 252 -67.67 -8.98 -14.65
N MET A 253 -66.50 -8.53 -14.26
CA MET A 253 -65.89 -8.89 -13.02
C MET A 253 -66.65 -8.28 -11.86
N ARG A 254 -67.15 -7.08 -12.02
CA ARG A 254 -67.92 -6.40 -11.00
C ARG A 254 -69.19 -7.15 -10.77
N GLN A 255 -69.79 -7.60 -11.84
CA GLN A 255 -71.01 -8.36 -11.79
C GLN A 255 -70.80 -9.65 -11.05
N LEU A 256 -69.66 -10.24 -11.23
CA LEU A 256 -69.32 -11.52 -10.70
C LEU A 256 -69.21 -11.47 -9.20
N LEU A 257 -68.93 -10.31 -8.67
CA LEU A 257 -68.54 -10.15 -7.30
C LEU A 257 -69.53 -9.30 -6.52
N PHE A 258 -70.39 -8.60 -7.20
CA PHE A 258 -71.30 -7.71 -6.55
C PHE A 258 -72.71 -8.26 -6.44
N LYS A 259 -73.17 -9.01 -7.43
CA LYS A 259 -74.58 -9.27 -7.57
C LYS A 259 -75.06 -10.67 -7.23
N GLY A 260 -74.33 -11.36 -6.38
CA GLY A 260 -74.63 -12.70 -5.96
C GLY A 260 -74.01 -13.82 -6.78
N LYS A 261 -74.22 -15.04 -6.35
CA LYS A 261 -73.66 -16.20 -6.99
C LYS A 261 -74.10 -16.32 -8.40
N ASN A 262 -73.19 -16.46 -9.33
CA ASN A 262 -73.59 -16.60 -10.73
C ASN A 262 -72.72 -17.57 -11.49
N PRO A 263 -73.01 -18.84 -11.36
CA PRO A 263 -72.19 -19.86 -11.99
C PRO A 263 -72.16 -19.76 -13.51
N SER A 264 -73.13 -19.11 -14.09
CA SER A 264 -73.23 -19.02 -15.52
C SER A 264 -72.24 -18.02 -16.12
N LEU A 265 -72.15 -16.85 -15.51
CA LEU A 265 -71.19 -15.82 -15.86
C LEU A 265 -69.79 -16.25 -15.56
N ASN A 266 -69.60 -16.90 -14.44
CA ASN A 266 -68.33 -17.47 -14.15
C ASN A 266 -67.88 -18.46 -15.18
N ALA A 267 -68.77 -19.24 -15.75
CA ALA A 267 -68.40 -20.21 -16.76
C ALA A 267 -68.11 -19.52 -18.09
N LYS A 268 -68.70 -18.37 -18.28
CA LYS A 268 -68.56 -17.58 -19.46
C LYS A 268 -67.23 -16.85 -19.57
N ILE A 269 -66.75 -16.30 -18.48
CA ILE A 269 -65.47 -15.64 -18.50
C ILE A 269 -64.33 -16.62 -18.48
N MET A 270 -64.61 -17.85 -18.15
CA MET A 270 -63.55 -18.80 -17.91
C MET A 270 -62.61 -19.14 -19.05
N PRO A 271 -63.06 -19.09 -20.27
CA PRO A 271 -62.15 -19.28 -21.37
C PRO A 271 -61.18 -18.12 -21.49
N LEU A 272 -61.56 -16.92 -21.18
CA LEU A 272 -60.63 -15.80 -21.17
C LEU A 272 -59.54 -15.95 -20.10
N VAL A 273 -59.95 -16.39 -18.94
CA VAL A 273 -59.11 -16.51 -17.80
C VAL A 273 -58.11 -17.60 -18.03
N ASN A 274 -58.51 -18.64 -18.72
CA ASN A 274 -57.59 -19.70 -19.01
C ASN A 274 -56.52 -19.25 -19.98
N TRP A 275 -56.90 -18.44 -20.94
CA TRP A 275 -56.01 -18.01 -22.00
C TRP A 275 -54.96 -17.06 -21.48
N LEU A 276 -55.38 -16.29 -20.50
CA LEU A 276 -54.61 -15.30 -19.85
C LEU A 276 -53.51 -15.85 -18.96
N PHE A 277 -53.62 -17.10 -18.56
CA PHE A 277 -52.68 -17.66 -17.65
C PHE A 277 -51.94 -18.87 -18.15
N GLU A 278 -51.95 -19.06 -19.45
CA GLU A 278 -51.34 -20.19 -20.07
C GLU A 278 -49.86 -20.07 -20.04
N GLU A 279 -49.40 -18.86 -20.29
CA GLU A 279 -48.07 -18.45 -20.08
C GLU A 279 -48.16 -17.58 -18.86
N PRO A 280 -47.09 -17.27 -18.19
CA PRO A 280 -47.22 -16.44 -17.01
C PRO A 280 -47.73 -15.01 -17.26
N ASN A 281 -48.69 -14.56 -16.47
CA ASN A 281 -49.10 -13.16 -16.37
C ASN A 281 -47.92 -12.25 -16.08
N PRO A 282 -47.76 -11.20 -16.83
CA PRO A 282 -48.78 -10.68 -17.71
C PRO A 282 -48.49 -10.75 -19.18
N ILE A 283 -47.93 -11.83 -19.67
CA ILE A 283 -47.67 -11.98 -21.06
C ILE A 283 -48.97 -11.95 -21.83
N GLY A 284 -49.94 -12.72 -21.40
CA GLY A 284 -51.25 -12.72 -21.94
C GLY A 284 -51.97 -11.42 -21.94
N LEU A 285 -51.98 -10.73 -20.83
CA LEU A 285 -52.62 -9.44 -20.72
C LEU A 285 -52.01 -8.41 -21.65
N ASN A 286 -50.71 -8.31 -21.61
CA ASN A 286 -49.96 -7.43 -22.46
C ASN A 286 -50.30 -7.60 -23.90
N THR A 287 -50.44 -8.82 -24.34
CA THR A 287 -50.74 -9.02 -25.72
C THR A 287 -52.20 -8.76 -26.07
N ALA A 288 -53.09 -9.06 -25.15
CA ALA A 288 -54.49 -8.84 -25.32
C ALA A 288 -54.88 -7.38 -25.36
N LEU A 289 -54.29 -6.56 -24.50
CA LEU A 289 -54.55 -5.16 -24.52
C LEU A 289 -54.04 -4.50 -25.77
N ALA A 290 -52.97 -5.03 -26.32
CA ALA A 290 -52.47 -4.56 -27.57
C ALA A 290 -53.34 -4.96 -28.73
N GLN A 291 -53.96 -6.13 -28.66
CA GLN A 291 -54.91 -6.54 -29.66
C GLN A 291 -56.17 -5.69 -29.69
N LEU A 292 -56.56 -5.16 -28.55
CA LEU A 292 -57.72 -4.33 -28.41
C LEU A 292 -57.43 -2.89 -28.70
N GLY A 293 -56.17 -2.62 -28.89
CA GLY A 293 -55.69 -1.31 -29.15
C GLY A 293 -55.70 -0.28 -28.08
N VAL A 294 -55.76 -0.65 -26.83
CA VAL A 294 -55.72 0.30 -25.76
C VAL A 294 -54.31 0.62 -25.30
N VAL A 295 -53.36 -0.19 -25.69
CA VAL A 295 -51.95 0.02 -25.43
C VAL A 295 -51.25 -0.25 -26.69
N ARG A 296 -50.03 0.23 -26.76
CA ARG A 296 -49.14 -0.06 -27.83
C ARG A 296 -48.48 -1.40 -27.65
N PRO A 297 -48.14 -2.05 -28.73
CA PRO A 297 -47.54 -3.37 -28.68
C PRO A 297 -46.06 -3.38 -28.30
N VAL A 298 -45.77 -2.78 -27.17
CA VAL A 298 -44.45 -2.66 -26.64
C VAL A 298 -44.25 -3.51 -25.38
N PHE A 299 -43.25 -4.35 -25.41
CA PHE A 299 -42.91 -5.19 -24.29
C PHE A 299 -41.56 -4.80 -23.71
N ARG A 300 -41.51 -4.70 -22.41
CA ARG A 300 -40.28 -4.68 -21.67
C ARG A 300 -39.86 -6.13 -21.40
N LEU A 301 -38.65 -6.46 -21.80
CA LEU A 301 -38.05 -7.75 -21.53
C LEU A 301 -37.86 -7.99 -20.04
N PRO A 302 -38.13 -9.16 -19.55
CA PRO A 302 -38.13 -10.41 -20.30
C PRO A 302 -39.44 -10.91 -20.82
N TYR A 303 -40.47 -10.11 -20.88
CA TYR A 303 -41.69 -10.61 -21.45
C TYR A 303 -41.66 -10.46 -22.95
N VAL A 304 -42.24 -11.40 -23.62
CA VAL A 304 -42.41 -11.37 -25.03
C VAL A 304 -43.88 -11.71 -25.29
N PRO A 305 -44.43 -11.35 -26.43
CA PRO A 305 -45.82 -11.65 -26.67
C PRO A 305 -46.13 -13.10 -27.00
N LEU A 306 -47.39 -13.43 -26.82
CA LEU A 306 -47.97 -14.65 -27.30
C LEU A 306 -47.86 -14.72 -28.83
N PRO A 307 -47.76 -15.92 -29.35
CA PRO A 307 -47.60 -16.13 -30.78
C PRO A 307 -48.91 -16.00 -31.57
N LEU A 308 -48.80 -15.90 -32.87
CA LEU A 308 -49.93 -15.68 -33.73
C LEU A 308 -51.15 -16.55 -33.53
N ALA A 309 -50.96 -17.84 -33.40
CA ALA A 309 -52.06 -18.72 -33.12
C ALA A 309 -52.82 -18.42 -31.84
N LYS A 310 -52.14 -17.98 -30.80
CA LYS A 310 -52.82 -17.61 -29.61
C LYS A 310 -53.53 -16.31 -29.77
N ARG A 311 -52.99 -15.42 -30.57
CA ARG A 311 -53.61 -14.14 -30.84
C ARG A 311 -54.88 -14.29 -31.66
N VAL A 312 -54.84 -15.14 -32.65
CA VAL A 312 -56.01 -15.57 -33.39
C VAL A 312 -57.11 -16.11 -32.50
N GLU A 313 -56.70 -16.81 -31.47
CA GLU A 313 -57.59 -17.39 -30.51
C GLU A 313 -58.23 -16.38 -29.59
N PHE A 314 -57.52 -15.33 -29.24
CA PHE A 314 -58.08 -14.23 -28.51
C PHE A 314 -59.20 -13.51 -29.26
N VAL A 315 -59.03 -13.36 -30.54
CA VAL A 315 -60.02 -12.79 -31.38
C VAL A 315 -61.37 -13.51 -31.30
N ASN A 316 -61.34 -14.83 -31.21
CA ASN A 316 -62.55 -15.60 -31.05
C ASN A 316 -63.13 -15.62 -29.66
N ILE A 317 -62.31 -15.50 -28.67
CA ILE A 317 -62.75 -15.37 -27.31
C ILE A 317 -63.46 -14.07 -27.12
N VAL A 318 -63.00 -13.05 -27.81
CA VAL A 318 -63.63 -11.75 -27.75
C VAL A 318 -65.01 -11.78 -28.35
N LYS A 319 -65.13 -12.46 -29.48
CA LYS A 319 -66.37 -12.65 -30.16
C LYS A 319 -67.43 -13.34 -29.33
N GLU A 320 -67.05 -14.34 -28.58
CA GLU A 320 -67.97 -15.12 -27.80
C GLU A 320 -68.45 -14.44 -26.54
N ILE A 321 -67.62 -13.62 -25.94
CA ILE A 321 -67.99 -12.85 -24.80
C ILE A 321 -68.67 -11.55 -25.21
N GLY A 322 -68.38 -11.08 -26.41
CA GLY A 322 -68.86 -9.80 -26.89
C GLY A 322 -67.89 -8.67 -26.66
N ARG A 323 -67.36 -8.09 -27.72
CA ARG A 323 -66.38 -7.04 -27.61
C ARG A 323 -66.82 -5.91 -26.77
N GLU A 324 -68.11 -5.76 -26.55
CA GLU A 324 -68.59 -4.64 -25.78
C GLU A 324 -68.34 -4.71 -24.26
N ASN A 325 -67.95 -5.87 -23.80
CA ASN A 325 -67.56 -6.04 -22.44
C ASN A 325 -66.07 -5.81 -22.23
N PHE A 326 -65.35 -5.77 -23.32
CA PHE A 326 -63.95 -5.53 -23.28
C PHE A 326 -63.66 -4.05 -23.29
N VAL A 327 -62.52 -3.71 -22.75
CA VAL A 327 -62.06 -2.36 -22.76
C VAL A 327 -61.78 -1.85 -24.17
N GLY A 328 -61.98 -0.57 -24.36
CA GLY A 328 -61.67 0.09 -25.58
C GLY A 328 -62.76 0.19 -26.59
N GLU A 329 -62.49 0.85 -27.66
CA GLU A 329 -63.47 0.98 -28.69
C GLU A 329 -63.06 0.34 -30.01
N LYS A 330 -61.80 0.06 -30.19
CA LYS A 330 -61.36 -0.50 -31.45
C LYS A 330 -61.61 -1.95 -31.71
N ASP A 331 -61.74 -2.28 -32.98
CA ASP A 331 -61.92 -3.63 -33.41
C ASP A 331 -60.73 -4.43 -32.96
N VAL A 332 -60.96 -5.61 -32.44
CA VAL A 332 -59.88 -6.45 -32.07
C VAL A 332 -59.08 -6.93 -33.27
N LYS A 333 -57.79 -6.76 -33.20
CA LYS A 333 -56.92 -7.24 -34.23
C LYS A 333 -56.08 -8.40 -33.78
N VAL A 334 -55.64 -9.18 -34.74
CA VAL A 334 -54.73 -10.28 -34.50
C VAL A 334 -53.33 -9.77 -34.27
N LEU A 335 -52.92 -8.85 -35.12
CA LEU A 335 -51.63 -8.20 -35.12
C LEU A 335 -50.58 -9.05 -35.77
N ASP A 336 -49.56 -8.44 -36.33
CA ASP A 336 -48.52 -9.17 -36.99
C ASP A 336 -47.34 -9.25 -36.07
N ASP A 337 -46.46 -10.23 -36.25
CA ASP A 337 -45.32 -10.35 -35.36
C ASP A 337 -44.44 -9.12 -35.45
N ASP A 338 -44.33 -8.56 -36.65
CA ASP A 338 -43.58 -7.36 -36.91
C ASP A 338 -44.11 -6.15 -36.17
N ASP A 339 -45.30 -6.24 -35.59
CA ASP A 339 -45.92 -5.13 -34.87
C ASP A 339 -45.35 -4.97 -33.49
N PHE A 340 -44.87 -6.04 -32.93
CA PHE A 340 -44.41 -6.06 -31.58
C PHE A 340 -43.02 -5.54 -31.36
N ILE A 341 -42.84 -4.71 -30.37
CA ILE A 341 -41.57 -4.11 -30.03
C ILE A 341 -41.06 -4.60 -28.70
N LEU A 342 -39.91 -5.20 -28.71
CA LEU A 342 -39.27 -5.70 -27.51
C LEU A 342 -38.13 -4.84 -27.16
N VAL A 343 -38.18 -4.31 -25.96
CA VAL A 343 -37.19 -3.44 -25.40
C VAL A 343 -36.48 -4.02 -24.18
N GLY A 344 -35.18 -3.96 -24.20
CA GLY A 344 -34.31 -4.40 -23.15
C GLY A 344 -33.52 -3.35 -22.43
N ARG A 345 -33.14 -2.33 -23.16
CA ARG A 345 -32.58 -1.11 -22.64
C ARG A 345 -33.60 0.03 -22.74
N TYR A 346 -34.09 0.56 -21.65
CA TYR A 346 -35.18 1.53 -21.73
C TYR A 346 -35.06 2.64 -20.72
N SER B 40 -10.64 -18.16 -22.05
CA SER B 40 -11.43 -17.24 -21.24
C SER B 40 -12.73 -17.86 -20.77
N VAL B 41 -13.47 -18.44 -21.67
CA VAL B 41 -14.55 -19.26 -21.28
C VAL B 41 -13.97 -20.57 -20.78
N ASP B 42 -12.84 -20.97 -21.33
CA ASP B 42 -12.22 -22.22 -21.00
C ASP B 42 -11.62 -22.15 -19.65
N ASP B 43 -11.21 -20.96 -19.28
CA ASP B 43 -10.65 -20.70 -17.99
C ASP B 43 -11.67 -20.81 -16.87
N ILE B 44 -12.94 -20.59 -17.18
CA ILE B 44 -14.04 -20.76 -16.27
C ILE B 44 -14.52 -22.22 -16.26
N LYS B 45 -14.48 -22.83 -17.42
CA LYS B 45 -14.95 -24.16 -17.60
C LYS B 45 -14.15 -25.19 -16.85
N SER B 46 -12.92 -24.86 -16.52
CA SER B 46 -12.05 -25.74 -15.79
C SER B 46 -12.14 -25.65 -14.26
N LEU B 47 -12.78 -24.63 -13.73
CA LEU B 47 -12.83 -24.41 -12.31
C LEU B 47 -13.60 -25.49 -11.63
N ARG B 48 -13.04 -26.07 -10.58
CA ARG B 48 -13.72 -27.09 -9.83
C ARG B 48 -14.35 -26.59 -8.53
N LEU B 49 -13.71 -25.66 -7.85
CA LEU B 49 -14.21 -25.14 -6.61
C LEU B 49 -14.46 -23.65 -6.69
N ILE B 50 -15.70 -23.26 -6.67
CA ILE B 50 -16.07 -21.87 -6.61
C ILE B 50 -16.82 -21.58 -5.33
N THR B 51 -16.39 -20.60 -4.59
CA THR B 51 -17.09 -20.22 -3.39
C THR B 51 -17.98 -19.09 -3.68
N ALA B 52 -19.25 -19.23 -3.39
CA ALA B 52 -20.13 -18.10 -3.26
C ALA B 52 -19.91 -17.43 -1.92
N ILE B 53 -18.99 -16.49 -1.90
CA ILE B 53 -18.59 -15.77 -0.76
C ILE B 53 -19.65 -14.95 -0.07
N LYS B 54 -19.71 -15.08 1.23
CA LYS B 54 -20.55 -14.24 2.02
C LYS B 54 -20.11 -12.80 2.03
N THR B 55 -21.05 -11.91 2.20
CA THR B 55 -20.73 -10.51 2.29
C THR B 55 -20.90 -10.00 3.70
N PRO B 56 -19.83 -9.56 4.31
CA PRO B 56 -19.83 -9.13 5.69
C PRO B 56 -20.08 -7.65 5.87
N TYR B 57 -20.66 -7.28 6.98
CA TYR B 57 -21.10 -5.94 7.25
C TYR B 57 -20.52 -5.30 8.51
N LEU B 58 -20.37 -4.01 8.43
CA LEU B 58 -20.14 -3.13 9.54
C LEU B 58 -21.38 -2.96 10.38
N PRO B 59 -21.25 -2.41 11.56
CA PRO B 59 -22.37 -2.31 12.47
C PRO B 59 -23.53 -1.48 11.97
N ASP B 60 -23.34 -0.59 11.02
CA ASP B 60 -24.42 0.16 10.47
C ASP B 60 -24.99 -0.37 9.19
N GLY B 61 -24.53 -1.54 8.77
CA GLY B 61 -24.97 -2.15 7.56
C GLY B 61 -24.12 -2.03 6.34
N ARG B 62 -23.21 -1.11 6.28
CA ARG B 62 -22.35 -0.94 5.13
C ARG B 62 -21.38 -2.09 5.02
N PHE B 63 -20.81 -2.32 3.85
CA PHE B 63 -19.91 -3.43 3.66
C PHE B 63 -18.70 -3.33 4.57
N ASP B 64 -18.32 -4.42 5.19
CA ASP B 64 -17.08 -4.53 5.92
C ASP B 64 -15.98 -5.09 5.01
N LEU B 65 -15.25 -4.22 4.36
CA LEU B 65 -14.29 -4.60 3.36
C LEU B 65 -13.10 -5.27 3.93
N GLU B 66 -12.74 -4.90 5.13
CA GLU B 66 -11.66 -5.52 5.83
C GLU B 66 -11.88 -7.00 6.16
N ALA B 67 -13.06 -7.32 6.62
CA ALA B 67 -13.51 -8.66 6.80
C ALA B 67 -13.68 -9.46 5.53
N TYR B 68 -14.25 -8.85 4.50
CA TYR B 68 -14.41 -9.43 3.20
C TYR B 68 -13.10 -9.85 2.57
N ASP B 69 -12.10 -8.99 2.65
CA ASP B 69 -10.79 -9.30 2.18
C ASP B 69 -10.10 -10.43 2.87
N ALA B 70 -10.29 -10.54 4.17
CA ALA B 70 -9.79 -11.67 4.92
C ALA B 70 -10.44 -12.98 4.55
N LEU B 71 -11.73 -12.96 4.22
CA LEU B 71 -12.39 -14.15 3.75
C LEU B 71 -11.95 -14.59 2.39
N VAL B 72 -11.74 -13.67 1.50
CA VAL B 72 -11.28 -13.99 0.18
C VAL B 72 -9.89 -14.54 0.28
N ASN B 73 -9.06 -13.94 1.08
CA ASN B 73 -7.75 -14.44 1.31
C ASN B 73 -7.72 -15.88 1.78
N MET B 74 -8.60 -16.24 2.68
CA MET B 74 -8.65 -17.55 3.27
C MET B 74 -9.11 -18.56 2.26
N GLN B 75 -10.02 -18.18 1.41
CA GLN B 75 -10.46 -18.98 0.30
C GLN B 75 -9.33 -19.28 -0.65
N ILE B 76 -8.52 -18.29 -0.92
CA ILE B 76 -7.40 -18.43 -1.81
C ILE B 76 -6.33 -19.31 -1.24
N VAL B 77 -6.08 -19.16 0.02
CA VAL B 77 -5.09 -19.92 0.70
C VAL B 77 -5.42 -21.43 0.72
N ASP B 78 -6.68 -21.74 0.73
CA ASP B 78 -7.10 -23.10 0.74
C ASP B 78 -7.47 -23.72 -0.55
N GLY B 79 -7.27 -23.06 -1.67
CA GLY B 79 -7.47 -23.68 -2.95
C GLY B 79 -8.77 -23.44 -3.68
N ALA B 80 -9.55 -22.45 -3.30
CA ALA B 80 -10.72 -22.07 -4.06
C ALA B 80 -10.23 -21.42 -5.33
N GLU B 81 -10.80 -21.75 -6.46
CA GLU B 81 -10.36 -21.23 -7.71
C GLU B 81 -11.20 -20.06 -8.24
N GLY B 82 -12.40 -19.92 -7.73
CA GLY B 82 -13.27 -18.82 -8.05
C GLY B 82 -14.18 -18.40 -6.97
N VAL B 83 -14.58 -17.16 -7.04
CA VAL B 83 -15.52 -16.58 -6.16
C VAL B 83 -16.74 -16.10 -6.93
N ILE B 84 -17.91 -16.25 -6.36
CA ILE B 84 -19.09 -15.58 -6.81
C ILE B 84 -19.26 -14.37 -5.90
N VAL B 85 -19.28 -13.19 -6.44
CA VAL B 85 -19.48 -11.96 -5.69
C VAL B 85 -20.92 -11.49 -5.67
N GLY B 86 -21.51 -11.40 -4.51
CA GLY B 86 -22.90 -11.09 -4.33
C GLY B 86 -23.85 -12.08 -4.93
N GLY B 87 -23.60 -13.36 -4.80
CA GLY B 87 -24.55 -14.42 -5.06
C GLY B 87 -25.71 -14.48 -4.09
N THR B 88 -26.49 -15.54 -4.12
CA THR B 88 -27.52 -15.74 -3.12
C THR B 88 -26.91 -15.78 -1.73
N THR B 89 -25.85 -16.54 -1.56
CA THR B 89 -25.05 -16.59 -0.35
C THR B 89 -24.45 -15.23 0.07
N GLY B 90 -24.01 -14.47 -0.90
CA GLY B 90 -23.54 -13.13 -0.73
C GLY B 90 -24.52 -12.02 -0.54
N GLU B 91 -25.79 -12.31 -0.49
CA GLU B 91 -26.81 -11.30 -0.28
C GLU B 91 -26.83 -10.16 -1.30
N GLY B 92 -26.52 -10.46 -2.55
CA GLY B 92 -26.64 -9.58 -3.68
C GLY B 92 -28.01 -9.01 -3.86
N GLN B 93 -29.02 -9.78 -3.56
CA GLN B 93 -30.40 -9.38 -3.51
C GLN B 93 -30.68 -8.26 -2.54
N LEU B 94 -29.74 -8.01 -1.66
CA LEU B 94 -29.85 -6.99 -0.67
C LEU B 94 -28.96 -5.81 -0.96
N MET B 95 -28.18 -5.92 -1.99
CA MET B 95 -27.39 -4.82 -2.45
C MET B 95 -28.11 -3.83 -3.39
N SER B 96 -27.74 -2.60 -3.29
CA SER B 96 -27.88 -1.66 -4.36
C SER B 96 -26.87 -1.99 -5.44
N TRP B 97 -27.19 -1.68 -6.66
CA TRP B 97 -26.32 -2.00 -7.77
C TRP B 97 -24.96 -1.38 -7.69
N ASP B 98 -24.95 -0.17 -7.26
CA ASP B 98 -23.96 0.56 -6.55
C ASP B 98 -22.84 -0.18 -5.82
N GLU B 99 -23.22 -0.66 -4.65
CA GLU B 99 -22.51 -1.55 -3.79
C GLU B 99 -22.01 -2.76 -4.53
N HIS B 100 -22.88 -3.35 -5.31
CA HIS B 100 -22.62 -4.58 -5.97
C HIS B 100 -21.46 -4.51 -6.96
N ILE B 101 -21.54 -3.59 -7.89
CA ILE B 101 -20.54 -3.34 -8.87
C ILE B 101 -19.25 -2.92 -8.21
N MET B 102 -19.36 -2.16 -7.14
CA MET B 102 -18.22 -1.75 -6.39
C MET B 102 -17.51 -2.93 -5.76
N LEU B 103 -18.25 -3.84 -5.22
CA LEU B 103 -17.69 -5.03 -4.67
C LEU B 103 -17.05 -5.92 -5.71
N ILE B 104 -17.63 -6.08 -6.87
CA ILE B 104 -17.08 -6.91 -7.90
C ILE B 104 -15.73 -6.36 -8.35
N GLY B 105 -15.67 -5.04 -8.41
CA GLY B 105 -14.52 -4.28 -8.75
C GLY B 105 -13.37 -4.21 -7.80
N HIS B 106 -13.67 -4.04 -6.54
CA HIS B 106 -12.77 -4.27 -5.47
C HIS B 106 -12.15 -5.67 -5.46
N THR B 107 -12.96 -6.67 -5.70
CA THR B 107 -12.54 -8.04 -5.67
C THR B 107 -11.60 -8.27 -6.83
N VAL B 108 -11.94 -7.76 -7.99
CA VAL B 108 -11.08 -7.88 -9.14
C VAL B 108 -9.74 -7.18 -8.95
N ASN B 109 -9.77 -6.00 -8.43
CA ASN B 109 -8.61 -5.20 -8.24
C ASN B 109 -7.67 -5.77 -7.16
N CYS B 110 -8.21 -6.33 -6.12
CA CYS B 110 -7.38 -6.89 -5.10
C CYS B 110 -6.98 -8.35 -5.26
N PHE B 111 -7.79 -9.13 -5.91
CA PHE B 111 -7.67 -10.55 -5.86
C PHE B 111 -7.73 -11.22 -7.21
N GLY B 112 -8.03 -10.50 -8.26
CA GLY B 112 -8.21 -11.02 -9.60
C GLY B 112 -7.06 -11.72 -10.26
N GLY B 113 -5.87 -11.47 -9.80
CA GLY B 113 -4.74 -12.21 -10.24
C GLY B 113 -4.62 -13.54 -9.56
N SER B 114 -5.34 -13.72 -8.49
CA SER B 114 -5.21 -14.91 -7.72
C SER B 114 -6.39 -15.83 -7.79
N ILE B 115 -7.52 -15.34 -8.24
CA ILE B 115 -8.72 -16.12 -8.24
C ILE B 115 -9.63 -15.56 -9.31
N LYS B 116 -10.41 -16.43 -9.90
CA LYS B 116 -11.43 -16.01 -10.81
C LYS B 116 -12.59 -15.32 -10.12
N VAL B 117 -12.96 -14.17 -10.62
CA VAL B 117 -14.07 -13.40 -10.13
C VAL B 117 -15.29 -13.48 -11.01
N ILE B 118 -16.32 -14.10 -10.49
CA ILE B 118 -17.58 -14.16 -11.14
C ILE B 118 -18.56 -13.24 -10.46
N GLY B 119 -18.90 -12.17 -11.13
CA GLY B 119 -19.92 -11.29 -10.66
C GLY B 119 -21.32 -11.78 -10.91
N ASN B 120 -22.12 -11.74 -9.88
CA ASN B 120 -23.51 -12.00 -10.04
C ASN B 120 -24.27 -10.78 -10.46
N THR B 121 -24.49 -10.67 -11.74
CA THR B 121 -25.03 -9.50 -12.30
C THR B 121 -26.37 -9.80 -12.90
N GLY B 122 -26.96 -10.88 -12.48
CA GLY B 122 -28.29 -11.26 -12.88
C GLY B 122 -29.45 -10.56 -12.24
N SER B 123 -30.56 -10.61 -12.92
CA SER B 123 -31.73 -9.89 -12.51
C SER B 123 -32.97 -10.50 -13.05
N ASN B 124 -34.05 -10.24 -12.38
CA ASN B 124 -35.33 -10.59 -12.86
C ASN B 124 -35.77 -9.64 -13.94
N SER B 125 -35.03 -8.59 -14.09
CA SER B 125 -35.25 -7.57 -15.07
C SER B 125 -34.14 -7.53 -16.12
N THR B 126 -34.52 -7.63 -17.38
CA THR B 126 -33.53 -7.58 -18.42
C THR B 126 -32.70 -6.32 -18.48
N ARG B 127 -33.33 -5.19 -18.32
CA ARG B 127 -32.62 -3.96 -18.31
C ARG B 127 -31.52 -3.87 -17.24
N GLU B 128 -31.86 -4.24 -16.02
CA GLU B 128 -30.96 -4.41 -14.91
C GLU B 128 -29.83 -5.38 -15.15
N ALA B 129 -30.09 -6.49 -15.77
CA ALA B 129 -29.05 -7.43 -16.08
C ALA B 129 -28.10 -6.96 -17.17
N ILE B 130 -28.59 -6.39 -18.23
CA ILE B 130 -27.77 -5.87 -19.27
C ILE B 130 -26.83 -4.85 -18.69
N HIS B 131 -27.37 -3.93 -17.96
CA HIS B 131 -26.62 -2.84 -17.47
C HIS B 131 -25.61 -3.23 -16.40
N ALA B 132 -25.94 -4.17 -15.53
CA ALA B 132 -25.05 -4.65 -14.51
C ALA B 132 -23.92 -5.48 -15.06
N THR B 133 -24.25 -6.36 -15.99
CA THR B 133 -23.31 -7.21 -16.64
C THR B 133 -22.28 -6.42 -17.39
N GLU B 134 -22.71 -5.40 -18.05
CA GLU B 134 -21.78 -4.62 -18.78
C GLU B 134 -20.86 -3.76 -17.91
N GLN B 135 -21.36 -3.28 -16.81
CA GLN B 135 -20.57 -2.59 -15.84
C GLN B 135 -19.60 -3.54 -15.11
N GLY B 136 -20.04 -4.73 -14.80
CA GLY B 136 -19.21 -5.72 -14.20
C GLY B 136 -18.04 -6.17 -15.01
N PHE B 137 -18.26 -6.42 -16.27
CA PHE B 137 -17.19 -6.78 -17.17
C PHE B 137 -16.24 -5.62 -17.40
N ALA B 138 -16.76 -4.43 -17.35
CA ALA B 138 -15.96 -3.24 -17.49
C ALA B 138 -15.03 -2.99 -16.32
N VAL B 139 -15.42 -3.38 -15.13
CA VAL B 139 -14.52 -3.26 -14.01
C VAL B 139 -13.63 -4.50 -13.88
N GLY B 140 -13.74 -5.41 -14.80
CA GLY B 140 -12.83 -6.48 -14.93
C GLY B 140 -13.19 -7.88 -14.51
N MET B 141 -14.45 -8.17 -14.28
CA MET B 141 -14.83 -9.50 -13.89
C MET B 141 -14.53 -10.56 -14.94
N HIS B 142 -14.34 -11.78 -14.51
CA HIS B 142 -14.00 -12.84 -15.42
C HIS B 142 -15.18 -13.51 -16.03
N ALA B 143 -16.30 -13.52 -15.34
CA ALA B 143 -17.55 -14.11 -15.83
C ALA B 143 -18.75 -13.53 -15.13
N ALA B 144 -19.92 -13.82 -15.63
CA ALA B 144 -21.15 -13.43 -15.01
C ALA B 144 -21.94 -14.65 -14.61
N LEU B 145 -22.66 -14.56 -13.52
CA LEU B 145 -23.65 -15.52 -13.18
C LEU B 145 -25.02 -14.96 -13.52
N HIS B 146 -25.81 -15.71 -14.23
CA HIS B 146 -27.15 -15.32 -14.65
C HIS B 146 -28.26 -16.32 -14.32
N ILE B 147 -29.12 -15.90 -13.44
CA ILE B 147 -30.32 -16.58 -13.07
C ILE B 147 -31.48 -16.30 -14.03
N ASN B 148 -32.43 -17.18 -14.11
CA ASN B 148 -33.65 -16.83 -14.79
C ASN B 148 -34.44 -15.85 -13.94
N PRO B 149 -35.33 -15.11 -14.55
CA PRO B 149 -36.11 -14.11 -13.84
C PRO B 149 -36.98 -14.70 -12.75
N TYR B 150 -36.72 -14.26 -11.53
CA TYR B 150 -37.40 -14.71 -10.35
C TYR B 150 -38.66 -13.86 -10.14
N TYR B 151 -39.63 -14.43 -9.48
CA TYR B 151 -40.84 -13.73 -9.14
C TYR B 151 -41.64 -13.29 -10.34
N GLY B 152 -41.06 -12.46 -11.19
CA GLY B 152 -41.66 -12.02 -12.42
C GLY B 152 -41.32 -12.94 -13.57
N LYS B 153 -41.93 -14.07 -13.50
CA LYS B 153 -41.76 -15.19 -14.34
C LYS B 153 -42.13 -15.04 -15.80
N THR B 154 -41.22 -15.40 -16.67
CA THR B 154 -41.52 -15.29 -18.04
C THR B 154 -41.69 -16.61 -18.76
N SER B 155 -42.04 -16.51 -20.02
CA SER B 155 -42.21 -17.65 -20.88
C SER B 155 -40.86 -18.27 -21.29
N LEU B 156 -40.85 -19.43 -21.89
CA LEU B 156 -39.58 -19.98 -22.36
C LEU B 156 -38.91 -19.17 -23.44
N GLU B 157 -39.70 -18.61 -24.33
CA GLU B 157 -39.25 -17.67 -25.31
C GLU B 157 -38.62 -16.44 -24.67
N GLY B 158 -39.23 -15.98 -23.61
CA GLY B 158 -38.70 -14.95 -22.78
C GLY B 158 -37.40 -15.22 -22.09
N LEU B 159 -37.20 -16.42 -21.62
CA LEU B 159 -35.95 -16.82 -21.09
C LEU B 159 -34.85 -16.68 -22.11
N VAL B 160 -35.11 -17.16 -23.30
CA VAL B 160 -34.18 -17.08 -24.37
C VAL B 160 -33.80 -15.64 -24.69
N SER B 161 -34.77 -14.75 -24.73
CA SER B 161 -34.51 -13.36 -25.04
C SER B 161 -33.69 -12.69 -24.00
N HIS B 162 -34.01 -13.00 -22.77
CA HIS B 162 -33.32 -12.53 -21.62
C HIS B 162 -31.85 -12.95 -21.58
N PHE B 163 -31.61 -14.24 -21.70
CA PHE B 163 -30.26 -14.74 -21.72
C PHE B 163 -29.44 -14.24 -22.90
N GLU B 164 -30.08 -13.95 -24.01
CA GLU B 164 -29.40 -13.66 -25.25
C GLU B 164 -29.07 -12.24 -25.33
N SER B 165 -29.55 -11.57 -24.36
CA SER B 165 -29.33 -10.22 -24.27
C SER B 165 -28.06 -9.88 -23.45
N VAL B 166 -27.64 -10.80 -22.61
CA VAL B 166 -26.43 -10.66 -21.82
C VAL B 166 -25.30 -11.61 -22.21
N LEU B 167 -25.63 -12.75 -22.79
CA LEU B 167 -24.66 -13.74 -23.17
C LEU B 167 -23.53 -13.26 -24.07
N PRO B 168 -23.78 -12.30 -24.94
CA PRO B 168 -22.74 -11.74 -25.75
C PRO B 168 -21.72 -10.96 -25.00
N MET B 169 -21.99 -10.58 -23.78
CA MET B 169 -21.10 -9.75 -23.01
C MET B 169 -19.86 -10.40 -22.43
N GLY B 170 -19.90 -11.71 -22.26
CA GLY B 170 -18.80 -12.46 -21.81
C GLY B 170 -19.15 -13.82 -21.32
N PRO B 171 -18.14 -14.51 -20.84
CA PRO B 171 -18.29 -15.80 -20.17
C PRO B 171 -19.37 -15.77 -19.11
N THR B 172 -20.28 -16.71 -19.21
CA THR B 172 -21.50 -16.70 -18.50
C THR B 172 -21.89 -18.07 -17.94
N VAL B 173 -22.24 -18.11 -16.69
CA VAL B 173 -22.82 -19.26 -16.05
C VAL B 173 -24.27 -19.02 -15.73
N ILE B 174 -25.14 -19.89 -16.21
CA ILE B 174 -26.54 -19.81 -15.97
C ILE B 174 -26.95 -20.53 -14.70
N TYR B 175 -27.73 -19.86 -13.88
CA TYR B 175 -28.16 -20.30 -12.58
C TYR B 175 -29.60 -20.79 -12.59
N ASN B 176 -29.79 -22.04 -12.30
CA ASN B 176 -31.07 -22.63 -12.10
C ASN B 176 -31.29 -23.10 -10.69
N VAL B 177 -32.28 -22.52 -10.05
CA VAL B 177 -32.65 -22.83 -8.69
C VAL B 177 -34.13 -22.53 -8.49
N PRO B 178 -34.98 -23.43 -8.93
CA PRO B 178 -36.44 -23.29 -8.95
C PRO B 178 -37.11 -23.11 -7.58
N SER B 179 -36.49 -23.63 -6.55
CA SER B 179 -36.96 -23.41 -5.20
C SER B 179 -36.89 -21.98 -4.74
N ARG B 180 -36.03 -21.18 -5.34
CA ARG B 180 -35.96 -19.78 -5.09
C ARG B 180 -36.73 -18.93 -6.11
N THR B 181 -36.67 -19.29 -7.38
CA THR B 181 -37.14 -18.49 -8.45
C THR B 181 -38.57 -18.77 -8.85
N GLY B 182 -39.04 -19.96 -8.58
CA GLY B 182 -40.33 -20.44 -9.02
C GLY B 182 -40.38 -21.00 -10.41
N GLN B 183 -39.25 -21.14 -11.05
CA GLN B 183 -39.22 -21.68 -12.36
C GLN B 183 -38.01 -22.49 -12.66
N ASP B 184 -38.22 -23.73 -13.01
CA ASP B 184 -37.22 -24.66 -13.47
C ASP B 184 -36.85 -24.32 -14.89
N ILE B 185 -35.62 -23.99 -15.16
CA ILE B 185 -35.15 -23.81 -16.50
C ILE B 185 -34.98 -25.17 -17.15
N PRO B 186 -35.77 -25.48 -18.15
CA PRO B 186 -35.69 -26.73 -18.86
C PRO B 186 -34.48 -26.82 -19.74
N PRO B 187 -34.04 -28.04 -19.96
CA PRO B 187 -32.82 -28.30 -20.69
C PRO B 187 -32.88 -27.81 -22.09
N GLY B 188 -34.05 -27.85 -22.69
CA GLY B 188 -34.31 -27.19 -23.92
C GLY B 188 -33.84 -25.77 -24.04
N VAL B 189 -34.07 -24.96 -23.03
CA VAL B 189 -33.67 -23.57 -23.07
C VAL B 189 -32.18 -23.48 -23.00
N ILE B 190 -31.62 -24.33 -22.17
CA ILE B 190 -30.22 -24.39 -21.97
C ILE B 190 -29.49 -24.73 -23.27
N HIS B 191 -29.96 -25.70 -24.02
CA HIS B 191 -29.34 -26.07 -25.26
C HIS B 191 -29.47 -25.07 -26.37
N THR B 192 -30.59 -24.39 -26.42
CA THR B 192 -30.84 -23.25 -27.25
C THR B 192 -29.86 -22.11 -27.02
N VAL B 193 -29.59 -21.78 -25.78
CA VAL B 193 -28.63 -20.75 -25.49
C VAL B 193 -27.17 -21.19 -25.54
N ALA B 194 -26.96 -22.48 -25.49
CA ALA B 194 -25.63 -23.06 -25.53
C ALA B 194 -25.04 -22.95 -26.91
N GLN B 195 -25.81 -22.43 -27.83
CA GLN B 195 -25.33 -22.06 -29.11
C GLN B 195 -24.42 -20.86 -29.03
N SER B 196 -24.41 -20.15 -27.92
CA SER B 196 -23.40 -19.12 -27.64
C SER B 196 -22.06 -19.68 -27.20
N ALA B 197 -21.02 -19.20 -27.82
CA ALA B 197 -19.68 -19.52 -27.44
C ALA B 197 -19.34 -18.98 -26.08
N ASN B 198 -20.09 -18.02 -25.60
CA ASN B 198 -19.86 -17.43 -24.30
C ASN B 198 -20.47 -18.15 -23.15
N LEU B 199 -21.22 -19.21 -23.37
CA LEU B 199 -21.74 -19.95 -22.25
C LEU B 199 -20.77 -20.96 -21.66
N ALA B 200 -20.34 -20.74 -20.44
CA ALA B 200 -19.42 -21.61 -19.78
C ALA B 200 -20.09 -22.79 -19.19
N GLY B 201 -21.27 -22.61 -18.63
CA GLY B 201 -22.02 -23.71 -18.09
C GLY B 201 -23.17 -23.34 -17.22
N VAL B 202 -23.71 -24.32 -16.54
CA VAL B 202 -24.78 -24.18 -15.61
C VAL B 202 -24.41 -24.44 -14.17
N GLU B 204 -26.41 -25.72 -11.42
CA GLU B 204 -27.60 -26.50 -11.27
C GLU B 204 -28.00 -26.92 -9.87
N CYS B 205 -29.25 -26.68 -9.51
CA CYS B 205 -29.79 -27.04 -8.20
C CYS B 205 -30.93 -28.03 -8.18
N VAL B 206 -31.29 -28.57 -9.31
CA VAL B 206 -32.44 -29.40 -9.38
C VAL B 206 -32.13 -30.83 -8.91
N GLY B 207 -30.90 -31.25 -9.00
CA GLY B 207 -30.49 -32.55 -8.60
C GLY B 207 -29.46 -33.16 -9.51
N ASN B 208 -28.87 -34.24 -9.08
CA ASN B 208 -27.87 -34.96 -9.82
C ASN B 208 -28.34 -35.50 -11.17
N ASP B 209 -29.56 -35.93 -11.24
CA ASP B 209 -30.15 -36.39 -12.47
C ASP B 209 -30.27 -35.39 -13.59
N ARG B 210 -30.57 -34.14 -13.29
CA ARG B 210 -30.49 -33.09 -14.25
C ARG B 210 -29.07 -32.78 -14.60
N ILE B 211 -28.17 -32.83 -13.65
CA ILE B 211 -26.80 -32.51 -13.94
C ILE B 211 -26.31 -33.46 -15.03
N LYS B 212 -26.74 -34.69 -14.92
CA LYS B 212 -26.38 -35.71 -15.87
C LYS B 212 -27.02 -35.58 -17.26
N GLN B 213 -28.27 -35.16 -17.34
CA GLN B 213 -28.86 -34.82 -18.61
C GLN B 213 -27.97 -33.87 -19.35
N TYR B 214 -27.34 -32.97 -18.63
CA TYR B 214 -26.46 -32.01 -19.23
C TYR B 214 -25.06 -32.45 -19.52
N THR B 215 -24.44 -33.19 -18.61
CA THR B 215 -23.06 -33.53 -18.77
C THR B 215 -22.85 -34.64 -19.78
N ASP B 216 -23.88 -35.42 -20.00
CA ASP B 216 -23.91 -36.40 -21.06
C ASP B 216 -24.00 -35.73 -22.39
N ASN B 217 -24.48 -34.51 -22.43
CA ASN B 217 -24.67 -33.80 -23.66
C ASN B 217 -23.85 -32.57 -23.82
N ARG B 218 -22.59 -32.64 -23.44
CA ARG B 218 -21.63 -31.60 -23.73
C ARG B 218 -21.82 -30.26 -23.00
N ILE B 219 -22.35 -30.31 -21.81
CA ILE B 219 -22.64 -29.14 -21.04
C ILE B 219 -21.96 -29.19 -19.67
N VAL B 220 -21.08 -28.25 -19.42
CA VAL B 220 -20.41 -28.09 -18.14
C VAL B 220 -21.34 -27.72 -16.98
N VAL B 221 -21.35 -28.53 -15.94
CA VAL B 221 -22.20 -28.27 -14.81
C VAL B 221 -21.44 -28.19 -13.50
N TRP B 222 -21.84 -27.26 -12.67
CA TRP B 222 -21.41 -27.18 -11.31
C TRP B 222 -22.64 -27.38 -10.47
N SER B 223 -22.52 -28.18 -9.45
CA SER B 223 -23.61 -28.36 -8.57
C SER B 223 -23.65 -27.17 -7.64
N GLY B 224 -24.84 -26.68 -7.41
CA GLY B 224 -25.12 -25.75 -6.36
C GLY B 224 -25.67 -26.30 -5.07
N ASN B 225 -25.70 -27.60 -4.88
CA ASN B 225 -26.13 -28.21 -3.63
C ASN B 225 -24.97 -28.95 -3.01
N ASP B 226 -24.55 -28.52 -1.83
CA ASP B 226 -23.39 -29.04 -1.16
C ASP B 226 -23.55 -30.48 -0.72
N ASP B 227 -24.77 -30.83 -0.32
CA ASP B 227 -25.15 -32.15 0.09
C ASP B 227 -25.21 -33.15 -1.03
N GLN B 228 -25.01 -32.71 -2.24
CA GLN B 228 -25.15 -33.51 -3.39
C GLN B 228 -23.93 -33.48 -4.25
N CYS B 229 -22.99 -32.63 -3.93
CA CYS B 229 -21.93 -32.27 -4.83
C CYS B 229 -20.79 -33.25 -5.02
N HIS B 230 -20.50 -34.03 -4.01
CA HIS B 230 -19.60 -35.14 -4.08
C HIS B 230 -20.05 -36.11 -5.14
N ASP B 231 -21.28 -36.54 -5.07
CA ASP B 231 -21.73 -37.49 -6.01
C ASP B 231 -21.88 -36.86 -7.38
N ALA B 232 -22.20 -35.58 -7.43
CA ALA B 232 -22.34 -34.90 -8.68
C ALA B 232 -21.05 -34.98 -9.45
N LYS B 233 -19.97 -34.65 -8.80
CA LYS B 233 -18.64 -34.72 -9.36
C LYS B 233 -18.15 -36.12 -9.75
N TRP B 234 -18.32 -37.11 -8.91
CA TRP B 234 -17.73 -38.40 -9.17
C TRP B 234 -18.62 -39.40 -9.91
N ASP B 235 -19.93 -39.19 -9.86
CA ASP B 235 -20.84 -40.07 -10.52
C ASP B 235 -21.70 -39.48 -11.63
N TYR B 236 -21.87 -38.17 -11.69
CA TYR B 236 -22.83 -37.55 -12.59
C TYR B 236 -22.23 -36.57 -13.56
N GLY B 237 -20.91 -36.50 -13.62
CA GLY B 237 -20.19 -35.70 -14.55
C GLY B 237 -20.01 -34.24 -14.30
N ALA B 238 -20.34 -33.77 -13.12
CA ALA B 238 -20.18 -32.39 -12.77
C ALA B 238 -18.74 -32.00 -12.66
N THR B 239 -18.43 -30.80 -13.13
CA THR B 239 -17.08 -30.30 -13.14
C THR B 239 -16.63 -29.84 -11.76
N GLY B 240 -17.58 -29.41 -10.97
CA GLY B 240 -17.34 -29.06 -9.62
C GLY B 240 -18.54 -28.49 -8.96
N VAL B 241 -18.26 -27.63 -8.01
CA VAL B 241 -19.23 -27.04 -7.14
C VAL B 241 -19.13 -25.54 -7.11
N ILE B 242 -20.26 -24.90 -7.05
CA ILE B 242 -20.38 -23.56 -6.59
C ILE B 242 -20.98 -23.64 -5.19
N SER B 243 -20.13 -23.48 -4.20
CA SER B 243 -20.34 -23.91 -2.85
C SER B 243 -20.62 -22.84 -1.81
N VAL B 244 -21.49 -23.20 -0.90
CA VAL B 244 -21.76 -22.46 0.30
C VAL B 244 -20.78 -22.81 1.42
N THR B 245 -20.55 -24.09 1.57
CA THR B 245 -19.88 -24.72 2.68
C THR B 245 -18.42 -24.41 2.69
N SER B 246 -17.90 -24.15 1.53
CA SER B 246 -16.64 -23.55 1.29
C SER B 246 -16.22 -22.32 2.06
N ASN B 247 -17.17 -21.48 2.44
CA ASN B 247 -16.97 -20.32 3.27
C ASN B 247 -16.49 -20.72 4.65
N LEU B 248 -16.85 -21.90 5.07
CA LEU B 248 -16.47 -22.42 6.36
C LEU B 248 -15.28 -23.32 6.31
N ILE B 249 -15.33 -24.31 5.43
CA ILE B 249 -14.33 -25.36 5.33
C ILE B 249 -13.72 -25.58 3.94
N PRO B 250 -13.05 -24.59 3.41
CA PRO B 250 -12.58 -24.60 2.04
C PRO B 250 -11.58 -25.71 1.72
N GLY B 251 -10.68 -26.03 2.60
CA GLY B 251 -9.77 -27.13 2.45
C GLY B 251 -10.37 -28.51 2.33
N LEU B 252 -11.39 -28.79 3.10
CA LEU B 252 -12.07 -30.04 3.08
C LEU B 252 -12.94 -30.20 1.84
N MET B 253 -13.51 -29.10 1.41
CA MET B 253 -14.29 -29.00 0.21
C MET B 253 -13.45 -29.26 -1.01
N ARG B 254 -12.26 -28.70 -1.05
CA ARG B 254 -11.32 -28.99 -2.08
C ARG B 254 -10.89 -30.46 -2.03
N GLN B 255 -10.66 -30.99 -0.87
CA GLN B 255 -10.34 -32.38 -0.76
C GLN B 255 -11.37 -33.26 -1.39
N LEU B 256 -12.62 -32.90 -1.22
CA LEU B 256 -13.75 -33.66 -1.64
C LEU B 256 -13.88 -33.74 -3.15
N LEU B 257 -13.27 -32.80 -3.81
CA LEU B 257 -13.51 -32.62 -5.20
C LEU B 257 -12.30 -32.92 -6.00
N PHE B 258 -11.16 -32.92 -5.39
CA PHE B 258 -9.98 -33.05 -6.14
C PHE B 258 -9.37 -34.44 -6.09
N LYS B 259 -9.61 -35.19 -5.04
CA LYS B 259 -8.82 -36.38 -4.84
C LYS B 259 -9.52 -37.68 -4.79
N GLY B 260 -10.36 -38.00 -5.74
CA GLY B 260 -11.12 -39.21 -5.69
C GLY B 260 -12.32 -39.25 -4.79
N LYS B 261 -13.16 -40.22 -5.03
CA LYS B 261 -14.25 -40.56 -4.17
C LYS B 261 -13.91 -40.66 -2.69
N ASN B 262 -14.73 -40.03 -1.88
CA ASN B 262 -14.51 -39.99 -0.48
C ASN B 262 -15.79 -39.82 0.30
N PRO B 263 -16.63 -40.82 0.22
CA PRO B 263 -17.89 -40.83 0.91
C PRO B 263 -17.73 -40.72 2.39
N SER B 264 -16.58 -41.03 2.88
CA SER B 264 -16.29 -40.95 4.26
C SER B 264 -16.13 -39.53 4.73
N LEU B 265 -15.35 -38.76 4.01
CA LEU B 265 -15.23 -37.34 4.22
C LEU B 265 -16.54 -36.62 3.94
N ASN B 266 -17.30 -37.15 3.01
CA ASN B 266 -18.58 -36.63 2.69
C ASN B 266 -19.56 -36.75 3.83
N ALA B 267 -19.55 -37.91 4.48
CA ALA B 267 -20.38 -38.19 5.60
C ALA B 267 -20.01 -37.38 6.80
N LYS B 268 -18.78 -37.01 6.91
CA LYS B 268 -18.37 -36.34 8.09
C LYS B 268 -18.62 -34.84 8.01
N ILE B 269 -18.74 -34.27 6.84
CA ILE B 269 -19.10 -32.90 6.71
C ILE B 269 -20.60 -32.67 6.60
N MET B 270 -21.34 -33.73 6.43
CA MET B 270 -22.76 -33.70 6.24
C MET B 270 -23.58 -33.12 7.39
N PRO B 271 -23.15 -33.28 8.62
CA PRO B 271 -23.88 -32.66 9.71
C PRO B 271 -23.77 -31.15 9.64
N LEU B 272 -22.67 -30.65 9.19
CA LEU B 272 -22.47 -29.24 8.97
C LEU B 272 -23.35 -28.72 7.86
N VAL B 273 -23.44 -29.47 6.80
CA VAL B 273 -24.22 -29.09 5.69
C VAL B 273 -25.67 -29.05 6.05
N ASN B 274 -26.13 -29.99 6.82
CA ASN B 274 -27.50 -30.03 7.20
C ASN B 274 -27.90 -28.84 8.07
N TRP B 275 -27.03 -28.46 8.98
CA TRP B 275 -27.15 -27.29 9.76
C TRP B 275 -27.26 -26.00 8.94
N LEU B 276 -26.46 -25.85 7.89
CA LEU B 276 -26.47 -24.69 7.06
C LEU B 276 -27.70 -24.51 6.23
N PHE B 277 -28.50 -25.54 6.09
CA PHE B 277 -29.63 -25.49 5.22
C PHE B 277 -30.97 -25.69 5.86
N GLU B 278 -30.99 -25.69 7.17
CA GLU B 278 -32.18 -25.88 7.93
C GLU B 278 -33.15 -24.73 7.73
N GLU B 279 -32.63 -23.54 7.86
CA GLU B 279 -33.25 -22.37 7.39
C GLU B 279 -32.61 -21.98 6.09
N PRO B 280 -33.28 -21.12 5.35
CA PRO B 280 -32.77 -20.67 4.08
C PRO B 280 -31.42 -20.00 4.20
N ASN B 281 -30.46 -20.45 3.41
CA ASN B 281 -29.18 -19.82 3.16
C ASN B 281 -29.38 -18.37 2.68
N PRO B 282 -28.67 -17.41 3.24
CA PRO B 282 -27.55 -17.66 4.10
C PRO B 282 -27.72 -17.44 5.59
N ILE B 283 -28.85 -17.74 6.15
CA ILE B 283 -29.08 -17.49 7.56
C ILE B 283 -28.07 -18.22 8.41
N GLY B 284 -27.92 -19.51 8.20
CA GLY B 284 -26.91 -20.34 8.78
C GLY B 284 -25.46 -19.97 8.66
N LEU B 285 -24.98 -19.77 7.46
CA LEU B 285 -23.66 -19.27 7.22
C LEU B 285 -23.37 -17.95 7.87
N ASN B 286 -24.29 -17.03 7.85
CA ASN B 286 -24.05 -15.77 8.50
C ASN B 286 -23.85 -15.97 9.99
N THR B 287 -24.60 -16.88 10.56
CA THR B 287 -24.54 -17.12 11.95
C THR B 287 -23.25 -17.80 12.31
N ALA B 288 -22.84 -18.70 11.45
CA ALA B 288 -21.66 -19.49 11.67
C ALA B 288 -20.40 -18.70 11.52
N LEU B 289 -20.36 -17.80 10.56
CA LEU B 289 -19.22 -16.96 10.37
C LEU B 289 -19.05 -16.00 11.54
N ALA B 290 -20.13 -15.57 12.14
CA ALA B 290 -20.06 -14.79 13.32
C ALA B 290 -19.54 -15.56 14.54
N GLN B 291 -19.92 -16.81 14.67
CA GLN B 291 -19.49 -17.66 15.75
C GLN B 291 -18.01 -17.95 15.71
N LEU B 292 -17.46 -18.02 14.51
CA LEU B 292 -16.06 -18.23 14.27
C LEU B 292 -15.25 -16.99 14.40
N GLY B 293 -15.92 -15.89 14.51
CA GLY B 293 -15.26 -14.62 14.66
C GLY B 293 -14.62 -14.01 13.48
N VAL B 294 -14.95 -14.45 12.30
CA VAL B 294 -14.43 -13.90 11.08
C VAL B 294 -15.28 -12.80 10.44
N VAL B 295 -16.49 -12.61 10.91
CA VAL B 295 -17.36 -11.52 10.52
C VAL B 295 -18.06 -11.01 11.75
N ARG B 296 -18.50 -9.79 11.69
CA ARG B 296 -19.32 -9.20 12.69
C ARG B 296 -20.72 -9.79 12.67
N PRO B 297 -21.32 -9.92 13.84
CA PRO B 297 -22.69 -10.39 13.96
C PRO B 297 -23.75 -9.38 13.51
N VAL B 298 -23.64 -8.95 12.28
CA VAL B 298 -24.53 -7.99 11.69
C VAL B 298 -25.29 -8.61 10.53
N PHE B 299 -26.59 -8.51 10.56
CA PHE B 299 -27.46 -9.02 9.53
C PHE B 299 -28.20 -7.87 8.88
N ARG B 300 -28.29 -7.90 7.58
CA ARG B 300 -29.22 -7.11 6.84
C ARG B 300 -30.54 -7.87 6.71
N LEU B 301 -31.62 -7.23 7.08
CA LEU B 301 -32.94 -7.77 6.98
C LEU B 301 -33.28 -7.94 5.52
N PRO B 302 -33.99 -9.00 5.18
CA PRO B 302 -34.86 -9.76 6.06
C PRO B 302 -34.29 -10.99 6.74
N TYR B 303 -32.99 -11.12 6.77
CA TYR B 303 -32.34 -12.22 7.45
C TYR B 303 -32.09 -11.92 8.91
N VAL B 304 -32.29 -12.93 9.72
CA VAL B 304 -32.09 -12.92 11.16
C VAL B 304 -31.35 -14.17 11.58
N PRO B 305 -30.57 -14.10 12.63
CA PRO B 305 -29.76 -15.24 13.02
C PRO B 305 -30.49 -16.49 13.51
N LEU B 306 -29.81 -17.60 13.50
CA LEU B 306 -30.31 -18.80 14.12
C LEU B 306 -30.36 -18.63 15.64
N PRO B 307 -31.35 -19.23 16.25
CA PRO B 307 -31.55 -19.24 17.69
C PRO B 307 -30.42 -19.88 18.49
N LEU B 308 -30.37 -19.55 19.75
CA LEU B 308 -29.35 -20.08 20.62
C LEU B 308 -29.13 -21.61 20.58
N ALA B 309 -30.17 -22.39 20.54
CA ALA B 309 -30.04 -23.80 20.46
C ALA B 309 -29.26 -24.26 19.24
N LYS B 310 -29.48 -23.62 18.11
CA LYS B 310 -28.72 -23.89 16.92
C LYS B 310 -27.29 -23.51 17.02
N ARG B 311 -27.00 -22.42 17.67
CA ARG B 311 -25.66 -21.94 17.79
C ARG B 311 -24.79 -22.84 18.67
N VAL B 312 -25.34 -23.34 19.75
CA VAL B 312 -24.68 -24.30 20.59
C VAL B 312 -24.38 -25.54 19.79
N GLU B 313 -25.33 -25.94 19.00
CA GLU B 313 -25.18 -27.05 18.13
C GLU B 313 -24.02 -26.89 17.14
N PHE B 314 -23.92 -25.73 16.51
CA PHE B 314 -22.77 -25.40 15.74
C PHE B 314 -21.42 -25.65 16.43
N VAL B 315 -21.26 -25.23 17.65
CA VAL B 315 -20.05 -25.48 18.42
C VAL B 315 -19.70 -26.96 18.53
N ASN B 316 -20.69 -27.78 18.72
CA ASN B 316 -20.50 -29.19 18.74
C ASN B 316 -20.14 -29.76 17.39
N ILE B 317 -20.76 -29.25 16.34
CA ILE B 317 -20.46 -29.66 15.00
C ILE B 317 -19.03 -29.32 14.63
N VAL B 318 -18.56 -28.22 15.16
CA VAL B 318 -17.24 -27.77 14.93
C VAL B 318 -16.22 -28.64 15.59
N LYS B 319 -16.49 -29.07 16.78
CA LYS B 319 -15.56 -29.91 17.47
C LYS B 319 -15.48 -31.33 16.97
N GLU B 320 -16.56 -31.85 16.47
CA GLU B 320 -16.60 -33.12 15.84
C GLU B 320 -15.73 -33.14 14.60
N ILE B 321 -15.86 -32.13 13.75
CA ILE B 321 -15.04 -31.98 12.58
C ILE B 321 -13.60 -31.53 12.86
N GLY B 322 -13.37 -30.75 13.88
CA GLY B 322 -12.08 -30.19 14.12
C GLY B 322 -12.04 -28.75 13.73
N ARG B 323 -11.87 -27.88 14.70
CA ARG B 323 -11.81 -26.46 14.52
C ARG B 323 -10.73 -25.99 13.57
N GLU B 324 -9.62 -26.67 13.54
CA GLU B 324 -8.59 -26.35 12.61
C GLU B 324 -8.99 -26.42 11.13
N ASN B 325 -10.07 -27.11 10.82
CA ASN B 325 -10.61 -27.10 9.47
C ASN B 325 -11.52 -25.92 9.09
N PHE B 326 -11.91 -25.11 10.03
CA PHE B 326 -12.74 -23.97 9.74
C PHE B 326 -11.91 -22.74 9.61
N VAL B 327 -12.40 -21.79 8.87
CA VAL B 327 -11.78 -20.50 8.71
C VAL B 327 -11.61 -19.75 10.02
N GLY B 328 -10.53 -19.02 10.12
CA GLY B 328 -10.22 -18.32 11.31
C GLY B 328 -9.37 -18.99 12.33
N GLU B 329 -8.85 -18.21 13.24
CA GLU B 329 -7.96 -18.63 14.28
C GLU B 329 -8.61 -18.64 15.64
N LYS B 330 -9.69 -17.92 15.79
CA LYS B 330 -10.31 -17.73 17.07
C LYS B 330 -11.20 -18.85 17.56
N ASP B 331 -11.27 -18.97 18.86
CA ASP B 331 -12.08 -19.96 19.49
C ASP B 331 -13.54 -19.72 19.17
N VAL B 332 -14.27 -20.73 18.81
CA VAL B 332 -15.66 -20.59 18.51
C VAL B 332 -16.53 -20.13 19.67
N LYS B 333 -17.42 -19.21 19.40
CA LYS B 333 -18.36 -18.76 20.38
C LYS B 333 -19.77 -19.21 20.11
N VAL B 334 -20.57 -19.21 21.15
CA VAL B 334 -21.96 -19.52 21.05
C VAL B 334 -22.65 -18.23 20.71
N LEU B 335 -22.23 -17.15 21.35
CA LEU B 335 -22.85 -15.85 21.23
C LEU B 335 -24.22 -15.73 21.88
N ASP B 336 -24.45 -14.56 22.41
CA ASP B 336 -25.70 -14.17 22.97
C ASP B 336 -26.56 -13.54 21.92
N ASP B 337 -27.85 -13.70 22.08
CA ASP B 337 -28.81 -13.02 21.25
C ASP B 337 -28.58 -11.54 21.10
N ASP B 338 -28.19 -10.86 22.17
CA ASP B 338 -27.90 -9.44 22.20
C ASP B 338 -26.62 -9.03 21.46
N ASP B 339 -25.77 -9.96 21.09
CA ASP B 339 -24.64 -9.67 20.24
C ASP B 339 -25.06 -9.29 18.80
N PHE B 340 -26.16 -9.83 18.31
CA PHE B 340 -26.53 -9.66 16.95
C PHE B 340 -27.20 -8.33 16.63
N ILE B 341 -26.75 -7.68 15.59
CA ILE B 341 -27.36 -6.48 15.11
C ILE B 341 -28.15 -6.74 13.83
N LEU B 342 -29.37 -6.27 13.79
CA LEU B 342 -30.23 -6.34 12.61
C LEU B 342 -30.44 -4.98 12.03
N VAL B 343 -30.18 -4.83 10.76
CA VAL B 343 -30.27 -3.55 10.10
C VAL B 343 -31.30 -3.51 9.00
N GLY B 344 -32.16 -2.53 9.02
CA GLY B 344 -33.12 -2.38 7.98
C GLY B 344 -32.89 -1.17 7.12
N ARG B 345 -32.34 -0.16 7.71
CA ARG B 345 -32.05 1.09 7.06
C ARG B 345 -30.57 1.31 6.97
N TYR B 346 -29.99 1.17 5.81
CA TYR B 346 -28.55 1.22 5.73
C TYR B 346 -28.10 1.86 4.44
N THR C 39 61.72 -20.79 -1.39
CA THR C 39 60.92 -19.69 -0.88
C THR C 39 59.62 -20.12 -0.23
N SER C 40 58.80 -19.15 0.06
CA SER C 40 57.48 -19.39 0.56
C SER C 40 56.60 -19.93 -0.54
N VAL C 41 56.72 -19.39 -1.73
CA VAL C 41 56.07 -19.88 -2.91
C VAL C 41 56.49 -21.28 -3.24
N ASP C 42 57.76 -21.57 -3.13
CA ASP C 42 58.31 -22.88 -3.34
C ASP C 42 57.71 -23.94 -2.42
N ASP C 43 57.34 -23.55 -1.24
CA ASP C 43 56.68 -24.42 -0.31
C ASP C 43 55.32 -24.82 -0.80
N ILE C 44 54.67 -23.96 -1.51
CA ILE C 44 53.37 -24.21 -2.03
C ILE C 44 53.42 -24.99 -3.33
N LYS C 45 54.42 -24.73 -4.12
CA LYS C 45 54.58 -25.30 -5.42
C LYS C 45 54.83 -26.80 -5.44
N SER C 46 55.40 -27.32 -4.40
CA SER C 46 55.65 -28.72 -4.32
C SER C 46 54.50 -29.57 -3.78
N LEU C 47 53.47 -28.96 -3.24
CA LEU C 47 52.35 -29.71 -2.70
C LEU C 47 51.64 -30.54 -3.75
N ARG C 48 51.39 -31.80 -3.47
CA ARG C 48 50.67 -32.62 -4.40
C ARG C 48 49.20 -32.79 -4.09
N LEU C 49 48.87 -32.84 -2.83
CA LEU C 49 47.54 -33.16 -2.39
C LEU C 49 46.95 -32.08 -1.51
N ILE C 50 46.06 -31.30 -2.07
CA ILE C 50 45.46 -30.23 -1.36
C ILE C 50 43.98 -30.56 -1.27
N THR C 51 43.46 -30.51 -0.07
CA THR C 51 42.06 -30.77 0.13
C THR C 51 41.33 -29.50 0.29
N ALA C 52 40.36 -29.29 -0.55
CA ALA C 52 39.40 -28.26 -0.34
C ALA C 52 38.43 -28.74 0.71
N ILE C 53 38.70 -28.43 1.94
CA ILE C 53 37.93 -28.86 3.06
C ILE C 53 36.51 -28.28 3.18
N LYS C 54 35.58 -29.18 3.39
CA LYS C 54 34.24 -28.87 3.78
C LYS C 54 34.09 -28.14 5.11
N THR C 55 33.14 -27.25 5.17
CA THR C 55 32.81 -26.50 6.36
C THR C 55 31.54 -27.00 7.00
N PRO C 56 31.67 -27.55 8.18
CA PRO C 56 30.59 -28.18 8.88
C PRO C 56 29.83 -27.25 9.83
N TYR C 57 28.54 -27.47 9.99
CA TYR C 57 27.69 -26.54 10.65
C TYR C 57 27.02 -27.10 11.90
N LEU C 58 26.79 -26.25 12.86
CA LEU C 58 25.90 -26.54 13.96
C LEU C 58 24.46 -26.44 13.51
N PRO C 59 23.55 -27.12 14.19
CA PRO C 59 22.14 -27.11 13.81
C PRO C 59 21.51 -25.76 13.61
N ASP C 60 21.97 -24.73 14.26
CA ASP C 60 21.55 -23.39 13.98
C ASP C 60 22.29 -22.71 12.83
N GLY C 61 23.25 -23.37 12.21
CA GLY C 61 23.89 -22.86 11.03
C GLY C 61 25.25 -22.23 11.17
N ARG C 62 25.67 -22.01 12.40
CA ARG C 62 27.00 -21.56 12.77
C ARG C 62 28.04 -22.63 12.52
N PHE C 63 29.29 -22.23 12.42
CA PHE C 63 30.36 -23.19 12.20
C PHE C 63 30.46 -24.19 13.33
N ASP C 64 30.59 -25.45 13.01
CA ASP C 64 30.94 -26.46 13.94
C ASP C 64 32.45 -26.69 13.90
N LEU C 65 33.15 -25.98 14.74
CA LEU C 65 34.56 -26.04 14.89
C LEU C 65 35.09 -27.32 15.45
N GLU C 66 34.35 -27.93 16.34
CA GLU C 66 34.75 -29.21 16.81
C GLU C 66 34.77 -30.23 15.67
N ALA C 67 33.82 -30.18 14.77
CA ALA C 67 33.80 -31.12 13.69
C ALA C 67 34.85 -30.77 12.63
N TYR C 68 35.06 -29.49 12.38
CA TYR C 68 36.06 -29.01 11.46
C TYR C 68 37.48 -29.38 11.86
N ASP C 69 37.78 -29.25 13.12
CA ASP C 69 39.02 -29.65 13.66
C ASP C 69 39.27 -31.11 13.49
N ALA C 70 38.27 -31.94 13.67
CA ALA C 70 38.39 -33.34 13.43
C ALA C 70 38.60 -33.70 11.96
N LEU C 71 37.95 -33.01 11.04
CA LEU C 71 38.23 -33.10 9.62
C LEU C 71 39.65 -32.72 9.21
N VAL C 72 40.18 -31.62 9.65
CA VAL C 72 41.54 -31.26 9.34
C VAL C 72 42.51 -32.35 9.85
N ASN C 73 42.36 -32.72 11.11
CA ASN C 73 43.03 -33.86 11.70
C ASN C 73 43.03 -35.14 10.88
N MET C 74 41.90 -35.49 10.30
CA MET C 74 41.83 -36.66 9.49
C MET C 74 42.60 -36.47 8.20
N GLN C 75 42.68 -35.26 7.71
CA GLN C 75 43.36 -35.01 6.48
C GLN C 75 44.86 -35.15 6.64
N ILE C 76 45.36 -34.64 7.73
CA ILE C 76 46.74 -34.69 8.11
C ILE C 76 47.21 -36.10 8.33
N VAL C 77 46.42 -36.89 9.04
CA VAL C 77 46.76 -38.24 9.37
C VAL C 77 46.90 -39.07 8.13
N ASP C 78 46.01 -38.89 7.17
CA ASP C 78 46.08 -39.60 5.93
C ASP C 78 46.97 -39.02 4.86
N GLY C 79 47.61 -37.93 5.16
CA GLY C 79 48.62 -37.41 4.31
C GLY C 79 48.26 -36.32 3.34
N ALA C 80 47.18 -35.61 3.56
CA ALA C 80 46.99 -34.42 2.81
C ALA C 80 48.02 -33.37 3.22
N GLU C 81 48.46 -32.58 2.28
CA GLU C 81 49.52 -31.68 2.54
C GLU C 81 49.09 -30.24 2.63
N GLY C 82 47.92 -29.95 2.11
CA GLY C 82 47.35 -28.65 2.07
C GLY C 82 45.86 -28.64 2.17
N VAL C 83 45.35 -27.57 2.70
CA VAL C 83 43.95 -27.30 2.73
C VAL C 83 43.57 -25.97 2.10
N ILE C 84 42.48 -26.01 1.38
CA ILE C 84 41.77 -24.83 1.02
C ILE C 84 40.67 -24.55 2.04
N VAL C 85 40.73 -23.39 2.64
CA VAL C 85 39.76 -22.93 3.62
C VAL C 85 38.72 -22.02 3.03
N GLY C 86 37.49 -22.47 3.05
CA GLY C 86 36.37 -21.85 2.40
C GLY C 86 36.48 -21.73 0.91
N GLY C 87 36.96 -22.76 0.26
CA GLY C 87 36.93 -22.86 -1.15
C GLY C 87 35.51 -23.04 -1.54
N THR C 88 35.22 -23.30 -2.80
CA THR C 88 33.89 -23.61 -3.27
C THR C 88 33.28 -24.78 -2.54
N THR C 89 34.02 -25.85 -2.42
CA THR C 89 33.71 -27.00 -1.62
C THR C 89 33.49 -26.66 -0.15
N GLY C 90 34.15 -25.66 0.36
CA GLY C 90 33.99 -25.19 1.69
C GLY C 90 32.95 -24.16 1.94
N GLU C 91 32.13 -23.90 0.95
CA GLU C 91 31.11 -22.90 1.01
C GLU C 91 31.52 -21.51 1.50
N GLY C 92 32.68 -21.05 1.08
CA GLY C 92 33.11 -19.69 1.28
C GLY C 92 32.16 -18.66 0.73
N GLN C 93 31.48 -19.02 -0.34
CA GLN C 93 30.49 -18.14 -0.95
C GLN C 93 29.30 -17.89 -0.03
N LEU C 94 29.10 -18.77 0.94
CA LEU C 94 28.06 -18.64 1.92
C LEU C 94 28.49 -18.07 3.25
N MET C 95 29.74 -17.83 3.43
CA MET C 95 30.27 -17.23 4.63
C MET C 95 30.20 -15.71 4.61
N SER C 96 30.09 -15.09 5.76
CA SER C 96 30.38 -13.68 5.86
C SER C 96 31.90 -13.56 6.03
N TRP C 97 32.46 -12.40 5.68
CA TRP C 97 33.90 -12.23 5.78
C TRP C 97 34.45 -12.48 7.17
N ASP C 98 33.70 -12.12 8.21
CA ASP C 98 34.19 -12.31 9.57
C ASP C 98 34.35 -13.79 9.94
N GLU C 99 33.39 -14.61 9.53
CA GLU C 99 33.47 -16.07 9.64
C GLU C 99 34.66 -16.62 8.90
N HIS C 100 34.85 -16.14 7.67
CA HIS C 100 35.85 -16.68 6.75
C HIS C 100 37.26 -16.43 7.25
N ILE C 101 37.54 -15.18 7.61
CA ILE C 101 38.84 -14.80 8.13
C ILE C 101 39.12 -15.54 9.44
N MET C 102 38.09 -15.71 10.23
CA MET C 102 38.18 -16.43 11.43
C MET C 102 38.59 -17.86 11.25
N LEU C 103 38.01 -18.54 10.28
CA LEU C 103 38.31 -19.90 10.01
C LEU C 103 39.70 -20.08 9.41
N ILE C 104 40.17 -19.11 8.66
CA ILE C 104 41.53 -19.11 8.12
C ILE C 104 42.53 -19.01 9.28
N GLY C 105 42.32 -18.04 10.17
CA GLY C 105 43.20 -17.83 11.31
C GLY C 105 43.16 -18.99 12.29
N HIS C 106 41.97 -19.55 12.46
CA HIS C 106 41.77 -20.73 13.29
C HIS C 106 42.60 -21.91 12.80
N THR C 107 42.54 -22.15 11.50
CA THR C 107 43.24 -23.25 10.84
C THR C 107 44.76 -23.08 10.95
N VAL C 108 45.25 -21.86 10.70
CA VAL C 108 46.67 -21.56 10.86
C VAL C 108 47.11 -21.86 12.28
N ASN C 109 46.32 -21.38 13.25
CA ASN C 109 46.68 -21.44 14.66
C ASN C 109 46.75 -22.87 15.16
N CYS C 110 45.75 -23.66 14.82
CA CYS C 110 45.67 -25.03 15.29
C CYS C 110 46.50 -26.01 14.47
N PHE C 111 46.60 -25.77 13.15
CA PHE C 111 47.15 -26.77 12.23
C PHE C 111 48.28 -26.30 11.32
N GLY C 112 48.69 -25.03 11.42
CA GLY C 112 49.66 -24.43 10.50
C GLY C 112 51.04 -25.04 10.44
N GLY C 113 51.46 -25.67 11.53
CA GLY C 113 52.74 -26.38 11.57
C GLY C 113 52.70 -27.74 10.91
N SER C 114 51.51 -28.29 10.71
CA SER C 114 51.38 -29.67 10.19
C SER C 114 50.80 -29.80 8.78
N ILE C 115 50.23 -28.70 8.27
CA ILE C 115 49.62 -28.70 6.94
C ILE C 115 49.69 -27.27 6.40
N LYS C 116 49.74 -27.11 5.08
CA LYS C 116 49.71 -25.76 4.50
C LYS C 116 48.28 -25.22 4.42
N VAL C 117 48.12 -23.95 4.76
CA VAL C 117 46.82 -23.35 4.87
C VAL C 117 46.65 -22.32 3.75
N ILE C 118 45.79 -22.64 2.80
CA ILE C 118 45.53 -21.75 1.70
C ILE C 118 44.16 -21.15 1.93
N GLY C 119 44.13 -19.86 2.26
CA GLY C 119 42.86 -19.17 2.43
C GLY C 119 42.26 -18.75 1.10
N ASN C 120 40.99 -19.09 0.89
CA ASN C 120 40.29 -18.61 -0.29
C ASN C 120 39.79 -17.19 -0.01
N THR C 121 40.64 -16.20 -0.30
CA THR C 121 40.32 -14.81 -0.07
C THR C 121 39.99 -14.10 -1.39
N GLY C 122 39.53 -14.89 -2.36
CA GLY C 122 39.19 -14.39 -3.69
C GLY C 122 37.78 -13.82 -3.71
N SER C 123 37.50 -12.97 -4.68
CA SER C 123 36.19 -12.34 -4.77
C SER C 123 35.98 -11.75 -6.16
N ASN C 124 34.72 -11.51 -6.51
CA ASN C 124 34.41 -10.81 -7.75
C ASN C 124 34.55 -9.29 -7.60
N SER C 125 34.71 -8.82 -6.37
CA SER C 125 35.03 -7.42 -6.12
C SER C 125 36.48 -7.29 -5.67
N THR C 126 37.23 -6.40 -6.32
CA THR C 126 38.66 -6.27 -6.09
C THR C 126 38.91 -5.74 -4.68
N ARG C 127 38.04 -4.84 -4.24
CA ARG C 127 38.07 -4.31 -2.87
C ARG C 127 37.98 -5.42 -1.82
N GLU C 128 37.01 -6.32 -1.98
CA GLU C 128 36.86 -7.44 -1.08
C GLU C 128 38.10 -8.33 -1.14
N ALA C 129 38.61 -8.59 -2.34
CA ALA C 129 39.80 -9.42 -2.52
C ALA C 129 41.03 -8.81 -1.84
N ILE C 130 41.25 -7.52 -2.02
CA ILE C 130 42.39 -6.83 -1.40
C ILE C 130 42.32 -6.94 0.12
N HIS C 131 41.17 -6.60 0.67
CA HIS C 131 40.99 -6.57 2.12
C HIS C 131 41.09 -7.98 2.72
N ALA C 132 40.40 -8.94 2.12
CA ALA C 132 40.41 -10.33 2.62
C ALA C 132 41.80 -10.95 2.56
N THR C 133 42.56 -10.65 1.50
CA THR C 133 43.88 -11.23 1.31
C THR C 133 44.91 -10.66 2.30
N GLU C 134 44.93 -9.34 2.47
CA GLU C 134 45.76 -8.68 3.48
C GLU C 134 45.56 -9.33 4.83
N GLN C 135 44.30 -9.49 5.20
CA GLN C 135 43.94 -9.99 6.52
C GLN C 135 44.28 -11.45 6.67
N GLY C 136 44.04 -12.22 5.60
CA GLY C 136 44.38 -13.63 5.55
C GLY C 136 45.87 -13.86 5.77
N PHE C 137 46.71 -13.09 5.07
CA PHE C 137 48.15 -13.21 5.26
C PHE C 137 48.63 -12.70 6.62
N ALA C 138 47.96 -11.67 7.13
CA ALA C 138 48.32 -11.13 8.44
C ALA C 138 48.11 -12.14 9.56
N VAL C 139 47.06 -12.96 9.46
CA VAL C 139 46.81 -13.99 10.47
C VAL C 139 47.57 -15.29 10.17
N GLY C 140 48.41 -15.24 9.14
CA GLY C 140 49.41 -16.28 8.90
C GLY C 140 49.13 -17.39 7.88
N MET C 141 48.16 -17.22 7.01
CA MET C 141 47.94 -18.22 5.97
C MET C 141 49.17 -18.30 5.06
N HIS C 142 49.33 -19.43 4.39
CA HIS C 142 50.54 -19.68 3.63
C HIS C 142 50.39 -19.20 2.19
N ALA C 143 49.16 -19.20 1.68
CA ALA C 143 48.89 -18.80 0.30
C ALA C 143 47.45 -18.36 0.15
N ALA C 144 47.17 -17.66 -0.95
CA ALA C 144 45.81 -17.24 -1.29
C ALA C 144 45.31 -17.96 -2.53
N LEU C 145 44.03 -18.30 -2.56
CA LEU C 145 43.39 -18.80 -3.76
C LEU C 145 42.60 -17.66 -4.40
N HIS C 146 42.78 -17.45 -5.69
CA HIS C 146 42.10 -16.34 -6.36
C HIS C 146 41.41 -16.72 -7.66
N ILE C 147 40.10 -16.66 -7.61
CA ILE C 147 39.26 -16.86 -8.76
C ILE C 147 39.21 -15.54 -9.55
N ASN C 148 38.88 -15.63 -10.84
CA ASN C 148 38.53 -14.45 -11.59
C ASN C 148 37.12 -14.00 -11.18
N PRO C 149 36.82 -12.68 -11.34
CA PRO C 149 35.48 -12.18 -11.02
C PRO C 149 34.38 -12.97 -11.71
N TYR C 150 33.59 -13.67 -10.89
CA TYR C 150 32.42 -14.42 -11.33
C TYR C 150 31.24 -13.46 -11.39
N TYR C 151 30.29 -13.75 -12.27
CA TYR C 151 29.07 -12.97 -12.44
C TYR C 151 29.31 -11.54 -12.98
N GLY C 152 30.02 -10.73 -12.22
CA GLY C 152 30.45 -9.40 -12.66
C GLY C 152 31.70 -9.51 -13.51
N LYS C 153 31.55 -10.18 -14.65
CA LYS C 153 32.62 -10.48 -15.59
C LYS C 153 33.36 -9.23 -16.05
N THR C 154 34.68 -9.25 -16.01
CA THR C 154 35.46 -8.11 -16.48
C THR C 154 36.23 -8.46 -17.76
N SER C 155 36.90 -7.46 -18.33
CA SER C 155 37.75 -7.67 -19.50
C SER C 155 39.08 -8.34 -19.11
N LEU C 156 39.83 -8.76 -20.12
CA LEU C 156 41.15 -9.34 -19.94
C LEU C 156 42.13 -8.40 -19.24
N GLU C 157 42.12 -7.12 -19.61
CA GLU C 157 42.92 -6.12 -18.90
C GLU C 157 42.40 -5.90 -17.47
N GLY C 158 41.08 -5.98 -17.29
CA GLY C 158 40.46 -5.96 -15.96
C GLY C 158 40.96 -7.12 -15.10
N LEU C 159 41.04 -8.31 -15.69
CA LEU C 159 41.53 -9.49 -14.98
C LEU C 159 42.92 -9.27 -14.43
N VAL C 160 43.79 -8.75 -15.30
CA VAL C 160 45.15 -8.40 -14.97
C VAL C 160 45.21 -7.43 -13.77
N SER C 161 44.50 -6.30 -13.88
CA SER C 161 44.38 -5.36 -12.77
C SER C 161 43.91 -6.02 -11.47
N HIS C 162 42.92 -6.91 -11.59
CA HIS C 162 42.36 -7.58 -10.43
C HIS C 162 43.44 -8.40 -9.74
N PHE C 163 44.08 -9.29 -10.50
CA PHE C 163 45.12 -10.15 -9.96
C PHE C 163 46.35 -9.41 -9.49
N GLU C 164 46.70 -8.31 -10.18
CA GLU C 164 47.86 -7.50 -9.79
C GLU C 164 47.63 -6.73 -8.48
N SER C 165 46.38 -6.60 -8.07
CA SER C 165 46.06 -5.96 -6.79
C SER C 165 46.32 -6.88 -5.60
N VAL C 166 46.31 -8.20 -5.83
CA VAL C 166 46.50 -9.16 -4.73
C VAL C 166 47.78 -9.99 -4.81
N LEU C 167 48.32 -10.17 -6.01
CA LEU C 167 49.57 -10.91 -6.19
C LEU C 167 50.75 -10.44 -5.29
N PRO C 168 50.97 -9.12 -5.17
CA PRO C 168 52.11 -8.70 -4.32
C PRO C 168 52.00 -9.16 -2.87
N MET C 169 50.81 -9.51 -2.42
CA MET C 169 50.58 -9.84 -1.01
C MET C 169 51.13 -11.19 -0.53
N GLY C 170 51.32 -12.13 -1.46
CA GLY C 170 51.96 -13.40 -1.10
C GLY C 170 51.65 -14.52 -2.08
N PRO C 171 52.11 -15.74 -1.77
CA PRO C 171 51.90 -16.89 -2.64
C PRO C 171 50.44 -17.02 -3.05
N THR C 172 50.21 -17.21 -4.35
CA THR C 172 48.88 -17.14 -4.91
C THR C 172 48.63 -18.29 -5.87
N VAL C 173 47.47 -18.90 -5.76
CA VAL C 173 47.03 -19.90 -6.74
C VAL C 173 45.86 -19.29 -7.50
N ILE C 174 45.97 -19.21 -8.82
CA ILE C 174 44.88 -18.67 -9.63
C ILE C 174 43.87 -19.78 -9.91
N TYR C 175 42.58 -19.44 -9.87
CA TYR C 175 41.51 -20.41 -9.94
C TYR C 175 40.65 -20.22 -11.18
N ASN C 176 40.73 -21.19 -12.08
CA ASN C 176 39.95 -21.15 -13.32
C ASN C 176 38.91 -22.25 -13.35
N VAL C 177 37.65 -21.83 -13.29
CA VAL C 177 36.51 -22.74 -13.32
C VAL C 177 35.36 -22.02 -14.06
N PRO C 178 35.48 -21.91 -15.41
CA PRO C 178 34.51 -21.18 -16.24
C PRO C 178 33.07 -21.70 -16.14
N SER C 179 32.88 -22.99 -15.85
CA SER C 179 31.54 -23.54 -15.64
C SER C 179 30.82 -22.87 -14.47
N ARG C 180 31.57 -22.26 -13.55
CA ARG C 180 30.96 -21.59 -12.39
C ARG C 180 31.05 -20.08 -12.50
N THR C 181 32.13 -19.59 -13.11
CA THR C 181 32.34 -18.14 -13.19
C THR C 181 31.68 -17.50 -14.41
N GLY C 182 31.48 -18.29 -15.46
CA GLY C 182 30.99 -17.77 -16.73
C GLY C 182 32.11 -17.27 -17.64
N GLN C 183 33.35 -17.36 -17.17
CA GLN C 183 34.50 -16.84 -17.91
C GLN C 183 35.75 -17.71 -17.84
N ASP C 184 36.18 -18.21 -18.99
CA ASP C 184 37.45 -18.92 -19.09
C ASP C 184 38.62 -17.95 -18.99
N ILE C 185 39.54 -18.15 -18.03
CA ILE C 185 40.74 -17.34 -17.99
C ILE C 185 41.70 -17.84 -19.09
N PRO C 186 41.98 -16.99 -20.09
CA PRO C 186 42.82 -17.43 -21.21
C PRO C 186 44.29 -17.59 -20.82
N PRO C 187 45.01 -18.50 -21.51
CA PRO C 187 46.46 -18.68 -21.32
C PRO C 187 47.23 -17.36 -21.30
N GLY C 188 46.83 -16.42 -22.15
CA GLY C 188 47.43 -15.08 -22.18
C GLY C 188 47.45 -14.39 -20.83
N VAL C 189 46.32 -14.42 -20.14
CA VAL C 189 46.26 -13.83 -18.81
C VAL C 189 47.14 -14.59 -17.81
N ILE C 190 47.06 -15.92 -17.83
CA ILE C 190 47.87 -16.76 -16.95
C ILE C 190 49.36 -16.46 -17.11
N HIS C 191 49.84 -16.41 -18.35
CA HIS C 191 51.26 -16.10 -18.60
C HIS C 191 51.64 -14.68 -18.17
N THR C 192 50.68 -13.76 -18.19
CA THR C 192 50.89 -12.40 -17.69
C THR C 192 51.06 -12.40 -16.17
N VAL C 193 50.17 -13.10 -15.45
CA VAL C 193 50.29 -13.13 -13.99
C VAL C 193 51.51 -13.93 -13.53
N ALA C 194 51.98 -14.86 -14.36
CA ALA C 194 53.16 -15.66 -14.05
C ALA C 194 54.46 -14.86 -13.98
N GLN C 195 54.42 -13.63 -14.48
CA GLN C 195 55.52 -12.67 -14.29
C GLN C 195 55.74 -12.37 -12.80
N SER C 196 54.69 -12.46 -11.99
CA SER C 196 54.82 -12.29 -10.56
C SER C 196 55.53 -13.49 -9.92
N ALA C 197 56.54 -13.21 -9.10
CA ALA C 197 57.25 -14.27 -8.37
C ALA C 197 56.35 -14.92 -7.31
N ASN C 198 55.24 -14.26 -6.98
CA ASN C 198 54.29 -14.79 -6.01
C ASN C 198 53.28 -15.77 -6.57
N LEU C 199 53.28 -15.99 -7.88
CA LEU C 199 52.36 -16.97 -8.45
C LEU C 199 52.82 -18.39 -8.15
N ALA C 200 52.05 -19.11 -7.34
CA ALA C 200 52.38 -20.50 -7.03
C ALA C 200 52.00 -21.38 -8.22
N GLY C 201 50.84 -21.11 -8.80
CA GLY C 201 50.38 -21.85 -9.95
C GLY C 201 48.90 -21.72 -10.16
N VAL C 202 48.32 -22.69 -10.83
CA VAL C 202 46.95 -22.67 -11.27
C VAL C 202 46.15 -23.89 -10.87
N GLU C 204 43.29 -25.48 -12.18
CA GLU C 204 42.71 -25.60 -13.47
C GLU C 204 41.61 -26.58 -13.53
N CYS C 205 40.48 -26.15 -14.03
CA CYS C 205 39.29 -26.96 -14.13
C CYS C 205 38.78 -27.19 -15.55
N VAL C 206 39.45 -26.63 -16.55
CA VAL C 206 39.00 -26.74 -17.92
C VAL C 206 39.32 -28.08 -18.57
N GLY C 207 40.37 -28.72 -18.16
CA GLY C 207 40.77 -30.06 -18.61
C GLY C 207 42.26 -30.28 -18.72
N ASN C 208 42.64 -31.51 -18.99
CA ASN C 208 44.05 -31.92 -19.05
C ASN C 208 44.84 -31.29 -20.20
N ASP C 209 44.18 -31.05 -21.33
CA ASP C 209 44.83 -30.39 -22.46
C ASP C 209 45.27 -28.99 -22.08
N ARG C 210 44.42 -28.25 -21.38
CA ARG C 210 44.82 -26.92 -20.91
C ARG C 210 45.96 -27.02 -19.90
N ILE C 211 45.87 -28.00 -18.99
CA ILE C 211 46.95 -28.24 -18.00
C ILE C 211 48.30 -28.42 -18.67
N LYS C 212 48.37 -29.29 -19.68
CA LYS C 212 49.63 -29.58 -20.37
C LYS C 212 50.22 -28.35 -21.06
N GLN C 213 49.37 -27.49 -21.64
CA GLN C 213 49.81 -26.21 -22.23
C GLN C 213 50.50 -25.32 -21.20
N TYR C 214 50.05 -25.35 -19.96
CA TYR C 214 50.73 -24.61 -18.90
C TYR C 214 51.97 -25.35 -18.38
N THR C 215 51.84 -26.65 -18.14
CA THR C 215 52.94 -27.41 -17.52
C THR C 215 54.12 -27.56 -18.48
N ASP C 216 53.86 -27.62 -19.78
CA ASP C 216 54.93 -27.58 -20.78
C ASP C 216 55.73 -26.27 -20.70
N ASN C 217 55.07 -25.19 -20.35
CA ASN C 217 55.75 -23.93 -20.20
C ASN C 217 56.14 -23.59 -18.81
N ARG C 218 56.28 -24.59 -17.99
CA ARG C 218 56.73 -24.43 -16.63
C ARG C 218 55.84 -23.62 -15.73
N ILE C 219 54.55 -23.71 -15.92
CA ILE C 219 53.62 -23.15 -14.99
C ILE C 219 53.16 -24.32 -14.15
N VAL C 220 53.23 -24.17 -12.85
CA VAL C 220 52.72 -25.21 -11.94
C VAL C 220 51.19 -25.29 -12.00
N VAL C 221 50.67 -26.50 -12.15
CA VAL C 221 49.22 -26.69 -12.23
C VAL C 221 48.71 -27.82 -11.33
N TRP C 222 47.65 -27.54 -10.57
CA TRP C 222 46.87 -28.58 -9.89
C TRP C 222 45.54 -28.76 -10.62
N SER C 223 45.18 -30.00 -10.92
CA SER C 223 43.87 -30.26 -11.45
C SER C 223 42.81 -29.95 -10.38
N GLY C 224 41.68 -29.40 -10.83
CA GLY C 224 40.52 -29.20 -9.96
C GLY C 224 39.40 -30.19 -10.25
N ASN C 225 39.69 -31.22 -11.05
CA ASN C 225 38.73 -32.26 -11.35
C ASN C 225 39.24 -33.63 -10.90
N ASP C 226 38.64 -34.18 -9.85
CA ASP C 226 39.07 -35.48 -9.31
C ASP C 226 39.04 -36.62 -10.33
N ASP C 227 38.08 -36.58 -11.26
CA ASP C 227 37.96 -37.62 -12.29
C ASP C 227 39.04 -37.55 -13.37
N GLN C 228 39.82 -36.46 -13.37
CA GLN C 228 40.89 -36.26 -14.35
C GLN C 228 42.27 -36.19 -13.71
N CYS C 229 42.32 -36.07 -12.38
CA CYS C 229 43.56 -35.67 -11.69
C CYS C 229 44.69 -36.70 -11.76
N HIS C 230 44.34 -37.98 -11.82
CA HIS C 230 45.32 -39.05 -11.93
C HIS C 230 46.12 -38.94 -13.23
N ASP C 231 45.40 -38.90 -14.35
CA ASP C 231 46.04 -38.72 -15.66
C ASP C 231 46.77 -37.37 -15.75
N ALA C 232 46.15 -36.31 -15.24
CA ALA C 232 46.78 -35.00 -15.14
C ALA C 232 48.19 -35.09 -14.54
N LYS C 233 48.30 -35.85 -13.46
CA LYS C 233 49.55 -36.00 -12.73
C LYS C 233 50.56 -36.85 -13.50
N TRP C 234 50.13 -37.98 -14.04
CA TRP C 234 51.08 -38.91 -14.65
C TRP C 234 51.33 -38.72 -16.14
N ASP C 235 50.45 -38.00 -16.82
CA ASP C 235 50.54 -37.82 -18.29
C ASP C 235 50.56 -36.38 -18.76
N TYR C 236 50.07 -35.46 -17.94
CA TYR C 236 49.91 -34.07 -18.38
C TYR C 236 50.70 -33.06 -17.56
N GLY C 237 51.63 -33.54 -16.74
CA GLY C 237 52.58 -32.67 -16.04
C GLY C 237 52.02 -31.91 -14.86
N ALA C 238 50.76 -32.17 -14.48
CA ALA C 238 50.21 -31.54 -13.29
C ALA C 238 51.04 -31.92 -12.06
N THR C 239 51.19 -30.96 -11.16
CA THR C 239 51.93 -31.17 -9.91
C THR C 239 51.07 -31.97 -8.92
N GLY C 240 49.76 -31.88 -9.07
CA GLY C 240 48.84 -32.59 -8.18
C GLY C 240 47.41 -32.16 -8.34
N VAL C 241 46.66 -32.26 -7.26
CA VAL C 241 45.24 -31.99 -7.25
C VAL C 241 44.86 -31.08 -6.07
N ILE C 242 43.90 -30.20 -6.30
CA ILE C 242 43.17 -29.54 -5.24
C ILE C 242 41.81 -30.20 -5.29
N SER C 243 41.56 -31.03 -4.28
CA SER C 243 40.61 -32.12 -4.38
C SER C 243 39.35 -31.96 -3.54
N VAL C 244 38.25 -32.49 -4.06
CA VAL C 244 36.99 -32.57 -3.34
C VAL C 244 36.91 -33.95 -2.68
N THR C 245 37.19 -34.99 -3.47
CA THR C 245 37.07 -36.38 -3.07
C THR C 245 38.00 -36.79 -1.92
N SER C 246 39.14 -36.11 -1.80
CA SER C 246 40.05 -36.35 -0.68
C SER C 246 39.41 -36.01 0.68
N ASN C 247 38.31 -35.27 0.67
CA ASN C 247 37.53 -35.00 1.85
C ASN C 247 36.99 -36.32 2.39
N LEU C 248 36.79 -37.26 1.49
CA LEU C 248 36.24 -38.52 1.80
C LEU C 248 37.20 -39.67 1.91
N ILE C 249 38.09 -39.78 0.94
CA ILE C 249 39.04 -40.85 0.86
C ILE C 249 40.47 -40.32 0.72
N PRO C 250 40.96 -39.63 1.72
CA PRO C 250 42.25 -38.97 1.60
C PRO C 250 43.45 -39.92 1.33
N GLY C 251 43.45 -41.10 1.96
CA GLY C 251 44.52 -42.08 1.77
C GLY C 251 44.61 -42.58 0.33
N LEU C 252 43.46 -42.90 -0.24
CA LEU C 252 43.39 -43.36 -1.63
C LEU C 252 43.79 -42.27 -2.63
N MET C 253 43.38 -41.04 -2.36
CA MET C 253 43.75 -39.94 -3.19
C MET C 253 45.25 -39.67 -3.20
N ARG C 254 45.87 -39.83 -2.05
CA ARG C 254 47.30 -39.73 -1.85
C ARG C 254 48.09 -40.76 -2.65
N GLN C 255 47.64 -41.97 -2.53
CA GLN C 255 48.17 -43.06 -3.23
C GLN C 255 48.09 -42.84 -4.71
N LEU C 256 47.10 -42.11 -5.14
CA LEU C 256 46.89 -41.93 -6.52
C LEU C 256 47.77 -40.83 -7.09
N LEU C 257 48.37 -40.05 -6.24
CA LEU C 257 49.24 -38.99 -6.65
C LEU C 257 50.70 -39.23 -6.27
N PHE C 258 50.94 -40.23 -5.46
CA PHE C 258 52.30 -40.47 -4.95
C PHE C 258 52.93 -41.79 -5.39
N LYS C 259 52.14 -42.67 -6.01
CA LYS C 259 52.60 -44.05 -6.23
C LYS C 259 52.69 -44.49 -7.70
N GLY C 260 52.80 -43.52 -8.61
CA GLY C 260 52.91 -43.80 -10.03
C GLY C 260 51.57 -44.18 -10.63
N LYS C 261 51.53 -44.40 -11.91
CA LYS C 261 50.32 -44.78 -12.60
C LYS C 261 49.64 -46.03 -12.06
N ASN C 262 48.35 -45.96 -11.89
CA ASN C 262 47.58 -47.05 -11.42
C ASN C 262 46.18 -46.92 -11.93
N PRO C 263 45.95 -47.36 -13.15
CA PRO C 263 44.67 -47.17 -13.80
C PRO C 263 43.55 -47.87 -13.08
N SER C 264 43.92 -48.92 -12.40
CA SER C 264 43.06 -49.83 -11.67
C SER C 264 42.48 -49.20 -10.39
N LEU C 265 43.33 -48.52 -9.62
CA LEU C 265 42.85 -47.75 -8.47
C LEU C 265 42.04 -46.53 -8.94
N ASN C 266 42.47 -45.91 -10.03
CA ASN C 266 41.73 -44.79 -10.61
C ASN C 266 40.30 -45.19 -10.97
N ALA C 267 40.15 -46.33 -11.62
CA ALA C 267 38.82 -46.84 -12.00
C ALA C 267 38.00 -47.19 -10.76
N LYS C 268 38.69 -47.56 -9.69
CA LYS C 268 38.07 -47.94 -8.41
C LYS C 268 37.37 -46.76 -7.70
N ILE C 269 37.96 -45.56 -7.76
CA ILE C 269 37.37 -44.38 -7.14
C ILE C 269 36.31 -43.69 -8.01
N MET C 270 36.24 -44.07 -9.28
CA MET C 270 35.41 -43.34 -10.24
C MET C 270 33.90 -43.31 -9.92
N PRO C 271 33.32 -44.38 -9.43
CA PRO C 271 31.93 -44.32 -9.02
C PRO C 271 31.66 -43.36 -7.88
N LEU C 272 32.55 -43.18 -6.96
CA LEU C 272 32.41 -42.21 -5.92
C LEU C 272 32.44 -40.80 -6.46
N VAL C 273 33.44 -40.54 -7.27
CA VAL C 273 33.64 -39.30 -7.96
C VAL C 273 32.43 -38.92 -8.79
N ASN C 274 31.93 -39.82 -9.59
CA ASN C 274 30.72 -39.54 -10.37
C ASN C 274 29.56 -39.15 -9.48
N TRP C 275 29.32 -39.96 -8.45
CA TRP C 275 28.25 -39.70 -7.50
C TRP C 275 28.37 -38.32 -6.88
N LEU C 276 29.60 -37.91 -6.55
CA LEU C 276 29.85 -36.61 -5.95
C LEU C 276 29.46 -35.39 -6.83
N PHE C 277 29.34 -35.60 -8.15
CA PHE C 277 29.20 -34.49 -9.09
C PHE C 277 27.96 -34.55 -10.01
N GLU C 278 27.02 -35.44 -9.69
CA GLU C 278 25.72 -35.47 -10.39
C GLU C 278 24.96 -34.17 -10.12
N GLU C 279 24.87 -33.79 -8.85
CA GLU C 279 24.43 -32.44 -8.48
C GLU C 279 25.67 -31.57 -8.25
N PRO C 280 25.53 -30.24 -8.37
CA PRO C 280 26.71 -29.40 -8.17
C PRO C 280 27.35 -29.61 -6.82
N ASN C 281 28.66 -29.84 -6.82
CA ASN C 281 29.46 -29.80 -5.62
C ASN C 281 29.25 -28.47 -4.90
N PRO C 282 29.11 -28.48 -3.54
CA PRO C 282 29.32 -29.58 -2.60
C PRO C 282 28.08 -30.31 -2.06
N ILE C 283 26.98 -30.29 -2.81
CA ILE C 283 25.77 -30.98 -2.37
C ILE C 283 26.05 -32.45 -2.02
N GLY C 284 26.67 -33.18 -2.92
CA GLY C 284 27.00 -34.55 -2.69
C GLY C 284 27.91 -34.87 -1.54
N LEU C 285 28.95 -34.07 -1.41
CA LEU C 285 29.88 -34.13 -0.33
C LEU C 285 29.24 -33.85 1.02
N ASN C 286 28.40 -32.85 1.07
CA ASN C 286 27.76 -32.45 2.29
C ASN C 286 26.95 -33.61 2.78
N THR C 287 26.30 -34.29 1.87
CA THR C 287 25.49 -35.44 2.14
C THR C 287 26.29 -36.67 2.58
N ALA C 288 27.36 -36.96 1.89
CA ALA C 288 28.22 -38.06 2.17
C ALA C 288 28.90 -37.96 3.50
N LEU C 289 29.32 -36.79 3.88
CA LEU C 289 30.01 -36.63 5.13
C LEU C 289 29.05 -36.80 6.31
N ALA C 290 27.81 -36.41 6.09
CA ALA C 290 26.78 -36.57 7.11
C ALA C 290 26.47 -38.06 7.27
N GLN C 291 26.34 -38.78 6.15
CA GLN C 291 26.13 -40.23 6.17
C GLN C 291 27.26 -40.98 6.88
N LEU C 292 28.47 -40.42 6.85
CA LEU C 292 29.62 -41.03 7.52
C LEU C 292 29.69 -40.65 9.00
N GLY C 293 28.88 -39.68 9.42
CA GLY C 293 28.79 -39.29 10.82
C GLY C 293 29.90 -38.35 11.30
N VAL C 294 30.70 -37.88 10.37
CA VAL C 294 31.77 -36.93 10.67
C VAL C 294 31.35 -35.49 10.68
N VAL C 295 30.22 -35.17 10.10
CA VAL C 295 29.58 -33.89 10.24
C VAL C 295 28.11 -34.03 10.53
N ARG C 296 27.54 -33.04 11.17
CA ARG C 296 26.11 -32.91 11.34
C ARG C 296 25.38 -32.67 10.02
N PRO C 297 24.20 -33.22 9.88
CA PRO C 297 23.48 -33.09 8.61
C PRO C 297 22.76 -31.72 8.49
N VAL C 298 23.55 -30.65 8.53
CA VAL C 298 23.04 -29.28 8.46
C VAL C 298 23.54 -28.66 7.17
N PHE C 299 22.63 -28.08 6.40
CA PHE C 299 22.94 -27.43 5.14
C PHE C 299 22.62 -25.95 5.24
N ARG C 300 23.54 -25.09 4.80
CA ARG C 300 23.20 -23.69 4.55
C ARG C 300 22.58 -23.57 3.16
N LEU C 301 21.47 -22.84 3.06
CA LEU C 301 20.85 -22.63 1.75
C LEU C 301 21.74 -21.72 0.90
N PRO C 302 21.74 -21.91 -0.44
CA PRO C 302 20.79 -22.66 -1.28
C PRO C 302 21.09 -24.14 -1.51
N TYR C 303 21.98 -24.72 -0.71
CA TYR C 303 22.30 -26.13 -0.87
C TYR C 303 21.31 -27.01 -0.13
N VAL C 304 21.00 -28.14 -0.76
CA VAL C 304 19.94 -29.04 -0.33
C VAL C 304 20.42 -30.48 -0.53
N PRO C 305 20.25 -31.36 0.49
CA PRO C 305 20.79 -32.72 0.44
C PRO C 305 20.26 -33.58 -0.71
N LEU C 306 21.02 -34.62 -1.03
CA LEU C 306 20.63 -35.61 -2.03
C LEU C 306 19.50 -36.49 -1.48
N PRO C 307 18.57 -36.92 -2.36
CA PRO C 307 17.44 -37.77 -1.93
C PRO C 307 17.83 -39.18 -1.46
N LEU C 308 16.87 -39.86 -0.84
CA LEU C 308 17.06 -41.19 -0.26
C LEU C 308 17.77 -42.18 -1.20
N ALA C 309 17.28 -42.31 -2.42
CA ALA C 309 17.81 -43.29 -3.38
C ALA C 309 19.31 -43.09 -3.60
N LYS C 310 19.73 -41.82 -3.69
CA LYS C 310 21.14 -41.46 -3.87
C LYS C 310 21.97 -41.73 -2.64
N ARG C 311 21.39 -41.54 -1.46
CA ARG C 311 22.08 -41.87 -0.22
C ARG C 311 22.27 -43.38 -0.03
N VAL C 312 21.37 -44.17 -0.59
CA VAL C 312 21.46 -45.62 -0.57
C VAL C 312 22.62 -46.03 -1.48
N GLU C 313 22.67 -45.39 -2.65
CA GLU C 313 23.74 -45.57 -3.62
C GLU C 313 25.12 -45.34 -3.00
N PHE C 314 25.23 -44.31 -2.14
CA PHE C 314 26.48 -43.98 -1.46
C PHE C 314 26.91 -45.07 -0.48
N VAL C 315 25.94 -45.63 0.23
CA VAL C 315 26.19 -46.77 1.12
C VAL C 315 26.82 -47.94 0.33
N ASN C 316 26.27 -48.25 -0.84
CA ASN C 316 26.81 -49.31 -1.69
C ASN C 316 28.19 -48.97 -2.23
N ILE C 317 28.39 -47.70 -2.56
CA ILE C 317 29.68 -47.19 -3.02
C ILE C 317 30.74 -47.37 -1.94
N VAL C 318 30.37 -47.06 -0.71
CA VAL C 318 31.25 -47.24 0.44
C VAL C 318 31.55 -48.72 0.66
N LYS C 319 30.53 -49.56 0.56
CA LYS C 319 30.70 -50.99 0.73
C LYS C 319 31.70 -51.52 -0.30
N GLU C 320 31.53 -51.09 -1.55
CA GLU C 320 32.38 -51.54 -2.65
C GLU C 320 33.86 -51.14 -2.47
N ILE C 321 34.12 -49.91 -2.02
CA ILE C 321 35.47 -49.43 -1.81
C ILE C 321 36.04 -49.93 -0.47
N GLY C 322 35.19 -50.09 0.50
CA GLY C 322 35.62 -50.35 1.83
C GLY C 322 35.58 -49.15 2.70
N ARG C 323 34.89 -49.31 3.80
CA ARG C 323 34.60 -48.25 4.70
C ARG C 323 35.81 -47.81 5.44
N GLU C 324 36.76 -48.69 5.58
CA GLU C 324 38.04 -48.37 6.23
C GLU C 324 38.83 -47.31 5.44
N ASN C 325 38.50 -47.14 4.17
CA ASN C 325 39.14 -46.11 3.33
C ASN C 325 38.56 -44.72 3.49
N PHE C 326 37.38 -44.62 4.11
CA PHE C 326 36.70 -43.34 4.32
C PHE C 326 36.98 -42.76 5.70
N VAL C 327 36.90 -41.42 5.78
CA VAL C 327 37.13 -40.71 7.03
C VAL C 327 36.16 -41.14 8.14
N GLY C 328 36.64 -41.10 9.38
CA GLY C 328 35.80 -41.40 10.54
C GLY C 328 35.70 -42.89 10.84
N GLU C 329 35.08 -43.21 11.98
CA GLU C 329 34.99 -44.58 12.44
C GLU C 329 33.58 -45.13 12.65
N LYS C 330 32.57 -44.27 12.53
CA LYS C 330 31.17 -44.71 12.67
C LYS C 330 30.68 -45.43 11.43
N ASP C 331 29.78 -46.41 11.62
CA ASP C 331 29.15 -47.11 10.50
C ASP C 331 28.41 -46.09 9.63
N VAL C 332 28.46 -46.26 8.33
CA VAL C 332 27.70 -45.44 7.40
C VAL C 332 26.20 -45.61 7.52
N LYS C 333 25.50 -44.49 7.51
CA LYS C 333 24.08 -44.49 7.58
C LYS C 333 23.48 -43.99 6.31
N VAL C 334 22.25 -44.34 6.07
CA VAL C 334 21.50 -43.80 4.97
C VAL C 334 20.97 -42.41 5.32
N LEU C 335 20.53 -42.26 6.56
CA LEU C 335 19.83 -41.11 7.09
C LEU C 335 18.40 -40.98 6.65
N ASP C 336 17.56 -40.44 7.50
CA ASP C 336 16.22 -40.10 7.14
C ASP C 336 16.15 -38.72 6.54
N ASP C 337 15.19 -38.47 5.67
CA ASP C 337 14.96 -37.11 5.15
C ASP C 337 14.83 -36.10 6.28
N ASP C 338 14.18 -36.50 7.37
CA ASP C 338 13.89 -35.63 8.50
C ASP C 338 15.09 -35.33 9.39
N ASP C 339 16.19 -36.07 9.20
CA ASP C 339 17.45 -35.79 9.90
C ASP C 339 18.13 -34.50 9.42
N PHE C 340 17.77 -34.03 8.23
CA PHE C 340 18.43 -32.86 7.63
C PHE C 340 17.82 -31.52 8.03
N ILE C 341 18.70 -30.61 8.44
CA ILE C 341 18.30 -29.25 8.79
C ILE C 341 18.76 -28.27 7.71
N LEU C 342 17.81 -27.50 7.16
CA LEU C 342 18.11 -26.49 6.14
C LEU C 342 18.04 -25.11 6.77
N VAL C 343 19.14 -24.34 6.69
CA VAL C 343 19.20 -23.03 7.34
C VAL C 343 19.40 -21.88 6.36
N GLY C 344 18.51 -20.89 6.44
CA GLY C 344 18.55 -19.70 5.59
C GLY C 344 18.92 -18.42 6.33
N ARG C 345 18.56 -18.35 7.60
CA ARG C 345 19.00 -17.26 8.49
C ARG C 345 19.90 -17.85 9.54
N TYR C 346 21.12 -17.33 9.66
CA TYR C 346 22.09 -17.88 10.62
C TYR C 346 23.16 -16.87 11.02
N THR D 39 3.40 -2.84 -1.69
CA THR D 39 3.55 -2.82 -3.14
C THR D 39 2.91 -3.99 -3.85
N SER D 40 2.63 -3.88 -5.11
CA SER D 40 1.98 -4.97 -5.79
C SER D 40 2.77 -5.37 -6.99
N VAL D 41 2.63 -6.59 -7.41
CA VAL D 41 3.21 -7.02 -8.68
C VAL D 41 2.68 -6.18 -9.84
N ASP D 42 1.45 -5.68 -9.68
CA ASP D 42 0.79 -4.89 -10.72
C ASP D 42 1.42 -3.53 -10.96
N ASP D 43 2.11 -3.00 -9.95
CA ASP D 43 2.88 -1.76 -10.12
C ASP D 43 4.11 -1.93 -11.02
N ILE D 44 4.44 -3.18 -11.35
CA ILE D 44 5.66 -3.56 -12.05
C ILE D 44 5.37 -4.29 -13.38
N LYS D 45 4.36 -5.15 -13.36
CA LYS D 45 4.04 -6.05 -14.48
C LYS D 45 3.70 -5.38 -15.82
N SER D 46 3.46 -4.07 -15.82
CA SER D 46 3.12 -3.39 -17.07
C SER D 46 4.22 -2.50 -17.63
N LEU D 47 5.27 -2.27 -16.90
CA LEU D 47 6.36 -1.43 -17.34
C LEU D 47 7.07 -1.93 -18.58
N ARG D 48 7.27 -1.04 -19.54
CA ARG D 48 7.93 -1.38 -20.76
C ARG D 48 9.41 -1.03 -20.77
N LEU D 49 9.79 0.03 -20.12
CA LEU D 49 11.14 0.51 -20.16
C LEU D 49 11.69 0.69 -18.78
N ILE D 50 12.54 -0.22 -18.39
CA ILE D 50 13.19 -0.17 -17.10
C ILE D 50 14.69 -0.04 -17.37
N THR D 51 15.31 0.92 -16.71
CA THR D 51 16.72 1.19 -16.88
C THR D 51 17.53 0.59 -15.74
N ALA D 52 18.48 -0.26 -16.09
CA ALA D 52 19.45 -0.72 -15.08
C ALA D 52 20.48 0.38 -14.97
N ILE D 53 20.28 1.33 -14.10
CA ILE D 53 21.05 2.54 -14.00
C ILE D 53 22.49 2.35 -13.55
N LYS D 54 23.41 3.09 -14.15
CA LYS D 54 24.76 3.08 -13.72
C LYS D 54 24.95 3.77 -12.38
N THR D 55 25.91 3.30 -11.61
CA THR D 55 26.29 3.93 -10.37
C THR D 55 27.57 4.71 -10.49
N PRO D 56 27.55 6.03 -10.40
CA PRO D 56 28.75 6.85 -10.62
C PRO D 56 29.56 7.06 -9.35
N TYR D 57 30.85 7.39 -9.49
CA TYR D 57 31.72 7.54 -8.32
C TYR D 57 32.48 8.85 -8.24
N LEU D 58 32.79 9.21 -7.00
CA LEU D 58 33.71 10.29 -6.68
C LEU D 58 35.15 9.80 -6.92
N PRO D 59 36.13 10.73 -6.95
CA PRO D 59 37.51 10.30 -7.22
C PRO D 59 38.06 9.22 -6.28
N ASP D 60 37.54 9.12 -5.06
CA ASP D 60 38.06 8.13 -4.09
C ASP D 60 37.26 6.80 -4.07
N GLY D 61 36.33 6.63 -5.01
CA GLY D 61 35.58 5.39 -5.12
C GLY D 61 34.20 5.40 -4.47
N ARG D 62 33.92 6.41 -3.65
CA ARG D 62 32.60 6.53 -3.02
C ARG D 62 31.55 6.91 -4.04
N PHE D 63 30.27 6.63 -3.75
CA PHE D 63 29.16 7.00 -4.61
C PHE D 63 29.10 8.51 -4.83
N ASP D 64 28.85 8.91 -6.08
CA ASP D 64 28.66 10.31 -6.44
C ASP D 64 27.15 10.55 -6.58
N LEU D 65 26.50 10.91 -5.51
CA LEU D 65 25.07 11.08 -5.48
C LEU D 65 24.57 12.21 -6.30
N GLU D 66 25.31 13.29 -6.37
CA GLU D 66 25.00 14.35 -7.27
C GLU D 66 24.90 13.88 -8.72
N ALA D 67 25.89 13.17 -9.20
CA ALA D 67 25.86 12.64 -10.55
C ALA D 67 24.75 11.60 -10.70
N TYR D 68 24.58 10.76 -9.67
CA TYR D 68 23.52 9.76 -9.64
C TYR D 68 22.13 10.37 -9.82
N ASP D 69 21.83 11.40 -9.03
CA ASP D 69 20.54 12.09 -9.09
C ASP D 69 20.25 12.64 -10.49
N ALA D 70 21.26 13.28 -11.07
CA ALA D 70 21.14 13.80 -12.43
C ALA D 70 20.88 12.69 -13.44
N LEU D 71 21.49 11.53 -13.23
CA LEU D 71 21.24 10.37 -14.10
C LEU D 71 19.79 9.89 -14.03
N VAL D 72 19.27 9.72 -12.81
CA VAL D 72 17.88 9.28 -12.64
C VAL D 72 16.93 10.35 -13.15
N ASN D 73 17.24 11.61 -12.87
CA ASN D 73 16.42 12.72 -13.37
C ASN D 73 16.28 12.70 -14.89
N MET D 74 17.37 12.40 -15.59
CA MET D 74 17.35 12.33 -17.06
C MET D 74 16.55 11.14 -17.58
N GLN D 75 16.54 10.04 -16.83
CA GLN D 75 15.69 8.89 -17.15
C GLN D 75 14.22 9.25 -17.03
N ILE D 76 13.89 9.99 -15.97
CA ILE D 76 12.53 10.43 -15.71
C ILE D 76 12.07 11.36 -16.83
N VAL D 77 12.91 12.34 -17.18
CA VAL D 77 12.64 13.31 -18.25
C VAL D 77 12.36 12.65 -19.62
N ASP D 78 13.10 11.59 -19.95
CA ASP D 78 12.89 10.89 -21.21
C ASP D 78 11.91 9.71 -21.12
N GLY D 79 11.25 9.57 -19.97
CA GLY D 79 10.14 8.64 -19.82
C GLY D 79 10.43 7.18 -19.51
N ALA D 80 11.56 6.91 -18.88
CA ALA D 80 11.82 5.60 -18.30
C ALA D 80 10.79 5.36 -17.19
N GLU D 81 10.18 4.17 -17.18
CA GLU D 81 9.12 3.89 -16.23
C GLU D 81 9.65 3.27 -14.93
N GLY D 82 10.79 2.61 -15.02
CA GLY D 82 11.39 1.96 -13.86
C GLY D 82 12.91 2.06 -13.85
N VAL D 83 13.50 1.75 -12.71
CA VAL D 83 14.93 1.71 -12.57
C VAL D 83 15.35 0.51 -11.70
N ILE D 84 16.44 -0.16 -12.09
CA ILE D 84 17.06 -1.19 -11.25
C ILE D 84 18.21 -0.54 -10.52
N VAL D 85 18.20 -0.65 -9.19
CA VAL D 85 19.25 -0.05 -8.37
C VAL D 85 20.31 -1.08 -7.97
N GLY D 86 21.51 -0.91 -8.50
CA GLY D 86 22.63 -1.82 -8.25
C GLY D 86 22.48 -3.20 -8.88
N GLY D 87 21.95 -3.23 -10.09
CA GLY D 87 22.01 -4.44 -10.91
C GLY D 87 23.42 -4.65 -11.44
N THR D 88 23.61 -5.57 -12.34
CA THR D 88 24.88 -5.74 -13.00
C THR D 88 25.47 -4.47 -13.62
N THR D 89 24.65 -3.77 -14.38
CA THR D 89 24.97 -2.48 -14.95
C THR D 89 25.30 -1.46 -13.88
N GLY D 90 24.61 -1.51 -12.78
CA GLY D 90 24.90 -0.68 -11.65
C GLY D 90 26.00 -1.08 -10.72
N GLU D 91 26.63 -2.18 -11.05
CA GLU D 91 27.76 -2.67 -10.26
C GLU D 91 27.39 -3.00 -8.80
N GLY D 92 26.24 -3.60 -8.58
CA GLY D 92 25.86 -4.05 -7.28
C GLY D 92 26.82 -5.04 -6.68
N GLN D 93 27.43 -5.84 -7.52
CA GLN D 93 28.46 -6.77 -7.20
C GLN D 93 29.65 -6.15 -6.49
N LEU D 94 29.91 -4.89 -6.72
CA LEU D 94 31.00 -4.19 -6.10
C LEU D 94 30.59 -3.38 -4.89
N MET D 95 29.35 -3.41 -4.51
CA MET D 95 28.90 -2.73 -3.32
C MET D 95 28.96 -3.53 -2.07
N SER D 96 29.16 -2.84 -0.98
CA SER D 96 28.86 -3.45 0.30
C SER D 96 27.35 -3.35 0.48
N TRP D 97 26.79 -4.25 1.28
CA TRP D 97 25.34 -4.24 1.49
C TRP D 97 24.80 -2.93 2.02
N ASP D 98 25.55 -2.27 2.90
CA ASP D 98 25.11 -1.00 3.46
C ASP D 98 25.03 0.13 2.44
N GLU D 99 25.97 0.15 1.49
CA GLU D 99 25.91 1.05 0.34
C GLU D 99 24.69 0.79 -0.53
N HIS D 100 24.46 -0.50 -0.82
CA HIS D 100 23.43 -0.91 -1.74
C HIS D 100 22.06 -0.50 -1.22
N ILE D 101 21.80 -0.82 0.06
CA ILE D 101 20.56 -0.49 0.73
C ILE D 101 20.40 1.02 0.82
N MET D 102 21.46 1.70 1.15
CA MET D 102 21.47 3.12 1.17
C MET D 102 21.09 3.76 -0.16
N LEU D 103 21.57 3.20 -1.26
CA LEU D 103 21.28 3.67 -2.56
C LEU D 103 19.84 3.43 -2.99
N ILE D 104 19.31 2.26 -2.68
CA ILE D 104 17.93 1.96 -2.89
C ILE D 104 17.06 2.91 -2.08
N GLY D 105 17.43 3.11 -0.83
CA GLY D 105 16.71 4.03 0.04
C GLY D 105 16.73 5.45 -0.50
N HIS D 106 17.91 5.89 -0.97
CA HIS D 106 18.07 7.23 -1.52
C HIS D 106 17.17 7.43 -2.75
N THR D 107 17.16 6.43 -3.63
CA THR D 107 16.41 6.45 -4.88
C THR D 107 14.91 6.47 -4.64
N VAL D 108 14.43 5.61 -3.73
CA VAL D 108 13.02 5.60 -3.33
C VAL D 108 12.63 6.97 -2.76
N ASN D 109 13.45 7.49 -1.86
CA ASN D 109 13.14 8.77 -1.25
C ASN D 109 13.07 9.93 -2.23
N CYS D 110 13.99 9.98 -3.20
CA CYS D 110 14.05 11.14 -4.10
C CYS D 110 13.19 11.00 -5.35
N PHE D 111 12.92 9.77 -5.76
CA PHE D 111 12.32 9.54 -7.07
C PHE D 111 11.17 8.55 -7.10
N GLY D 112 10.90 7.91 -5.95
CA GLY D 112 9.86 6.87 -5.82
C GLY D 112 8.48 7.25 -6.33
N GLY D 113 8.18 8.55 -6.33
CA GLY D 113 6.90 9.03 -6.86
C GLY D 113 6.85 9.21 -8.37
N SER D 114 8.01 9.27 -9.01
CA SER D 114 8.11 9.54 -10.45
C SER D 114 8.51 8.32 -11.30
N ILE D 115 9.07 7.31 -10.63
CA ILE D 115 9.62 6.13 -11.30
C ILE D 115 9.56 4.95 -10.34
N LYS D 116 9.27 3.76 -10.86
CA LYS D 116 9.27 2.56 -10.01
C LYS D 116 10.71 2.14 -9.73
N VAL D 117 10.95 1.72 -8.49
CA VAL D 117 12.30 1.43 -8.03
C VAL D 117 12.44 -0.05 -7.67
N ILE D 118 13.26 -0.74 -8.44
CA ILE D 118 13.50 -2.14 -8.19
C ILE D 118 14.91 -2.30 -7.62
N GLY D 119 14.99 -2.78 -6.39
CA GLY D 119 16.28 -3.05 -5.76
C GLY D 119 16.82 -4.41 -6.14
N ASN D 120 18.09 -4.45 -6.54
CA ASN D 120 18.76 -5.72 -6.76
C ASN D 120 19.27 -6.26 -5.43
N THR D 121 18.46 -7.10 -4.79
CA THR D 121 18.81 -7.61 -3.49
C THR D 121 19.08 -9.11 -3.60
N GLY D 122 19.32 -9.56 -4.82
CA GLY D 122 19.66 -10.94 -5.09
C GLY D 122 21.09 -11.28 -4.72
N SER D 123 21.36 -12.56 -4.49
CA SER D 123 22.66 -13.01 -4.04
C SER D 123 22.83 -14.50 -4.32
N ASN D 124 24.08 -14.95 -4.40
CA ASN D 124 24.34 -16.39 -4.44
C ASN D 124 24.18 -17.03 -3.06
N SER D 125 24.10 -16.18 -2.04
CA SER D 125 23.89 -16.63 -0.66
C SER D 125 22.44 -16.34 -0.24
N THR D 126 21.69 -17.37 0.06
CA THR D 126 20.35 -17.23 0.56
C THR D 126 20.24 -16.34 1.76
N ARG D 127 21.12 -16.48 2.71
CA ARG D 127 21.16 -15.58 3.80
C ARG D 127 21.32 -14.08 3.48
N GLU D 128 22.26 -13.75 2.62
CA GLU D 128 22.42 -12.43 2.07
C GLU D 128 21.15 -11.98 1.34
N ALA D 129 20.55 -12.83 0.55
CA ALA D 129 19.36 -12.49 -0.21
C ALA D 129 18.16 -12.19 0.70
N ILE D 130 17.98 -13.02 1.73
CA ILE D 130 16.93 -12.80 2.72
C ILE D 130 17.10 -11.44 3.39
N HIS D 131 18.29 -11.21 3.96
CA HIS D 131 18.62 -10.00 4.71
CA HIS D 131 18.58 -9.99 4.71
C HIS D 131 18.44 -8.72 3.85
N ALA D 132 19.04 -8.73 2.67
CA ALA D 132 19.01 -7.57 1.79
C ALA D 132 17.62 -7.23 1.28
N THR D 133 16.84 -8.27 0.94
CA THR D 133 15.48 -8.06 0.44
C THR D 133 14.54 -7.49 1.52
N GLU D 134 14.70 -7.93 2.78
CA GLU D 134 13.90 -7.39 3.91
C GLU D 134 14.20 -5.91 4.10
N GLN D 135 15.48 -5.57 4.04
CA GLN D 135 15.89 -4.20 4.23
C GLN D 135 15.46 -3.30 3.08
N GLY D 136 15.51 -3.84 1.86
CA GLY D 136 15.14 -3.10 0.67
C GLY D 136 13.67 -2.73 0.63
N PHE D 137 12.81 -3.69 1.00
CA PHE D 137 11.38 -3.39 1.11
C PHE D 137 11.08 -2.45 2.26
N ALA D 138 11.86 -2.56 3.33
CA ALA D 138 11.72 -1.68 4.49
C ALA D 138 12.06 -0.22 4.16
N VAL D 139 13.00 0.01 3.24
CA VAL D 139 13.26 1.39 2.78
C VAL D 139 12.37 1.79 1.60
N GLY D 140 11.48 0.88 1.19
CA GLY D 140 10.36 1.24 0.34
C GLY D 140 10.45 0.96 -1.15
N MET D 141 11.31 0.02 -1.56
CA MET D 141 11.37 -0.35 -2.97
C MET D 141 10.07 -1.02 -3.43
N HIS D 142 9.79 -0.95 -4.72
CA HIS D 142 8.56 -1.52 -5.28
C HIS D 142 8.71 -3.00 -5.58
N ALA D 143 9.95 -3.44 -5.78
CA ALA D 143 10.22 -4.82 -6.16
C ALA D 143 11.68 -5.19 -5.97
N ALA D 144 11.94 -6.49 -5.94
CA ALA D 144 13.29 -7.02 -5.83
C ALA D 144 13.65 -7.75 -7.12
N LEU D 145 14.87 -7.54 -7.62
CA LEU D 145 15.42 -8.37 -8.68
C LEU D 145 16.18 -9.53 -8.05
N HIS D 146 15.88 -10.75 -8.48
CA HIS D 146 16.52 -11.94 -7.91
C HIS D 146 17.13 -12.88 -8.92
N ILE D 147 18.45 -12.92 -8.90
CA ILE D 147 19.24 -13.83 -9.72
C ILE D 147 19.31 -15.20 -9.04
N ASN D 148 19.50 -16.26 -9.84
CA ASN D 148 19.87 -17.57 -9.28
C ASN D 148 21.32 -17.53 -8.77
N PRO D 149 21.66 -18.39 -7.80
CA PRO D 149 23.01 -18.36 -7.25
C PRO D 149 24.11 -18.59 -8.30
N TYR D 150 24.89 -17.54 -8.55
CA TYR D 150 26.04 -17.58 -9.46
C TYR D 150 27.26 -18.13 -8.70
N TYR D 151 28.19 -18.72 -9.44
CA TYR D 151 29.43 -19.30 -8.88
C TYR D 151 29.19 -20.55 -8.02
N GLY D 152 28.62 -20.37 -6.83
CA GLY D 152 28.15 -21.48 -5.99
C GLY D 152 26.85 -22.07 -6.53
N LYS D 153 26.94 -22.69 -7.69
CA LYS D 153 25.81 -23.32 -8.36
C LYS D 153 25.11 -24.32 -7.42
N THR D 154 23.78 -24.35 -7.47
CA THR D 154 23.01 -25.32 -6.68
C THR D 154 22.09 -26.15 -7.56
N SER D 155 21.45 -27.14 -6.96
CA SER D 155 20.55 -28.02 -7.69
C SER D 155 19.24 -27.29 -8.02
N LEU D 156 18.45 -27.86 -8.92
CA LEU D 156 17.14 -27.33 -9.25
C LEU D 156 16.24 -27.22 -8.02
N GLU D 157 16.26 -28.26 -7.20
CA GLU D 157 15.57 -28.25 -5.90
C GLU D 157 16.09 -27.13 -4.99
N GLY D 158 17.41 -26.94 -4.97
CA GLY D 158 18.03 -25.87 -4.19
C GLY D 158 17.62 -24.49 -4.67
N LEU D 159 17.41 -24.36 -5.97
CA LEU D 159 16.95 -23.12 -6.59
C LEU D 159 15.57 -22.70 -6.09
N VAL D 160 14.62 -23.62 -6.17
CA VAL D 160 13.28 -23.41 -5.64
C VAL D 160 13.34 -22.91 -4.19
N SER D 161 14.15 -23.58 -3.36
CA SER D 161 14.32 -23.23 -1.95
C SER D 161 14.86 -21.83 -1.80
N HIS D 162 15.82 -21.47 -2.64
CA HIS D 162 16.42 -20.14 -2.64
C HIS D 162 15.36 -19.08 -2.97
N PHE D 163 14.62 -19.30 -4.05
CA PHE D 163 13.61 -18.35 -4.48
C PHE D 163 12.42 -18.25 -3.52
N GLU D 164 12.01 -19.39 -2.98
CA GLU D 164 10.86 -19.41 -2.08
C GLU D 164 11.19 -18.78 -0.73
N SER D 165 12.47 -18.50 -0.48
CA SER D 165 12.90 -17.77 0.72
C SER D 165 12.71 -16.26 0.60
N VAL D 166 12.71 -15.75 -0.63
CA VAL D 166 12.57 -14.31 -0.85
C VAL D 166 11.25 -13.87 -1.47
N LEU D 167 10.60 -14.75 -2.23
CA LEU D 167 9.30 -14.45 -2.83
C LEU D 167 8.21 -13.92 -1.88
N PRO D 168 8.03 -14.54 -0.68
CA PRO D 168 6.96 -14.05 0.21
C PRO D 168 7.13 -12.60 0.65
N MET D 169 8.30 -12.03 0.40
CA MET D 169 8.63 -10.72 0.92
C MET D 169 8.13 -9.55 0.07
N GLY D 170 7.77 -9.83 -1.18
CA GLY D 170 7.25 -8.79 -2.06
C GLY D 170 7.44 -9.09 -3.53
N PRO D 171 6.99 -8.18 -4.40
CA PRO D 171 7.08 -8.35 -5.85
C PRO D 171 8.51 -8.64 -6.26
N THR D 172 8.69 -9.64 -7.12
CA THR D 172 10.00 -10.16 -7.43
C THR D 172 10.11 -10.37 -8.93
N VAL D 173 11.22 -9.91 -9.50
CA VAL D 173 11.59 -10.27 -10.87
C VAL D 173 12.73 -11.27 -10.78
N ILE D 174 12.54 -12.43 -11.39
CA ILE D 174 13.60 -13.43 -11.42
C ILE D 174 14.51 -13.19 -12.61
N TYR D 175 15.81 -13.30 -12.36
CA TYR D 175 16.85 -12.85 -13.30
C TYR D 175 17.67 -14.04 -13.83
N ASN D 176 17.52 -14.32 -15.11
CA ASN D 176 18.26 -15.42 -15.74
C ASN D 176 19.32 -14.91 -16.71
N VAL D 177 20.58 -15.10 -16.34
CA VAL D 177 21.71 -14.71 -17.18
C VAL D 177 22.85 -15.74 -17.05
N PRO D 178 22.71 -16.91 -17.73
CA PRO D 178 23.65 -18.03 -17.57
C PRO D 178 25.07 -17.77 -18.07
N SER D 179 25.23 -16.80 -18.98
CA SER D 179 26.56 -16.42 -19.46
C SER D 179 27.38 -15.79 -18.33
N ARG D 180 26.69 -15.37 -17.27
CA ARG D 180 27.33 -14.75 -16.10
C ARG D 180 27.27 -15.65 -14.87
N THR D 181 26.20 -16.45 -14.76
CA THR D 181 25.98 -17.25 -13.56
C THR D 181 26.53 -18.67 -13.65
N GLY D 182 26.71 -19.17 -14.88
CA GLY D 182 27.11 -20.57 -15.09
C GLY D 182 25.92 -21.53 -15.14
N GLN D 183 24.74 -21.04 -14.80
CA GLN D 183 23.56 -21.87 -14.72
C GLN D 183 22.32 -21.22 -15.33
N ASP D 184 21.75 -21.92 -16.30
CA ASP D 184 20.49 -21.55 -16.93
C ASP D 184 19.32 -21.98 -16.06
N ILE D 185 18.47 -21.04 -15.66
CA ILE D 185 17.26 -21.37 -14.91
C ILE D 185 16.26 -21.96 -15.90
N PRO D 186 15.93 -23.26 -15.76
CA PRO D 186 15.00 -23.88 -16.70
C PRO D 186 13.56 -23.39 -16.50
N PRO D 187 12.72 -23.49 -17.54
CA PRO D 187 11.29 -23.14 -17.44
C PRO D 187 10.57 -23.86 -16.30
N GLY D 188 10.90 -25.13 -16.08
CA GLY D 188 10.34 -25.90 -14.96
C GLY D 188 10.44 -25.20 -13.61
N VAL D 189 11.59 -24.60 -13.34
CA VAL D 189 11.79 -23.83 -12.11
C VAL D 189 10.95 -22.56 -12.07
N ILE D 190 10.92 -21.84 -13.19
CA ILE D 190 10.10 -20.63 -13.30
C ILE D 190 8.63 -20.96 -13.04
N HIS D 191 8.15 -22.04 -13.65
CA HIS D 191 6.76 -22.44 -13.47
C HIS D 191 6.43 -22.86 -12.05
N THR D 192 7.40 -23.49 -11.38
CA THR D 192 7.25 -23.82 -9.97
C THR D 192 7.11 -22.54 -9.14
N VAL D 193 7.99 -21.57 -9.35
CA VAL D 193 7.95 -20.36 -8.54
C VAL D 193 6.83 -19.39 -8.94
N ALA D 194 6.31 -19.53 -10.15
CA ALA D 194 5.17 -18.75 -10.57
C ALA D 194 3.89 -19.07 -9.80
N GLN D 195 3.90 -20.08 -8.97
CA GLN D 195 2.83 -20.28 -8.03
C GLN D 195 2.71 -19.17 -7.00
N SER D 196 3.79 -18.46 -6.73
CA SER D 196 3.78 -17.29 -5.88
C SER D 196 3.07 -16.16 -6.55
N ALA D 197 2.11 -15.60 -5.85
CA ALA D 197 1.46 -14.36 -6.30
C ALA D 197 2.45 -13.19 -6.43
N ASN D 198 3.62 -13.33 -5.78
CA ASN D 198 4.67 -12.29 -5.81
C ASN D 198 5.64 -12.32 -6.99
N LEU D 199 5.56 -13.34 -7.84
CA LEU D 199 6.41 -13.36 -9.04
C LEU D 199 5.89 -12.38 -10.07
N ALA D 200 6.60 -11.27 -10.25
CA ALA D 200 6.19 -10.26 -11.21
C ALA D 200 6.45 -10.75 -12.62
N GLY D 201 7.54 -11.47 -12.79
CA GLY D 201 7.94 -11.94 -14.11
C GLY D 201 9.43 -12.17 -14.20
N VAL D 202 9.89 -12.44 -15.41
CA VAL D 202 11.29 -12.81 -15.64
C VAL D 202 12.01 -11.76 -16.46
N GLU D 204 14.85 -11.99 -18.69
CA GLU D 204 15.42 -13.04 -19.48
C GLU D 204 16.54 -12.65 -20.43
N CYS D 205 17.65 -13.34 -20.39
CA CYS D 205 18.79 -13.04 -21.25
C CYS D 205 19.21 -14.15 -22.15
N VAL D 206 18.46 -15.22 -22.20
CA VAL D 206 18.79 -16.35 -23.02
C VAL D 206 18.47 -16.16 -24.49
N GLY D 207 17.47 -15.37 -24.81
CA GLY D 207 17.09 -15.08 -26.18
C GLY D 207 15.60 -15.02 -26.37
N ASN D 208 15.17 -14.65 -27.54
CA ASN D 208 13.75 -14.45 -27.81
C ASN D 208 12.90 -15.73 -27.82
N ASP D 209 13.51 -16.84 -28.21
CA ASP D 209 12.79 -18.13 -28.24
C ASP D 209 12.40 -18.54 -26.83
N ARG D 210 13.33 -18.38 -25.89
CA ARG D 210 13.05 -18.62 -24.48
C ARG D 210 11.93 -17.69 -23.99
N ILE D 211 12.03 -16.42 -24.34
CA ILE D 211 11.04 -15.39 -23.97
C ILE D 211 9.62 -15.79 -24.37
N LYS D 212 9.46 -16.20 -25.63
CA LYS D 212 8.16 -16.60 -26.17
C LYS D 212 7.63 -17.84 -25.47
N GLN D 213 8.53 -18.71 -25.03
CA GLN D 213 8.16 -19.90 -24.28
C GLN D 213 7.50 -19.54 -22.95
N TYR D 214 7.86 -18.39 -22.40
CA TYR D 214 7.23 -17.89 -21.17
C TYR D 214 5.98 -17.07 -21.45
N THR D 215 5.99 -16.28 -22.51
CA THR D 215 4.86 -15.40 -22.79
C THR D 215 3.70 -16.12 -23.48
N ASP D 216 3.97 -17.26 -24.11
CA ASP D 216 2.90 -18.13 -24.63
C ASP D 216 2.10 -18.70 -23.46
N ASN D 217 2.77 -18.88 -22.33
CA ASN D 217 2.11 -19.16 -21.07
C ASN D 217 1.79 -17.83 -20.43
N ARG D 218 1.52 -17.81 -19.14
CA ARG D 218 0.96 -16.58 -18.60
C ARG D 218 1.99 -15.69 -17.87
N ILE D 219 3.26 -15.86 -18.26
CA ILE D 219 4.39 -15.24 -17.56
C ILE D 219 4.89 -13.96 -18.24
N VAL D 220 4.99 -12.88 -17.45
CA VAL D 220 5.50 -11.60 -17.92
C VAL D 220 7.03 -11.66 -18.06
N VAL D 221 7.55 -11.11 -19.17
CA VAL D 221 8.98 -11.16 -19.46
C VAL D 221 9.51 -9.81 -19.95
N TRP D 222 10.62 -9.38 -19.37
CA TRP D 222 11.42 -8.31 -19.93
C TRP D 222 12.69 -8.90 -20.51
N SER D 223 13.03 -8.50 -21.74
CA SER D 223 14.29 -8.89 -22.35
C SER D 223 15.42 -8.19 -21.62
N GLY D 224 16.49 -8.93 -21.33
CA GLY D 224 17.71 -8.36 -20.76
C GLY D 224 18.75 -8.01 -21.82
N ASN D 225 18.41 -8.19 -23.09
CA ASN D 225 19.33 -7.97 -24.21
C ASN D 225 18.90 -6.84 -25.13
N ASP D 226 19.63 -5.73 -25.12
CA ASP D 226 19.24 -4.55 -25.90
C ASP D 226 19.15 -4.77 -27.40
N ASP D 227 19.98 -5.69 -27.92
CA ASP D 227 20.03 -5.96 -29.36
C ASP D 227 18.89 -6.88 -29.82
N GLN D 228 18.05 -7.29 -28.86
CA GLN D 228 16.99 -8.25 -29.10
C GLN D 228 15.62 -7.73 -28.65
N CYS D 229 15.62 -6.64 -27.89
CA CYS D 229 14.41 -6.24 -27.15
C CYS D 229 13.26 -5.76 -28.03
N HIS D 230 13.61 -5.00 -29.07
CA HIS D 230 12.64 -4.53 -30.06
CA HIS D 230 12.69 -4.55 -30.11
C HIS D 230 11.80 -5.68 -30.63
N ASP D 231 12.44 -6.73 -31.11
CA ASP D 231 11.74 -7.87 -31.68
C ASP D 231 11.05 -8.66 -30.56
N ALA D 232 11.67 -8.77 -29.40
CA ALA D 232 11.06 -9.38 -28.24
C ALA D 232 9.70 -8.78 -27.90
N LYS D 233 9.65 -7.48 -27.90
CA LYS D 233 8.44 -6.76 -27.66
C LYS D 233 7.43 -6.87 -28.78
N TRP D 234 7.84 -6.77 -30.01
CA TRP D 234 6.89 -6.77 -31.08
C TRP D 234 6.60 -8.11 -31.72
N ASP D 235 7.44 -9.09 -31.55
CA ASP D 235 7.26 -10.42 -32.16
C ASP D 235 7.17 -11.58 -31.16
N TYR D 236 7.66 -11.40 -29.94
CA TYR D 236 7.79 -12.54 -29.01
C TYR D 236 7.03 -12.39 -27.69
N GLY D 237 6.26 -11.31 -27.56
CA GLY D 237 5.36 -11.15 -26.42
C GLY D 237 5.94 -10.50 -25.18
N ALA D 238 7.20 -10.07 -25.24
CA ALA D 238 7.82 -9.42 -24.10
C ALA D 238 7.07 -8.13 -23.73
N THR D 239 6.96 -7.86 -22.43
CA THR D 239 6.32 -6.65 -21.96
C THR D 239 7.24 -5.45 -22.15
N GLY D 240 8.54 -5.69 -22.07
CA GLY D 240 9.50 -4.65 -22.41
C GLY D 240 10.93 -5.05 -22.24
N VAL D 241 11.74 -4.10 -21.81
CA VAL D 241 13.16 -4.31 -21.67
C VAL D 241 13.62 -3.78 -20.32
N ILE D 242 14.53 -4.53 -19.70
CA ILE D 242 15.37 -4.00 -18.64
C ILE D 242 16.72 -3.71 -19.31
N SER D 243 16.98 -2.42 -19.51
CA SER D 243 17.90 -1.93 -20.52
C SER D 243 19.20 -1.35 -19.96
N VAL D 244 20.30 -1.65 -20.65
CA VAL D 244 21.59 -1.00 -20.41
C VAL D 244 21.66 0.30 -21.26
N THR D 245 21.30 0.18 -22.54
CA THR D 245 21.42 1.26 -23.52
C THR D 245 20.59 2.50 -23.18
N SER D 246 19.51 2.33 -22.42
CA SER D 246 18.66 3.44 -22.03
C SER D 246 19.38 4.43 -21.12
N ASN D 247 20.47 3.99 -20.53
CA ASN D 247 21.41 4.82 -19.83
C ASN D 247 22.03 5.90 -20.72
N LEU D 248 22.17 5.66 -22.01
CA LEU D 248 22.69 6.63 -22.93
C LEU D 248 21.66 7.37 -23.75
N ILE D 249 20.70 6.63 -24.26
CA ILE D 249 19.70 7.11 -25.17
C ILE D 249 18.32 6.74 -24.70
N PRO D 250 17.92 7.30 -23.58
CA PRO D 250 16.64 6.90 -22.98
C PRO D 250 15.43 7.22 -23.86
N GLY D 251 15.45 8.38 -24.53
CA GLY D 251 14.33 8.80 -25.38
C GLY D 251 14.13 7.86 -26.55
N LEU D 252 15.22 7.43 -27.17
CA LEU D 252 15.16 6.52 -28.32
C LEU D 252 14.74 5.10 -27.94
N MET D 253 15.14 4.65 -26.79
CA MET D 253 14.70 3.41 -26.25
C MET D 253 13.21 3.37 -25.97
N ARG D 254 12.68 4.47 -25.47
CA ARG D 254 11.30 4.56 -25.16
C ARG D 254 10.49 4.56 -26.42
N GLN D 255 10.99 5.24 -27.43
CA GLN D 255 10.36 5.31 -28.71
C GLN D 255 10.31 3.92 -29.28
N LEU D 256 11.35 3.17 -29.06
CA LEU D 256 11.44 1.84 -29.55
C LEU D 256 10.46 0.88 -28.88
N LEU D 257 10.06 1.19 -27.67
CA LEU D 257 9.20 0.33 -26.91
C LEU D 257 7.74 0.72 -26.94
N PHE D 258 7.47 1.96 -27.30
CA PHE D 258 6.10 2.49 -27.23
C PHE D 258 5.44 2.83 -28.57
N LYS D 259 6.22 3.28 -29.55
CA LYS D 259 5.66 3.82 -30.79
C LYS D 259 5.47 2.80 -31.93
N GLY D 260 5.50 1.51 -31.60
CA GLY D 260 5.29 0.47 -32.61
C GLY D 260 6.56 -0.07 -33.26
N LYS D 261 6.44 -1.14 -33.99
CA LYS D 261 7.51 -1.73 -34.75
C LYS D 261 8.20 -0.69 -35.61
N ASN D 262 9.52 -0.61 -35.50
CA ASN D 262 10.33 0.32 -36.24
C ASN D 262 11.69 -0.24 -36.53
N PRO D 263 11.81 -1.04 -37.56
CA PRO D 263 13.07 -1.67 -37.91
C PRO D 263 14.17 -0.69 -38.26
N SER D 264 13.80 0.42 -38.84
CA SER D 264 14.69 1.52 -39.16
C SER D 264 15.36 2.12 -37.91
N LEU D 265 14.56 2.35 -36.88
CA LEU D 265 15.08 2.90 -35.63
C LEU D 265 15.98 1.86 -34.93
N ASN D 266 15.55 0.61 -34.98
CA ASN D 266 16.30 -0.47 -34.37
C ASN D 266 17.71 -0.59 -34.97
N ALA D 267 17.80 -0.55 -36.30
CA ALA D 267 19.08 -0.61 -36.99
C ALA D 267 19.96 0.61 -36.68
N LYS D 268 19.33 1.76 -36.58
CA LYS D 268 20.01 3.02 -36.25
C LYS D 268 20.79 2.97 -34.94
N ILE D 269 20.27 2.25 -33.95
CA ILE D 269 20.87 2.23 -32.61
C ILE D 269 21.82 1.04 -32.42
N MET D 270 21.77 0.10 -33.36
CA MET D 270 22.53 -1.15 -33.26
C MET D 270 24.06 -1.00 -33.19
N PRO D 271 24.63 0.02 -33.80
CA PRO D 271 26.05 0.23 -33.62
C PRO D 271 26.42 0.68 -32.24
N LEU D 272 25.57 1.39 -31.54
CA LEU D 272 25.81 1.75 -30.18
C LEU D 272 25.75 0.51 -29.32
N VAL D 273 24.77 -0.32 -29.58
CA VAL D 273 24.58 -1.54 -28.84
C VAL D 273 25.77 -2.51 -28.99
N ASN D 274 26.18 -2.77 -30.21
CA ASN D 274 27.38 -3.56 -30.50
C ASN D 274 28.61 -3.01 -29.76
N TRP D 275 28.83 -1.71 -29.81
CA TRP D 275 29.94 -1.07 -29.12
C TRP D 275 29.88 -1.31 -27.61
N LEU D 276 28.69 -1.15 -27.04
CA LEU D 276 28.50 -1.25 -25.59
C LEU D 276 28.82 -2.63 -25.00
N PHE D 277 28.76 -3.66 -25.83
CA PHE D 277 28.90 -5.05 -25.36
C PHE D 277 30.09 -5.81 -25.92
N GLU D 278 31.06 -5.11 -26.51
CA GLU D 278 32.26 -5.79 -27.02
C GLU D 278 33.07 -6.34 -25.87
N GLU D 279 33.22 -5.54 -24.81
CA GLU D 279 33.72 -6.00 -23.53
C GLU D 279 32.52 -6.18 -22.58
N PRO D 280 32.69 -6.96 -21.49
CA PRO D 280 31.56 -7.19 -20.59
C PRO D 280 31.01 -5.90 -19.99
N ASN D 281 29.71 -5.71 -20.13
CA ASN D 281 28.96 -4.63 -19.49
C ASN D 281 29.18 -4.69 -17.96
N PRO D 282 29.40 -3.53 -17.28
CA PRO D 282 29.27 -2.12 -17.65
C PRO D 282 30.54 -1.38 -18.13
N ILE D 283 31.59 -2.10 -18.52
CA ILE D 283 32.79 -1.44 -19.00
C ILE D 283 32.50 -0.41 -20.11
N GLY D 284 31.82 -0.79 -21.18
CA GLY D 284 31.39 0.14 -22.19
C GLY D 284 30.67 1.36 -21.68
N LEU D 285 29.59 1.15 -20.98
CA LEU D 285 28.78 2.20 -20.43
C LEU D 285 29.52 3.20 -19.56
N ASN D 286 30.33 2.69 -18.66
CA ASN D 286 31.09 3.51 -17.78
C ASN D 286 31.98 4.48 -18.52
N THR D 287 32.57 4.04 -19.61
CA THR D 287 33.36 4.82 -20.48
C THR D 287 32.56 5.85 -21.26
N ALA D 288 31.44 5.43 -21.78
CA ALA D 288 30.58 6.28 -22.55
C ALA D 288 30.02 7.43 -21.74
N LEU D 289 29.56 7.13 -20.54
CA LEU D 289 29.01 8.11 -19.68
C LEU D 289 30.04 9.11 -19.23
N ALA D 290 31.27 8.67 -19.07
CA ALA D 290 32.36 9.54 -18.79
C ALA D 290 32.78 10.42 -19.97
N GLN D 291 32.72 9.89 -21.15
CA GLN D 291 32.94 10.66 -22.38
C GLN D 291 31.87 11.76 -22.58
N LEU D 292 30.62 11.44 -22.25
CA LEU D 292 29.51 12.37 -22.35
C LEU D 292 29.53 13.42 -21.23
N GLY D 293 30.41 13.22 -20.25
CA GLY D 293 30.59 14.16 -19.17
C GLY D 293 29.48 14.13 -18.12
N VAL D 294 28.61 13.14 -18.17
CA VAL D 294 27.60 12.93 -17.14
C VAL D 294 28.05 12.21 -15.88
N VAL D 295 29.18 11.54 -15.94
CA VAL D 295 29.84 10.98 -14.77
C VAL D 295 31.33 11.29 -14.77
N ARG D 296 31.90 11.30 -13.60
CA ARG D 296 33.33 11.31 -13.40
C ARG D 296 33.98 10.05 -13.93
N PRO D 297 35.12 10.18 -14.58
CA PRO D 297 35.80 9.00 -15.14
C PRO D 297 36.48 8.13 -14.06
N VAL D 298 35.67 7.62 -13.14
CA VAL D 298 36.16 6.78 -12.05
C VAL D 298 35.58 5.37 -12.20
N PHE D 299 36.47 4.39 -12.09
CA PHE D 299 36.09 2.98 -12.13
C PHE D 299 36.45 2.30 -10.82
N ARG D 300 35.53 1.48 -10.33
CA ARG D 300 35.86 0.52 -9.28
C ARG D 300 36.38 -0.73 -9.94
N LEU D 301 37.51 -1.24 -9.46
CA LEU D 301 38.05 -2.48 -10.00
C LEU D 301 37.08 -3.63 -9.68
N PRO D 302 37.01 -4.66 -10.52
CA PRO D 302 37.87 -5.05 -11.63
C PRO D 302 37.52 -4.45 -13.00
N TYR D 303 36.68 -3.42 -13.05
CA TYR D 303 36.40 -2.80 -14.33
C TYR D 303 37.43 -1.73 -14.67
N VAL D 304 37.83 -1.71 -15.94
CA VAL D 304 38.76 -0.72 -16.47
C VAL D 304 38.22 -0.15 -17.78
N PRO D 305 38.50 1.10 -18.09
CA PRO D 305 37.97 1.65 -19.31
C PRO D 305 38.34 0.93 -20.58
N LEU D 306 37.53 1.12 -21.59
CA LEU D 306 37.83 0.81 -22.95
C LEU D 306 39.00 1.67 -23.41
N PRO D 307 39.86 1.09 -24.22
CA PRO D 307 41.03 1.77 -24.80
C PRO D 307 40.75 2.99 -25.72
N LEU D 308 41.75 3.81 -25.93
CA LEU D 308 41.63 5.05 -26.69
C LEU D 308 40.91 4.91 -28.05
N ALA D 309 41.24 3.85 -28.79
CA ALA D 309 40.65 3.61 -30.10
C ALA D 309 39.12 3.44 -30.05
N LYS D 310 38.64 2.76 -29.01
CA LYS D 310 37.21 2.54 -28.81
C LYS D 310 36.49 3.82 -28.40
N ARG D 311 37.17 4.64 -27.63
CA ARG D 311 36.66 5.96 -27.26
C ARG D 311 36.54 6.88 -28.45
N VAL D 312 37.52 6.81 -29.35
CA VAL D 312 37.47 7.60 -30.58
C VAL D 312 36.27 7.16 -31.41
N GLU D 313 36.08 5.84 -31.50
CA GLU D 313 34.94 5.26 -32.19
C GLU D 313 33.60 5.73 -31.60
N PHE D 314 33.50 5.73 -30.27
CA PHE D 314 32.28 6.17 -29.59
C PHE D 314 31.86 7.59 -30.00
N VAL D 315 32.83 8.48 -30.11
CA VAL D 315 32.57 9.84 -30.55
C VAL D 315 31.88 9.87 -31.92
N ASN D 316 32.28 8.99 -32.83
CA ASN D 316 31.65 8.90 -34.14
C ASN D 316 30.26 8.31 -34.08
N ILE D 317 30.07 7.36 -33.17
CA ILE D 317 28.76 6.72 -32.97
C ILE D 317 27.76 7.77 -32.48
N VAL D 318 28.21 8.63 -31.57
CA VAL D 318 27.40 9.74 -31.05
C VAL D 318 27.03 10.71 -32.18
N LYS D 319 28.01 11.03 -33.03
CA LYS D 319 27.81 11.89 -34.19
C LYS D 319 26.80 11.32 -35.19
N GLU D 320 26.81 10.01 -35.39
CA GLU D 320 25.86 9.37 -36.32
C GLU D 320 24.42 9.34 -35.78
N ILE D 321 24.28 9.06 -34.52
CA ILE D 321 22.98 9.05 -33.94
C ILE D 321 22.49 10.45 -33.64
N GLY D 322 23.38 11.34 -33.30
CA GLY D 322 23.02 12.65 -32.86
C GLY D 322 23.17 12.81 -31.39
N ARG D 323 23.99 13.76 -30.98
CA ARG D 323 24.22 14.07 -29.61
C ARG D 323 22.95 14.50 -28.83
N GLU D 324 22.01 15.16 -29.48
CA GLU D 324 20.73 15.47 -28.88
C GLU D 324 20.11 14.31 -28.18
N ASN D 325 20.26 13.13 -28.74
CA ASN D 325 19.62 11.92 -28.23
C ASN D 325 20.35 11.27 -27.07
N PHE D 326 21.54 11.76 -26.76
CA PHE D 326 22.30 11.24 -25.65
C PHE D 326 22.08 12.09 -24.39
N VAL D 327 22.21 11.45 -23.24
CA VAL D 327 22.07 12.15 -21.97
C VAL D 327 23.13 13.25 -21.85
N GLY D 328 22.81 14.30 -21.10
CA GLY D 328 23.73 15.40 -20.87
C GLY D 328 23.72 16.45 -21.97
N GLU D 329 24.37 17.58 -21.67
CA GLU D 329 24.44 18.72 -22.59
C GLU D 329 25.87 18.98 -23.06
N LYS D 330 26.86 18.47 -22.35
CA LYS D 330 28.26 18.74 -22.66
C LYS D 330 28.68 18.04 -23.94
N ASP D 331 29.56 18.69 -24.68
CA ASP D 331 30.17 18.10 -25.87
C ASP D 331 30.86 16.78 -25.53
N VAL D 332 30.62 15.76 -26.35
CA VAL D 332 31.29 14.46 -26.16
C VAL D 332 32.80 14.61 -26.28
N LYS D 333 33.53 13.93 -25.39
CA LYS D 333 34.99 13.98 -25.38
C LYS D 333 35.57 12.58 -25.60
N VAL D 334 36.77 12.51 -26.13
CA VAL D 334 37.47 11.26 -26.27
C VAL D 334 38.06 10.82 -24.94
N LEU D 335 38.64 11.76 -24.24
CA LEU D 335 39.32 11.58 -22.96
C LEU D 335 40.67 10.93 -23.05
N ASP D 336 41.60 11.34 -22.24
CA ASP D 336 42.91 10.72 -22.22
C ASP D 336 42.95 9.57 -21.24
N ASP D 337 43.78 8.58 -21.48
CA ASP D 337 43.93 7.46 -20.57
C ASP D 337 44.15 7.89 -19.12
N ASP D 338 44.95 8.94 -18.92
CA ASP D 338 45.28 9.47 -17.59
C ASP D 338 44.16 10.26 -16.91
N ASP D 339 43.04 10.47 -17.62
CA ASP D 339 41.84 11.07 -17.03
C ASP D 339 41.13 10.06 -16.12
N PHE D 340 41.27 8.78 -16.43
CA PHE D 340 40.57 7.70 -15.73
C PHE D 340 41.21 7.29 -14.43
N ILE D 341 40.42 7.29 -13.36
CA ILE D 341 40.90 6.87 -12.04
C ILE D 341 40.42 5.44 -11.77
N LEU D 342 41.36 4.58 -11.38
CA LEU D 342 41.02 3.19 -11.06
C LEU D 342 41.16 2.97 -9.56
N VAL D 343 40.08 2.51 -8.92
CA VAL D 343 40.04 2.41 -7.46
C VAL D 343 39.90 0.96 -7.01
N GLY D 344 40.79 0.55 -6.12
CA GLY D 344 40.79 -0.79 -5.52
C GLY D 344 40.35 -0.75 -4.07
N ARG D 345 40.88 0.21 -3.32
CA ARG D 345 40.51 0.42 -1.92
C ARG D 345 39.50 1.56 -1.79
N TYR D 346 38.28 1.25 -1.40
CA TYR D 346 37.25 2.29 -1.28
C TYR D 346 36.21 1.96 -0.21
N SER E 40 -51.51 25.51 -16.08
CA SER E 40 -51.67 26.89 -16.64
C SER E 40 -50.56 27.86 -16.21
N VAL E 41 -49.92 28.46 -17.20
CA VAL E 41 -48.85 29.42 -17.02
C VAL E 41 -49.35 30.71 -16.35
N ASP E 42 -50.54 31.16 -16.73
CA ASP E 42 -51.12 32.39 -16.18
C ASP E 42 -51.44 32.31 -14.68
N ASP E 43 -51.69 31.09 -14.19
CA ASP E 43 -51.85 30.86 -12.76
C ASP E 43 -50.54 31.03 -11.99
N ILE E 44 -49.42 30.89 -12.69
CA ILE E 44 -48.11 31.09 -12.09
C ILE E 44 -47.71 32.56 -12.15
N LYS E 45 -48.03 33.21 -13.27
CA LYS E 45 -47.63 34.58 -13.52
C LYS E 45 -48.21 35.60 -12.53
N SER E 46 -49.30 35.25 -11.87
CA SER E 46 -50.01 36.20 -11.00
C SER E 46 -49.53 36.18 -9.55
N LEU E 47 -48.73 35.18 -9.19
CA LEU E 47 -48.23 35.04 -7.81
C LEU E 47 -47.19 36.10 -7.48
N ARG E 48 -47.32 36.70 -6.30
CA ARG E 48 -46.46 37.80 -5.89
C ARG E 48 -45.50 37.36 -4.79
N LEU E 49 -46.02 36.57 -3.84
CA LEU E 49 -45.19 36.03 -2.78
C LEU E 49 -45.02 34.51 -2.92
N ILE E 50 -43.83 34.08 -3.33
CA ILE E 50 -43.45 32.68 -3.37
C ILE E 50 -42.34 32.45 -2.34
N THR E 51 -42.52 31.44 -1.49
CA THR E 51 -41.53 31.07 -0.49
C THR E 51 -40.68 29.90 -0.97
N ALA E 52 -39.37 30.10 -1.01
CA ALA E 52 -38.44 29.00 -1.17
C ALA E 52 -38.37 28.35 0.19
N ILE E 53 -39.20 27.37 0.42
CA ILE E 53 -39.33 26.75 1.71
C ILE E 53 -38.13 25.90 2.08
N LYS E 54 -37.77 25.97 3.34
CA LYS E 54 -36.70 25.21 3.83
C LYS E 54 -37.11 23.78 4.18
N THR E 55 -36.16 22.89 4.14
CA THR E 55 -36.38 21.47 4.33
C THR E 55 -35.80 21.02 5.64
N PRO E 56 -36.63 20.72 6.63
CA PRO E 56 -36.17 20.36 7.97
C PRO E 56 -35.82 18.87 8.09
N TYR E 57 -34.91 18.56 9.02
CA TYR E 57 -34.42 17.20 9.15
C TYR E 57 -34.61 16.59 10.53
N LEU E 58 -34.69 15.26 10.54
CA LEU E 58 -34.71 14.47 11.76
C LEU E 58 -33.27 14.32 12.25
N PRO E 59 -33.07 13.95 13.53
CA PRO E 59 -31.70 13.87 14.10
C PRO E 59 -30.73 12.98 13.29
N ASP E 60 -31.24 12.02 12.53
CA ASP E 60 -30.40 11.19 11.66
C ASP E 60 -30.20 11.77 10.25
N GLY E 61 -30.82 12.91 9.97
CA GLY E 61 -30.63 13.60 8.69
C GLY E 61 -31.68 13.33 7.63
N ARG E 62 -32.57 12.37 7.87
CA ARG E 62 -33.71 12.15 6.99
C ARG E 62 -34.71 13.30 7.14
N PHE E 63 -35.57 13.49 6.14
CA PHE E 63 -36.56 14.57 6.17
C PHE E 63 -37.42 14.51 7.43
N ASP E 64 -37.67 15.65 8.05
CA ASP E 64 -38.67 15.80 9.09
C ASP E 64 -39.98 16.34 8.48
N LEU E 65 -40.84 15.47 8.04
CA LEU E 65 -42.04 15.81 7.32
C LEU E 65 -43.10 16.42 8.17
N GLU E 66 -43.13 16.03 9.43
CA GLU E 66 -44.00 16.63 10.40
C GLU E 66 -43.70 18.09 10.57
N ALA E 67 -42.43 18.41 10.68
CA ALA E 67 -42.02 19.80 10.78
C ALA E 67 -42.19 20.56 9.47
N TYR E 68 -41.98 19.86 8.35
CA TYR E 68 -42.14 20.43 7.01
C TYR E 68 -43.58 20.83 6.76
N ASP E 69 -44.49 19.94 7.14
CA ASP E 69 -45.93 20.20 7.00
C ASP E 69 -46.34 21.42 7.82
N ALA E 70 -45.80 21.54 9.03
CA ALA E 70 -46.09 22.68 9.90
C ALA E 70 -45.59 23.99 9.27
N LEU E 71 -44.44 23.93 8.59
CA LEU E 71 -43.86 25.10 7.93
C LEU E 71 -44.70 25.57 6.75
N VAL E 72 -45.13 24.63 5.92
CA VAL E 72 -45.98 24.96 4.78
C VAL E 72 -47.30 25.56 5.28
N ASN E 73 -47.89 24.93 6.30
CA ASN E 73 -49.12 25.40 6.92
C ASN E 73 -49.06 26.86 7.36
N MET E 74 -47.97 27.22 8.03
CA MET E 74 -47.74 28.59 8.49
C MET E 74 -47.54 29.58 7.35
N GLN E 75 -47.11 29.09 6.19
CA GLN E 75 -46.95 29.92 5.01
C GLN E 75 -48.31 30.21 4.38
N ILE E 76 -49.19 29.20 4.39
CA ILE E 76 -50.55 29.35 3.89
C ILE E 76 -51.33 30.35 4.74
N VAL E 77 -51.31 30.15 6.05
CA VAL E 77 -51.98 31.01 7.03
C VAL E 77 -51.63 32.49 6.84
N ASP E 78 -50.35 32.79 6.64
CA ASP E 78 -49.91 34.17 6.52
C ASP E 78 -49.90 34.70 5.09
N GLY E 79 -50.38 33.89 4.15
CA GLY E 79 -50.67 34.36 2.81
C GLY E 79 -49.60 34.20 1.75
N ALA E 80 -48.68 33.26 1.93
CA ALA E 80 -47.78 32.89 0.84
C ALA E 80 -48.62 32.26 -0.28
N GLU E 81 -48.30 32.58 -1.52
CA GLU E 81 -49.14 32.11 -2.64
C GLU E 81 -48.57 30.87 -3.33
N GLY E 82 -47.25 30.69 -3.21
CA GLY E 82 -46.55 29.56 -3.80
C GLY E 82 -45.35 29.15 -2.95
N VAL E 83 -44.88 27.92 -3.17
CA VAL E 83 -43.63 27.44 -2.58
C VAL E 83 -42.69 26.85 -3.65
N ILE E 84 -41.39 27.03 -3.44
CA ILE E 84 -40.40 26.28 -4.20
C ILE E 84 -40.00 25.10 -3.32
N VAL E 85 -40.14 23.89 -3.86
CA VAL E 85 -39.77 22.68 -3.13
C VAL E 85 -38.38 22.26 -3.56
N GLY E 86 -37.43 22.34 -2.63
CA GLY E 86 -36.06 21.92 -2.87
C GLY E 86 -35.30 22.93 -3.71
N GLY E 87 -35.56 24.20 -3.47
CA GLY E 87 -34.80 25.27 -4.09
C GLY E 87 -33.45 25.33 -3.41
N THR E 88 -32.62 26.26 -3.81
CA THR E 88 -31.41 26.57 -3.12
C THR E 88 -31.60 26.66 -1.63
N THR E 89 -32.64 27.34 -1.20
CA THR E 89 -32.93 27.55 0.19
C THR E 89 -33.45 26.28 0.81
N GLY E 90 -34.04 25.45 0.01
CA GLY E 90 -34.54 24.19 0.46
C GLY E 90 -33.58 23.06 0.34
N GLU E 91 -32.34 23.40 0.03
CA GLU E 91 -31.25 22.42 -0.04
C GLU E 91 -31.55 21.22 -0.96
N GLY E 92 -32.18 21.46 -2.09
CA GLY E 92 -32.36 20.46 -3.07
C GLY E 92 -31.07 19.94 -3.64
N GLN E 93 -30.02 20.73 -3.54
CA GLN E 93 -28.68 20.33 -3.88
C GLN E 93 -28.14 19.21 -3.00
N LEU E 94 -28.62 19.13 -1.78
CA LEU E 94 -28.24 18.03 -0.95
C LEU E 94 -29.20 16.85 -0.96
N MET E 95 -30.24 16.86 -1.76
CA MET E 95 -31.17 15.77 -1.81
C MET E 95 -30.81 14.71 -2.82
N SER E 96 -31.15 13.46 -2.57
CA SER E 96 -31.16 12.48 -3.64
C SER E 96 -32.43 12.73 -4.42
N TRP E 97 -32.43 12.33 -5.69
CA TRP E 97 -33.62 12.52 -6.51
C TRP E 97 -34.86 11.88 -5.93
N ASP E 98 -34.71 10.75 -5.25
CA ASP E 98 -35.89 10.09 -4.69
C ASP E 98 -36.54 10.88 -3.55
N GLU E 99 -35.72 11.50 -2.70
CA GLU E 99 -36.18 12.43 -1.66
C GLU E 99 -36.93 13.63 -2.25
N HIS E 100 -36.35 14.17 -3.32
CA HIS E 100 -36.79 15.42 -3.95
C HIS E 100 -38.17 15.28 -4.61
N ILE E 101 -38.31 14.25 -5.44
CA ILE E 101 -39.56 13.95 -6.12
C ILE E 101 -40.64 13.60 -5.09
N MET E 102 -40.25 12.89 -4.06
CA MET E 102 -41.16 12.59 -3.00
C MET E 102 -41.64 13.84 -2.28
N LEU E 103 -40.74 14.72 -1.94
CA LEU E 103 -41.11 16.02 -1.41
C LEU E 103 -42.03 16.88 -2.31
N ILE E 104 -41.77 16.95 -3.59
CA ILE E 104 -42.68 17.53 -4.49
C ILE E 104 -44.06 16.83 -4.48
N GLY E 105 -44.10 15.55 -4.70
CA GLY E 105 -45.36 14.80 -4.69
C GLY E 105 -46.14 14.97 -3.40
N HIS E 106 -45.42 14.96 -2.27
CA HIS E 106 -45.99 15.15 -0.94
C HIS E 106 -46.63 16.52 -0.78
N THR E 107 -45.91 17.56 -1.17
CA THR E 107 -46.40 18.93 -1.10
C THR E 107 -47.64 19.12 -1.99
N VAL E 108 -47.62 18.56 -3.20
CA VAL E 108 -48.80 18.59 -4.08
C VAL E 108 -50.00 17.89 -3.43
N ASN E 109 -49.76 16.70 -2.89
CA ASN E 109 -50.81 15.87 -2.28
C ASN E 109 -51.50 16.56 -1.10
N CYS E 110 -50.70 17.10 -0.18
CA CYS E 110 -51.20 17.72 1.06
C CYS E 110 -51.62 19.19 0.94
N PHE E 111 -50.96 19.96 0.08
CA PHE E 111 -51.14 21.42 0.08
C PHE E 111 -51.44 22.01 -1.28
N GLY E 112 -51.53 21.17 -2.30
CA GLY E 112 -51.62 21.65 -3.67
C GLY E 112 -52.89 22.40 -4.04
N GLY E 113 -53.93 22.25 -3.21
CA GLY E 113 -55.18 22.96 -3.41
C GLY E 113 -55.20 24.33 -2.73
N SER E 114 -54.22 24.57 -1.86
CA SER E 114 -54.16 25.82 -1.07
C SER E 114 -52.99 26.75 -1.43
N ILE E 115 -52.01 26.21 -2.14
CA ILE E 115 -50.80 26.95 -2.47
C ILE E 115 -50.24 26.38 -3.77
N LYS E 116 -49.64 27.22 -4.61
CA LYS E 116 -48.98 26.74 -5.82
C LYS E 116 -47.65 26.06 -5.51
N VAL E 117 -47.43 24.89 -6.10
CA VAL E 117 -46.23 24.09 -5.83
C VAL E 117 -45.31 24.14 -7.04
N ILE E 118 -44.15 24.75 -6.86
CA ILE E 118 -43.15 24.80 -7.91
C ILE E 118 -42.00 23.91 -7.48
N GLY E 119 -41.78 22.84 -8.24
CA GLY E 119 -40.72 21.90 -7.94
C GLY E 119 -39.45 22.37 -8.61
N ASN E 120 -38.38 22.49 -7.82
CA ASN E 120 -37.07 22.76 -8.39
C ASN E 120 -36.50 21.47 -8.97
N THR E 121 -36.80 21.22 -10.24
CA THR E 121 -36.33 20.04 -10.92
C THR E 121 -35.17 20.36 -11.86
N GLY E 122 -34.48 21.47 -11.60
CA GLY E 122 -33.33 21.90 -12.40
C GLY E 122 -32.06 21.10 -12.11
N SER E 123 -31.15 21.10 -13.07
CA SER E 123 -29.88 20.38 -12.96
C SER E 123 -28.84 20.92 -13.94
N ASN E 124 -27.56 20.79 -13.58
CA ASN E 124 -26.49 21.09 -14.51
C ASN E 124 -26.39 20.00 -15.59
N SER E 125 -27.08 18.89 -15.37
CA SER E 125 -27.22 17.83 -16.36
C SER E 125 -28.62 17.86 -17.00
N THR E 126 -28.65 18.04 -18.29
CA THR E 126 -29.86 18.05 -19.02
C THR E 126 -30.61 16.79 -18.85
N ARG E 127 -29.92 15.70 -18.64
CA ARG E 127 -30.59 14.45 -18.45
C ARG E 127 -31.32 14.33 -17.14
N GLU E 128 -30.72 14.83 -16.10
CA GLU E 128 -31.31 14.82 -14.80
C GLU E 128 -32.50 15.74 -14.78
N ALA E 129 -32.39 16.87 -15.45
CA ALA E 129 -33.46 17.86 -15.56
C ALA E 129 -34.68 17.32 -16.32
N ILE E 130 -34.44 16.60 -17.40
CA ILE E 130 -35.51 15.98 -18.18
C ILE E 130 -36.32 14.99 -17.33
N HIS E 131 -35.62 14.03 -16.73
CA HIS E 131 -36.24 13.00 -15.89
C HIS E 131 -36.97 13.62 -14.71
N ALA E 132 -36.26 14.43 -13.95
CA ALA E 132 -36.84 15.07 -12.76
C ALA E 132 -38.09 15.89 -13.11
N THR E 133 -38.00 16.70 -14.16
CA THR E 133 -39.11 17.59 -14.51
C THR E 133 -40.36 16.83 -14.95
N GLU E 134 -40.18 15.82 -15.80
CA GLU E 134 -41.34 15.03 -16.23
C GLU E 134 -41.94 14.24 -15.06
N GLN E 135 -41.10 13.82 -14.11
CA GLN E 135 -41.57 13.12 -12.93
C GLN E 135 -42.31 14.08 -12.00
N GLY E 136 -41.73 15.26 -11.79
CA GLY E 136 -42.34 16.32 -11.00
C GLY E 136 -43.70 16.73 -11.54
N PHE E 137 -43.82 16.91 -12.85
CA PHE E 137 -45.11 17.25 -13.42
C PHE E 137 -46.10 16.07 -13.31
N ALA E 138 -45.60 14.85 -13.46
CA ALA E 138 -46.45 13.66 -13.35
C ALA E 138 -47.08 13.49 -11.96
N VAL E 139 -46.33 13.82 -10.90
CA VAL E 139 -46.89 13.79 -9.54
C VAL E 139 -47.69 15.06 -9.22
N GLY E 140 -47.80 15.95 -10.21
CA GLY E 140 -48.78 17.02 -10.17
C GLY E 140 -48.35 18.42 -9.81
N MET E 141 -47.04 18.71 -9.80
CA MET E 141 -46.56 20.06 -9.50
C MET E 141 -47.11 21.06 -10.51
N HIS E 142 -47.14 22.33 -10.13
CA HIS E 142 -47.80 23.36 -10.94
C HIS E 142 -46.84 24.04 -11.91
N ALA E 143 -45.57 24.08 -11.53
CA ALA E 143 -44.51 24.67 -12.34
C ALA E 143 -43.14 24.06 -11.99
N ALA E 144 -42.14 24.34 -12.81
CA ALA E 144 -40.77 23.88 -12.59
C ALA E 144 -39.82 25.07 -12.50
N LEU E 145 -38.92 25.02 -11.51
CA LEU E 145 -37.85 26.01 -11.44
C LEU E 145 -36.63 25.43 -12.15
N HIS E 146 -36.09 26.16 -13.13
CA HIS E 146 -34.92 25.70 -13.87
C HIS E 146 -33.77 26.70 -13.91
N ILE E 147 -32.69 26.35 -13.21
CA ILE E 147 -31.42 27.07 -13.23
C ILE E 147 -30.63 26.74 -14.51
N ASN E 148 -29.72 27.62 -14.90
CA ASN E 148 -28.75 27.29 -15.94
C ASN E 148 -27.68 26.34 -15.38
N PRO E 149 -27.07 25.49 -16.24
CA PRO E 149 -26.04 24.57 -15.76
C PRO E 149 -24.91 25.26 -14.97
N TYR E 150 -24.91 25.04 -13.66
CA TYR E 150 -23.87 25.49 -12.74
C TYR E 150 -22.65 24.55 -12.82
N TYR E 151 -21.47 25.08 -12.49
CA TYR E 151 -20.20 24.32 -12.55
C TYR E 151 -19.85 23.86 -13.97
N GLY E 152 -20.62 22.90 -14.50
CA GLY E 152 -20.47 22.49 -15.90
C GLY E 152 -21.06 23.51 -16.88
N LYS E 153 -20.47 24.72 -16.88
CA LYS E 153 -20.89 25.84 -17.72
C LYS E 153 -20.96 25.47 -19.20
N THR E 154 -22.06 25.81 -19.87
CA THR E 154 -22.14 25.59 -21.31
C THR E 154 -22.20 26.91 -22.08
N SER E 155 -22.18 26.83 -23.41
CA SER E 155 -22.31 27.98 -24.30
C SER E 155 -23.75 28.48 -24.34
N LEU E 156 -23.96 29.66 -24.92
CA LEU E 156 -25.28 30.26 -25.07
C LEU E 156 -26.27 29.37 -25.85
N GLU E 157 -25.77 28.74 -26.91
CA GLU E 157 -26.57 27.79 -27.68
C GLU E 157 -26.76 26.46 -26.94
N GLY E 158 -25.87 26.16 -25.99
CA GLY E 158 -26.03 25.00 -25.12
C GLY E 158 -27.14 25.28 -24.11
N LEU E 159 -27.17 26.51 -23.60
CA LEU E 159 -28.22 26.98 -22.70
C LEU E 159 -29.60 26.88 -23.35
N VAL E 160 -29.70 27.33 -24.59
CA VAL E 160 -30.95 27.22 -25.34
C VAL E 160 -31.38 25.75 -25.43
N SER E 161 -30.49 24.88 -25.89
CA SER E 161 -30.77 23.44 -25.95
C SER E 161 -31.19 22.83 -24.62
N HIS E 162 -30.56 23.27 -23.53
CA HIS E 162 -30.88 22.77 -22.19
C HIS E 162 -32.31 23.14 -21.78
N PHE E 163 -32.63 24.43 -21.90
CA PHE E 163 -33.95 24.93 -21.51
C PHE E 163 -35.07 24.39 -22.40
N GLU E 164 -34.79 24.22 -23.69
CA GLU E 164 -35.79 23.72 -24.63
C GLU E 164 -36.07 22.24 -24.50
N SER E 165 -35.26 21.55 -23.68
CA SER E 165 -35.46 20.14 -23.38
C SER E 165 -36.53 19.96 -22.33
N VAL E 166 -36.78 21.03 -21.58
CA VAL E 166 -37.66 20.98 -20.40
C VAL E 166 -38.85 21.92 -20.51
N LEU E 167 -38.70 23.00 -21.28
CA LEU E 167 -39.81 23.96 -21.48
C LEU E 167 -41.12 23.33 -21.97
N PRO E 168 -41.06 22.38 -22.92
CA PRO E 168 -42.31 21.76 -23.38
C PRO E 168 -43.12 21.01 -22.31
N MET E 169 -42.51 20.73 -21.16
CA MET E 169 -43.12 19.87 -20.16
C MET E 169 -44.15 20.58 -19.29
N GLY E 170 -44.03 21.89 -19.16
CA GLY E 170 -44.99 22.65 -18.35
C GLY E 170 -44.53 24.04 -17.97
N PRO E 171 -45.34 24.74 -17.16
CA PRO E 171 -45.01 26.11 -16.76
C PRO E 171 -43.63 26.15 -16.10
N THR E 172 -42.81 27.09 -16.53
CA THR E 172 -41.40 27.08 -16.17
C THR E 172 -40.91 28.47 -15.76
N VAL E 173 -40.22 28.52 -14.62
CA VAL E 173 -39.54 29.72 -14.18
C VAL E 173 -38.04 29.49 -14.33
N ILE E 174 -37.39 30.32 -15.14
CA ILE E 174 -35.95 30.23 -15.34
C ILE E 174 -35.18 31.01 -14.27
N TYR E 175 -34.09 30.43 -13.79
CA TYR E 175 -33.42 30.86 -12.58
C TYR E 175 -32.02 31.37 -12.90
N ASN E 176 -31.81 32.68 -12.72
CA ASN E 176 -30.52 33.31 -12.96
C ASN E 176 -29.87 33.82 -11.68
N VAL E 177 -28.77 33.18 -11.27
CA VAL E 177 -28.03 33.57 -10.07
C VAL E 177 -26.51 33.35 -10.27
N PRO E 178 -25.87 34.25 -11.05
CA PRO E 178 -24.46 34.17 -11.45
C PRO E 178 -23.49 33.93 -10.29
N SER E 179 -23.76 34.50 -9.12
CA SER E 179 -22.90 34.33 -7.96
C SER E 179 -22.78 32.88 -7.48
N ARG E 180 -23.72 32.03 -7.90
CA ARG E 180 -23.72 30.62 -7.52
C ARG E 180 -23.41 29.68 -8.67
N THR E 181 -23.84 30.06 -9.87
CA THR E 181 -23.67 29.20 -11.05
C THR E 181 -22.40 29.48 -11.83
N GLY E 182 -21.83 30.66 -11.61
CA GLY E 182 -20.65 31.12 -12.36
C GLY E 182 -20.96 31.59 -13.78
N GLN E 183 -22.25 31.60 -14.14
CA GLN E 183 -22.67 32.08 -15.46
C GLN E 183 -23.97 32.90 -15.42
N ASP E 184 -23.87 34.14 -15.90
CA ASP E 184 -24.99 35.05 -16.02
C ASP E 184 -25.79 34.71 -17.28
N ILE E 185 -27.04 34.29 -17.10
CA ILE E 185 -27.91 34.09 -18.24
C ILE E 185 -28.22 35.47 -18.86
N PRO E 186 -27.77 35.70 -20.10
CA PRO E 186 -27.98 37.02 -20.70
C PRO E 186 -29.41 37.22 -21.22
N PRO E 187 -29.85 38.48 -21.31
CA PRO E 187 -31.20 38.81 -21.82
C PRO E 187 -31.53 38.13 -23.16
N GLY E 188 -30.55 38.06 -24.07
CA GLY E 188 -30.73 37.40 -25.37
C GLY E 188 -31.19 35.95 -25.31
N VAL E 189 -30.69 35.21 -24.32
CA VAL E 189 -31.12 33.82 -24.12
C VAL E 189 -32.56 33.75 -23.59
N ILE E 190 -32.88 34.63 -22.65
CA ILE E 190 -34.22 34.71 -22.10
C ILE E 190 -35.26 35.02 -23.17
N HIS E 191 -35.00 36.03 -24.00
CA HIS E 191 -35.89 36.35 -25.12
C HIS E 191 -36.07 35.18 -26.09
N THR E 192 -35.01 34.42 -26.34
CA THR E 192 -35.08 33.24 -27.21
C THR E 192 -36.02 32.16 -26.65
N VAL E 193 -35.82 31.80 -25.39
CA VAL E 193 -36.67 30.77 -24.77
C VAL E 193 -38.07 31.29 -24.47
N ALA E 194 -38.25 32.60 -24.41
CA ALA E 194 -39.56 33.19 -24.26
C ALA E 194 -40.49 32.97 -25.43
N GLN E 195 -40.02 32.34 -26.47
CA GLN E 195 -40.90 31.85 -27.49
C GLN E 195 -41.80 30.76 -27.00
N SER E 196 -41.45 30.15 -25.91
CA SER E 196 -42.27 29.12 -25.38
C SER E 196 -43.40 29.70 -24.58
N ALA E 197 -44.60 29.26 -24.87
CA ALA E 197 -45.73 29.61 -24.12
C ALA E 197 -45.68 29.06 -22.72
N ASN E 198 -44.81 28.10 -22.50
CA ASN E 198 -44.62 27.51 -21.17
C ASN E 198 -43.71 28.32 -20.25
N LEU E 199 -43.12 29.39 -20.76
CA LEU E 199 -42.28 30.23 -19.92
C LEU E 199 -43.17 31.11 -19.07
N ALA E 200 -43.13 30.88 -17.76
CA ALA E 200 -43.88 31.69 -16.82
C ALA E 200 -43.17 33.01 -16.56
N GLY E 201 -41.85 32.97 -16.51
CA GLY E 201 -41.07 34.16 -16.24
C GLY E 201 -39.72 33.82 -15.66
N VAL E 202 -39.07 34.77 -15.02
CA VAL E 202 -37.71 34.68 -14.57
C VAL E 202 -37.49 34.98 -13.08
N GLU E 204 -34.84 36.29 -11.06
CA GLU E 204 -33.66 37.11 -11.25
C GLU E 204 -32.99 37.59 -10.00
N CYS E 205 -31.68 37.44 -9.94
CA CYS E 205 -30.82 37.73 -8.82
C CYS E 205 -29.71 38.69 -9.13
N VAL E 206 -29.60 39.08 -10.37
CA VAL E 206 -28.57 40.01 -10.75
C VAL E 206 -28.79 41.43 -10.23
N GLY E 207 -30.03 41.85 -10.07
CA GLY E 207 -30.41 43.13 -9.55
C GLY E 207 -31.54 43.82 -10.25
N ASN E 208 -31.99 44.93 -9.72
CA ASN E 208 -33.18 45.62 -10.21
C ASN E 208 -33.11 46.15 -11.64
N ASP E 209 -31.92 46.57 -12.07
CA ASP E 209 -31.76 47.08 -13.42
C ASP E 209 -32.00 46.00 -14.47
N ARG E 210 -31.56 44.79 -14.21
CA ARG E 210 -31.81 43.68 -15.09
C ARG E 210 -33.27 43.28 -15.10
N ILE E 211 -33.89 43.34 -13.94
CA ILE E 211 -35.30 43.12 -13.83
C ILE E 211 -36.09 44.03 -14.75
N LYS E 212 -35.85 45.34 -14.69
CA LYS E 212 -36.49 46.28 -15.60
C LYS E 212 -36.22 46.08 -17.07
N GLN E 213 -35.05 45.61 -17.45
CA GLN E 213 -34.86 45.25 -18.83
C GLN E 213 -35.89 44.23 -19.28
N TYR E 214 -36.21 43.27 -18.44
CA TYR E 214 -37.19 42.24 -18.79
C TYR E 214 -38.63 42.71 -18.70
N THR E 215 -38.96 43.44 -17.64
CA THR E 215 -40.34 43.86 -17.40
C THR E 215 -40.81 44.92 -18.40
N ASP E 216 -39.89 45.76 -18.87
CA ASP E 216 -40.17 46.65 -20.00
C ASP E 216 -40.52 45.88 -21.27
N ASN E 217 -40.01 44.65 -21.38
CA ASN E 217 -40.17 43.86 -22.59
C ASN E 217 -41.11 42.66 -22.42
N ARG E 218 -42.18 42.86 -21.65
CA ARG E 218 -43.26 41.88 -21.49
C ARG E 218 -42.82 40.50 -20.98
N ILE E 219 -41.84 40.50 -20.07
CA ILE E 219 -41.38 39.29 -19.40
C ILE E 219 -41.64 39.42 -17.90
N VAL E 220 -42.38 38.46 -17.34
CA VAL E 220 -42.70 38.45 -15.92
C VAL E 220 -41.44 38.10 -15.13
N VAL E 221 -41.17 38.88 -14.09
CA VAL E 221 -39.97 38.68 -13.28
C VAL E 221 -40.27 38.70 -11.77
N TRP E 222 -39.71 37.72 -11.07
CA TRP E 222 -39.68 37.70 -9.62
C TRP E 222 -38.27 37.99 -9.16
N SER E 223 -38.12 38.93 -8.24
CA SER E 223 -36.82 39.21 -7.65
C SER E 223 -36.40 38.04 -6.77
N GLY E 224 -35.12 37.69 -6.85
CA GLY E 224 -34.57 36.63 -6.01
C GLY E 224 -33.86 37.16 -4.78
N ASN E 225 -33.83 38.48 -4.64
CA ASN E 225 -33.14 39.15 -3.55
C ASN E 225 -34.10 39.88 -2.61
N ASP E 226 -34.17 39.42 -1.37
CA ASP E 226 -35.09 40.01 -0.39
C ASP E 226 -34.81 41.47 -0.06
N ASP E 227 -33.55 41.88 -0.09
CA ASP E 227 -33.17 43.27 0.18
C ASP E 227 -33.41 44.17 -1.04
N GLN E 228 -34.05 43.64 -2.08
CA GLN E 228 -34.27 44.35 -3.33
C GLN E 228 -35.72 44.27 -3.83
N CYS E 229 -36.48 43.30 -3.31
CA CYS E 229 -37.80 42.93 -3.87
C CYS E 229 -38.86 44.02 -3.76
N HIS E 230 -38.82 44.76 -2.66
CA HIS E 230 -39.69 45.91 -2.44
CA HIS E 230 -39.66 45.93 -2.43
C HIS E 230 -39.64 46.91 -3.62
N ASP E 231 -38.45 47.43 -3.90
CA ASP E 231 -38.27 48.39 -4.98
C ASP E 231 -38.47 47.70 -6.32
N ALA E 232 -38.10 46.44 -6.40
CA ALA E 232 -38.35 45.62 -7.55
C ALA E 232 -39.82 45.65 -7.97
N LYS E 233 -40.67 45.40 -7.02
CA LYS E 233 -42.09 45.38 -7.21
C LYS E 233 -42.73 46.74 -7.44
N TRP E 234 -42.35 47.76 -6.68
CA TRP E 234 -43.00 49.04 -6.82
C TRP E 234 -42.39 50.03 -7.81
N ASP E 235 -41.13 49.86 -8.17
CA ASP E 235 -40.40 50.77 -9.04
C ASP E 235 -39.95 50.14 -10.37
N TYR E 236 -39.62 48.85 -10.35
CA TYR E 236 -38.98 48.21 -11.51
C TYR E 236 -39.87 47.20 -12.24
N GLY E 237 -41.13 47.10 -11.80
CA GLY E 237 -42.14 46.31 -12.51
C GLY E 237 -42.11 44.81 -12.28
N ALA E 238 -41.48 44.38 -11.18
CA ALA E 238 -41.49 42.96 -10.81
C ALA E 238 -42.88 42.57 -10.39
N THR E 239 -43.29 41.36 -10.77
CA THR E 239 -44.54 40.78 -10.30
C THR E 239 -44.45 40.46 -8.81
N GLY E 240 -43.28 40.04 -8.37
CA GLY E 240 -43.11 39.70 -6.96
C GLY E 240 -41.74 39.22 -6.56
N VAL E 241 -41.72 38.40 -5.51
CA VAL E 241 -40.48 37.85 -4.97
C VAL E 241 -40.57 36.33 -4.88
N ILE E 242 -39.44 35.65 -5.14
CA ILE E 242 -39.23 34.30 -4.63
C ILE E 242 -38.28 34.43 -3.44
N SER E 243 -38.83 34.23 -2.25
CA SER E 243 -38.28 34.78 -1.01
C SER E 243 -37.65 33.75 -0.07
N VAL E 244 -36.57 34.17 0.59
CA VAL E 244 -35.97 33.42 1.68
C VAL E 244 -36.58 33.92 2.99
N THR E 245 -36.60 35.25 3.14
CA THR E 245 -37.06 35.90 4.36
C THR E 245 -38.52 35.59 4.76
N SER E 246 -39.36 35.23 3.79
CA SER E 246 -40.72 34.80 4.12
C SER E 246 -40.82 33.48 4.89
N ASN E 247 -39.75 32.69 4.88
CA ASN E 247 -39.61 31.54 5.72
C ASN E 247 -39.68 31.94 7.17
N LEU E 248 -39.26 33.14 7.50
CA LEU E 248 -39.27 33.61 8.86
C LEU E 248 -40.39 34.54 9.23
N ILE E 249 -40.69 35.47 8.34
CA ILE E 249 -41.68 36.48 8.55
C ILE E 249 -42.61 36.61 7.36
N PRO E 250 -43.44 35.63 7.15
CA PRO E 250 -44.30 35.57 5.96
C PRO E 250 -45.37 36.68 5.92
N GLY E 251 -45.90 37.06 7.08
CA GLY E 251 -46.91 38.12 7.18
C GLY E 251 -46.40 39.49 6.76
N LEU E 252 -45.21 39.84 7.24
CA LEU E 252 -44.57 41.11 6.87
C LEU E 252 -44.13 41.14 5.41
N MET E 253 -43.76 39.98 4.88
CA MET E 253 -43.38 39.90 3.47
C MET E 253 -44.61 40.10 2.57
N ARG E 254 -45.75 39.49 2.94
CA ARG E 254 -46.97 39.74 2.18
C ARG E 254 -47.34 41.23 2.21
N GLN E 255 -47.29 41.84 3.37
CA GLN E 255 -47.55 43.24 3.48
C GLN E 255 -46.71 44.08 2.53
N LEU E 256 -45.46 43.72 2.42
CA LEU E 256 -44.48 44.47 1.68
C LEU E 256 -44.78 44.42 0.21
N LEU E 257 -45.44 43.38 -0.22
CA LEU E 257 -45.70 43.17 -1.59
C LEU E 257 -47.12 43.45 -2.02
N PHE E 258 -47.99 43.79 -1.12
CA PHE E 258 -49.39 43.84 -1.43
C PHE E 258 -50.07 45.14 -1.05
N LYS E 259 -49.40 45.95 -0.26
CA LYS E 259 -49.97 47.14 0.36
C LYS E 259 -49.38 48.47 -0.12
N GLY E 260 -48.75 48.46 -1.29
CA GLY E 260 -48.09 49.65 -1.84
C GLY E 260 -46.73 49.91 -1.22
N LYS E 261 -45.99 50.86 -1.72
CA LYS E 261 -44.73 51.28 -1.11
C LYS E 261 -44.76 51.56 0.37
N ASN E 262 -43.77 51.05 1.07
CA ASN E 262 -43.61 51.31 2.46
C ASN E 262 -42.15 51.27 2.86
N PRO E 263 -41.42 52.31 2.53
CA PRO E 263 -40.01 52.44 2.88
C PRO E 263 -39.73 52.17 4.32
N SER E 264 -40.68 52.47 5.18
CA SER E 264 -40.58 52.32 6.61
C SER E 264 -40.64 50.85 7.08
N LEU E 265 -41.46 50.04 6.40
CA LEU E 265 -41.50 48.59 6.66
C LEU E 265 -40.25 47.93 6.09
N ASN E 266 -39.88 48.36 4.89
CA ASN E 266 -38.68 47.87 4.24
C ASN E 266 -37.41 48.01 5.09
N ALA E 267 -37.20 49.20 5.63
CA ALA E 267 -36.03 49.46 6.47
C ALA E 267 -36.11 48.66 7.77
N LYS E 268 -37.32 48.38 8.22
CA LYS E 268 -37.54 47.64 9.46
C LYS E 268 -37.10 46.17 9.35
N ILE E 269 -37.41 45.53 8.21
CA ILE E 269 -37.03 44.14 7.99
C ILE E 269 -35.54 43.99 7.62
N MET E 270 -34.98 45.07 7.09
CA MET E 270 -33.61 45.06 6.56
C MET E 270 -32.52 44.45 7.48
N PRO E 271 -32.53 44.71 8.76
CA PRO E 271 -31.58 44.07 9.63
C PRO E 271 -31.71 42.57 9.61
N LEU E 272 -32.90 42.04 9.57
CA LEU E 272 -33.08 40.61 9.44
C LEU E 272 -32.53 40.03 8.14
N VAL E 273 -32.81 40.67 7.03
CA VAL E 273 -32.31 40.28 5.75
C VAL E 273 -30.80 40.28 5.70
N ASN E 274 -30.16 41.29 6.26
CA ASN E 274 -28.71 41.39 6.30
C ASN E 274 -28.07 40.21 7.03
N TRP E 275 -28.62 39.90 8.20
CA TRP E 275 -28.16 38.80 9.03
C TRP E 275 -28.29 37.47 8.29
N LEU E 276 -29.36 37.34 7.52
CA LEU E 276 -29.64 36.12 6.77
C LEU E 276 -28.65 35.83 5.65
N PHE E 277 -27.93 36.86 5.21
CA PHE E 277 -27.07 36.70 4.05
C PHE E 277 -25.59 36.99 4.27
N GLU E 278 -25.19 37.17 5.53
CA GLU E 278 -23.77 37.33 5.89
C GLU E 278 -22.97 36.09 5.50
N GLU E 279 -23.44 34.92 5.92
CA GLU E 279 -22.97 33.65 5.39
C GLU E 279 -23.93 33.20 4.27
N PRO E 280 -23.45 32.34 3.35
CA PRO E 280 -24.30 31.89 2.26
C PRO E 280 -25.58 31.22 2.76
N ASN E 281 -26.70 31.64 2.16
CA ASN E 281 -28.00 31.06 2.41
C ASN E 281 -27.97 29.61 1.95
N PRO E 282 -28.61 28.68 2.71
CA PRO E 282 -29.52 28.81 3.85
C PRO E 282 -28.91 28.70 5.25
N ILE E 283 -27.61 28.92 5.41
CA ILE E 283 -26.95 28.79 6.72
C ILE E 283 -27.64 29.64 7.82
N GLY E 284 -27.88 30.89 7.54
CA GLY E 284 -28.61 31.72 8.45
C GLY E 284 -30.02 31.28 8.73
N LEU E 285 -30.78 31.04 7.69
CA LEU E 285 -32.12 30.55 7.84
C LEU E 285 -32.20 29.28 8.68
N ASN E 286 -31.43 28.27 8.35
CA ASN E 286 -31.40 27.06 9.13
C ASN E 286 -31.14 27.30 10.60
N THR E 287 -30.31 28.27 10.89
CA THR E 287 -29.97 28.63 12.25
C THR E 287 -31.16 29.34 12.90
N ALA E 288 -31.70 30.32 12.19
CA ALA E 288 -32.82 31.07 12.68
C ALA E 288 -34.02 30.20 13.03
N LEU E 289 -34.43 29.35 12.11
CA LEU E 289 -35.56 28.51 12.32
C LEU E 289 -35.39 27.55 13.46
N ALA E 290 -34.18 27.13 13.75
CA ALA E 290 -33.97 26.27 14.89
C ALA E 290 -34.04 27.05 16.16
N GLN E 291 -33.53 28.26 16.14
CA GLN E 291 -33.67 29.16 17.28
C GLN E 291 -35.14 29.45 17.62
N LEU E 292 -35.99 29.53 16.59
CA LEU E 292 -37.42 29.74 16.78
C LEU E 292 -38.14 28.47 17.22
N GLY E 293 -37.49 27.32 17.05
CA GLY E 293 -38.04 26.05 17.50
C GLY E 293 -39.04 25.40 16.56
N VAL E 294 -39.06 25.85 15.31
CA VAL E 294 -39.90 25.29 14.28
C VAL E 294 -39.21 24.19 13.49
N VAL E 295 -37.91 24.15 13.52
CA VAL E 295 -37.19 23.02 12.97
C VAL E 295 -36.25 22.52 14.04
N ARG E 296 -35.94 21.24 13.97
CA ARG E 296 -34.86 20.62 14.72
C ARG E 296 -33.48 21.16 14.32
N PRO E 297 -32.56 21.34 15.26
CA PRO E 297 -31.27 21.94 14.93
C PRO E 297 -30.32 20.92 14.27
N VAL E 298 -30.72 20.48 13.08
CA VAL E 298 -29.99 19.45 12.35
C VAL E 298 -29.60 20.00 10.98
N PHE E 299 -28.31 19.89 10.66
CA PHE E 299 -27.75 20.40 9.41
C PHE E 299 -27.20 19.27 8.57
N ARG E 300 -27.53 19.27 7.28
CA ARG E 300 -26.85 18.44 6.32
C ARG E 300 -25.59 19.16 5.85
N LEU E 301 -24.45 18.45 5.92
CA LEU E 301 -23.19 19.00 5.43
C LEU E 301 -23.32 19.20 3.92
N PRO E 302 -22.65 20.22 3.34
CA PRO E 302 -21.59 21.07 3.86
C PRO E 302 -22.02 22.27 4.71
N TYR E 303 -23.30 22.36 5.06
CA TYR E 303 -23.77 23.49 5.87
C TYR E 303 -23.55 23.29 7.35
N VAL E 304 -23.18 24.39 8.00
CA VAL E 304 -22.76 24.41 9.37
C VAL E 304 -23.42 25.63 10.01
N PRO E 305 -23.86 25.53 11.23
CA PRO E 305 -24.58 26.63 11.83
C PRO E 305 -23.74 27.86 12.07
N LEU E 306 -24.45 28.96 12.23
CA LEU E 306 -23.85 30.21 12.66
C LEU E 306 -23.39 30.12 14.10
N PRO E 307 -22.39 30.90 14.41
CA PRO E 307 -21.75 30.85 15.71
C PRO E 307 -22.54 31.53 16.81
N LEU E 308 -22.14 31.33 18.05
CA LEU E 308 -22.90 31.83 19.21
C LEU E 308 -23.20 33.32 19.14
N ALA E 309 -22.19 34.12 18.82
CA ALA E 309 -22.33 35.58 18.76
C ALA E 309 -23.42 36.00 17.77
N LYS E 310 -23.53 35.24 16.66
CA LYS E 310 -24.53 35.53 15.63
C LYS E 310 -25.93 35.04 16.04
N ARG E 311 -25.96 34.01 16.88
CA ARG E 311 -27.22 33.53 17.43
C ARG E 311 -27.80 34.50 18.47
N VAL E 312 -26.90 35.12 19.25
CA VAL E 312 -27.28 36.18 20.20
C VAL E 312 -27.85 37.39 19.45
N GLU E 313 -27.21 37.72 18.33
CA GLU E 313 -27.61 38.83 17.47
C GLU E 313 -29.02 38.63 16.90
N PHE E 314 -29.37 37.37 16.60
CA PHE E 314 -30.68 37.01 16.06
C PHE E 314 -31.81 37.23 17.07
N VAL E 315 -31.55 36.88 18.33
CA VAL E 315 -32.52 37.10 19.40
C VAL E 315 -32.89 38.59 19.53
N ASN E 316 -31.89 39.46 19.44
CA ASN E 316 -32.09 40.91 19.47
C ASN E 316 -32.87 41.42 18.26
N ILE E 317 -32.60 40.84 17.10
CA ILE E 317 -33.31 41.15 15.86
C ILE E 317 -34.78 40.77 15.97
N VAL E 318 -35.06 39.64 16.63
CA VAL E 318 -36.42 39.16 16.83
C VAL E 318 -37.20 40.08 17.78
N LYS E 319 -36.58 40.42 18.91
CA LYS E 319 -37.16 41.33 19.89
C LYS E 319 -37.47 42.70 19.27
N GLU E 320 -36.59 43.15 18.39
CA GLU E 320 -36.71 44.44 17.72
C GLU E 320 -37.88 44.50 16.73
N ILE E 321 -38.12 43.40 16.02
CA ILE E 321 -39.20 43.30 15.04
C ILE E 321 -40.52 42.84 15.69
N GLY E 322 -40.42 42.04 16.73
CA GLY E 322 -41.57 41.47 17.37
C GLY E 322 -41.71 40.02 17.07
N ARG E 323 -41.64 39.18 18.08
CA ARG E 323 -41.60 37.75 17.92
C ARG E 323 -42.87 37.28 17.28
N GLU E 324 -43.88 38.08 17.43
CA GLU E 324 -45.19 37.76 16.97
C GLU E 324 -45.26 37.77 15.47
N ASN E 325 -44.33 38.41 14.83
CA ASN E 325 -44.23 38.43 13.40
C ASN E 325 -43.46 37.27 12.80
N PHE E 326 -42.78 36.52 13.63
CA PHE E 326 -42.02 35.35 13.21
C PHE E 326 -42.84 34.07 13.34
N VAL E 327 -42.53 33.09 12.49
CA VAL E 327 -43.21 31.79 12.51
C VAL E 327 -43.10 31.09 13.87
N GLY E 328 -44.09 30.26 14.19
CA GLY E 328 -44.11 29.52 15.44
C GLY E 328 -44.53 30.35 16.64
N GLU E 329 -44.75 29.68 17.77
CA GLU E 329 -45.21 30.32 19.00
C GLU E 329 -44.23 30.21 20.16
N LYS E 330 -43.20 29.38 20.01
CA LYS E 330 -42.21 29.16 21.08
C LYS E 330 -41.23 30.32 21.24
N ASP E 331 -40.78 30.53 22.47
CA ASP E 331 -39.81 31.59 22.78
C ASP E 331 -38.49 31.33 22.06
N VAL E 332 -38.02 32.35 21.35
CA VAL E 332 -36.76 32.27 20.62
C VAL E 332 -35.60 31.97 21.58
N LYS E 333 -34.82 30.94 21.25
CA LYS E 333 -33.67 30.56 22.07
C LYS E 333 -32.36 30.91 21.38
N VAL E 334 -31.29 31.06 22.15
CA VAL E 334 -29.96 31.27 21.59
C VAL E 334 -29.40 29.93 21.10
N LEU E 335 -29.61 28.88 21.90
CA LEU E 335 -29.12 27.52 21.64
C LEU E 335 -27.61 27.37 21.86
N ASP E 336 -27.22 26.21 22.35
CA ASP E 336 -25.80 25.92 22.61
C ASP E 336 -25.19 25.21 21.41
N ASP E 337 -23.87 25.36 21.26
CA ASP E 337 -23.11 24.66 20.21
C ASP E 337 -23.45 23.17 20.12
N ASP E 338 -23.68 22.55 21.27
CA ASP E 338 -23.94 21.11 21.37
C ASP E 338 -25.37 20.71 21.02
N ASP E 339 -26.27 21.68 20.92
CA ASP E 339 -27.64 21.41 20.46
C ASP E 339 -27.66 21.02 18.99
N PHE E 340 -26.73 21.57 18.22
CA PHE E 340 -26.67 21.35 16.77
C PHE E 340 -26.08 20.00 16.35
N ILE E 341 -26.66 19.41 15.31
CA ILE E 341 -26.23 18.10 14.81
C ILE E 341 -25.86 18.19 13.33
N LEU E 342 -24.63 17.79 13.00
CA LEU E 342 -24.12 17.83 11.63
C LEU E 342 -24.10 16.42 11.04
N VAL E 343 -24.70 16.26 9.87
CA VAL E 343 -24.83 14.94 9.25
C VAL E 343 -24.16 14.90 7.87
N GLY E 344 -23.26 13.93 7.72
CA GLY E 344 -22.59 13.67 6.45
C GLY E 344 -23.14 12.47 5.73
N ARG E 345 -23.54 11.45 6.49
CA ARG E 345 -24.13 10.22 5.93
C ARG E 345 -25.58 10.08 6.34
N TYR E 346 -26.48 10.03 5.37
CA TYR E 346 -27.92 9.99 5.68
C TYR E 346 -28.73 9.39 4.54
N HIS F 27 -20.39 5.29 12.56
CA HIS F 27 -19.92 5.00 11.21
C HIS F 27 -18.43 4.81 11.12
N LEU F 28 -18.05 3.55 11.08
CA LEU F 28 -16.69 3.11 10.91
C LEU F 28 -16.38 3.31 9.47
N PRO F 29 -15.13 3.28 9.07
CA PRO F 29 -14.83 3.61 7.69
C PRO F 29 -14.90 2.44 6.75
N MET F 30 -15.40 2.59 5.55
CA MET F 30 -15.36 1.48 4.63
C MET F 30 -14.07 1.48 3.80
N ARG F 31 -13.08 0.80 4.31
CA ARG F 31 -11.76 0.86 3.77
C ARG F 31 -11.11 -0.50 3.71
N SER F 32 -10.39 -0.74 2.64
CA SER F 32 -9.62 -1.95 2.53
C SER F 32 -8.16 -1.70 2.86
N PHE F 33 -7.58 -2.60 3.64
CA PHE F 33 -6.15 -2.58 3.97
C PHE F 33 -5.34 -3.48 3.04
N GLU F 34 -5.95 -3.93 1.94
CA GLU F 34 -5.21 -4.67 0.91
C GLU F 34 -4.24 -3.76 0.21
N VAL F 35 -3.12 -4.35 -0.24
CA VAL F 35 -2.04 -3.62 -0.92
C VAL F 35 -2.55 -2.72 -2.07
N LYS F 36 -3.45 -3.26 -2.89
CA LYS F 36 -4.00 -2.56 -4.04
C LYS F 36 -4.99 -1.44 -3.67
N ASN F 37 -5.35 -1.37 -2.38
CA ASN F 37 -6.15 -0.26 -1.85
C ASN F 37 -5.37 0.65 -0.89
N ARG F 38 -4.08 0.37 -0.73
CA ARG F 38 -3.18 1.24 0.06
C ARG F 38 -2.34 2.08 -0.89
N THR F 39 -2.62 3.38 -0.92
CA THR F 39 -1.89 4.33 -1.77
C THR F 39 -1.41 5.52 -0.95
N SER F 40 -0.36 6.19 -1.38
CA SER F 40 0.17 7.32 -0.69
C SER F 40 0.06 8.62 -1.45
N VAL F 41 0.14 9.73 -0.76
CA VAL F 41 0.17 10.99 -1.44
C VAL F 41 1.44 11.13 -2.22
N ASP F 42 2.46 10.40 -1.86
CA ASP F 42 3.74 10.54 -2.58
C ASP F 42 3.69 9.99 -4.00
N ASP F 43 2.71 9.12 -4.25
CA ASP F 43 2.47 8.58 -5.59
C ASP F 43 1.88 9.61 -6.53
N ILE F 44 1.52 10.78 -5.98
CA ILE F 44 0.83 11.84 -6.71
C ILE F 44 1.64 13.14 -6.72
N LYS F 45 2.31 13.44 -5.60
CA LYS F 45 2.98 14.74 -5.37
C LYS F 45 4.04 15.18 -6.38
N SER F 46 4.61 14.23 -7.12
CA SER F 46 5.70 14.55 -8.06
C SER F 46 5.28 14.53 -9.54
N LEU F 47 4.01 14.23 -9.80
CA LEU F 47 3.51 14.17 -11.18
C LEU F 47 3.50 15.55 -11.82
N ARG F 48 3.98 15.64 -13.05
CA ARG F 48 4.00 16.91 -13.79
C ARG F 48 2.89 17.01 -14.83
N LEU F 49 2.60 15.90 -15.48
CA LEU F 49 1.58 15.86 -16.51
C LEU F 49 0.45 14.91 -16.12
N ILE F 50 -0.69 15.46 -15.79
CA ILE F 50 -1.92 14.75 -15.57
C ILE F 50 -2.94 15.20 -16.59
N THR F 51 -3.52 14.27 -17.30
CA THR F 51 -4.53 14.59 -18.26
C THR F 51 -5.91 14.39 -17.71
N ALA F 52 -6.66 15.45 -17.66
CA ALA F 52 -8.09 15.35 -17.46
C ALA F 52 -8.73 14.78 -18.68
N ILE F 53 -8.84 13.49 -18.72
CA ILE F 53 -9.24 12.73 -19.90
C ILE F 53 -10.71 13.00 -20.27
N LYS F 54 -10.95 13.08 -21.57
CA LYS F 54 -12.29 13.23 -22.11
C LYS F 54 -13.01 11.89 -22.09
N THR F 55 -14.33 11.93 -21.86
CA THR F 55 -15.15 10.73 -21.86
C THR F 55 -15.97 10.69 -23.14
N PRO F 56 -15.64 9.74 -24.04
CA PRO F 56 -16.32 9.58 -25.32
C PRO F 56 -17.60 8.71 -25.23
N TYR F 57 -18.49 8.91 -26.20
CA TYR F 57 -19.81 8.28 -26.17
C TYR F 57 -20.15 7.57 -27.47
N LEU F 58 -20.93 6.51 -27.32
CA LEU F 58 -21.60 5.81 -28.41
C LEU F 58 -22.78 6.67 -28.88
N PRO F 59 -23.35 6.36 -30.06
CA PRO F 59 -24.42 7.20 -30.63
C PRO F 59 -25.64 7.37 -29.72
N ASP F 60 -25.90 6.39 -28.85
CA ASP F 60 -27.04 6.45 -27.91
C ASP F 60 -26.70 7.17 -26.59
N GLY F 61 -25.48 7.69 -26.47
CA GLY F 61 -25.07 8.49 -25.31
C GLY F 61 -24.32 7.74 -24.22
N ARG F 62 -24.30 6.41 -24.30
CA ARG F 62 -23.53 5.57 -23.37
C ARG F 62 -22.03 5.73 -23.60
N PHE F 63 -21.22 5.40 -22.59
CA PHE F 63 -19.76 5.47 -22.72
C PHE F 63 -19.26 4.61 -23.88
N ASP F 64 -18.39 5.16 -24.69
CA ASP F 64 -17.66 4.44 -25.71
C ASP F 64 -16.33 3.94 -25.13
N LEU F 65 -16.32 2.74 -24.62
CA LEU F 65 -15.18 2.18 -23.92
C LEU F 65 -14.03 1.84 -24.82
N GLU F 66 -14.34 1.42 -26.02
CA GLU F 66 -13.37 1.21 -27.04
C GLU F 66 -12.58 2.45 -27.34
N ALA F 67 -13.24 3.56 -27.57
CA ALA F 67 -12.56 4.84 -27.82
C ALA F 67 -11.85 5.37 -26.60
N TYR F 68 -12.47 5.24 -25.43
CA TYR F 68 -11.87 5.67 -24.17
C TYR F 68 -10.53 4.97 -23.96
N ASP F 69 -10.51 3.66 -24.15
CA ASP F 69 -9.29 2.86 -24.01
C ASP F 69 -8.18 3.34 -24.93
N ALA F 70 -8.56 3.68 -26.17
CA ALA F 70 -7.60 4.20 -27.14
C ALA F 70 -7.04 5.55 -26.68
N LEU F 71 -7.91 6.41 -26.14
CA LEU F 71 -7.49 7.72 -25.63
C LEU F 71 -6.50 7.57 -24.48
N VAL F 72 -6.81 6.68 -23.54
CA VAL F 72 -5.94 6.49 -22.39
C VAL F 72 -4.61 5.89 -22.83
N ASN F 73 -4.66 4.90 -23.74
CA ASN F 73 -3.45 4.32 -24.30
C ASN F 73 -2.55 5.34 -25.00
N MET F 74 -3.14 6.30 -25.71
CA MET F 74 -2.36 7.35 -26.37
C MET F 74 -1.71 8.30 -25.37
N GLN F 75 -2.40 8.55 -24.27
CA GLN F 75 -1.82 9.31 -23.17
C GLN F 75 -0.61 8.59 -22.55
N ILE F 76 -0.70 7.27 -22.43
CA ILE F 76 0.41 6.49 -21.88
C ILE F 76 1.59 6.53 -22.86
N VAL F 77 1.30 6.33 -24.14
CA VAL F 77 2.30 6.32 -25.20
C VAL F 77 3.18 7.58 -25.20
N ASP F 78 2.57 8.76 -25.04
CA ASP F 78 3.30 10.03 -25.06
C ASP F 78 3.76 10.50 -23.68
N GLY F 79 3.58 9.65 -22.67
CA GLY F 79 4.15 9.88 -21.35
C GLY F 79 3.38 10.76 -20.39
N ALA F 80 2.05 10.76 -20.47
CA ALA F 80 1.24 11.35 -19.40
C ALA F 80 1.42 10.48 -18.16
N GLU F 81 1.59 11.11 -17.00
CA GLU F 81 1.85 10.41 -15.74
C GLU F 81 0.60 10.10 -14.93
N GLY F 82 -0.43 10.92 -15.10
CA GLY F 82 -1.70 10.74 -14.39
C GLY F 82 -2.91 11.11 -15.25
N VAL F 83 -4.05 10.53 -14.90
CA VAL F 83 -5.33 10.89 -15.50
C VAL F 83 -6.35 11.22 -14.41
N ILE F 84 -7.10 12.29 -14.63
CA ILE F 84 -8.32 12.54 -13.88
C ILE F 84 -9.44 11.83 -14.64
N VAL F 85 -10.25 11.05 -13.91
CA VAL F 85 -11.37 10.34 -14.51
C VAL F 85 -12.66 11.06 -14.13
N GLY F 86 -13.35 11.59 -15.13
CA GLY F 86 -14.60 12.29 -14.90
C GLY F 86 -14.41 13.64 -14.23
N GLY F 87 -13.31 14.32 -14.55
CA GLY F 87 -13.15 15.72 -14.16
C GLY F 87 -14.10 16.59 -15.00
N THR F 88 -13.95 17.90 -14.89
CA THR F 88 -14.76 18.84 -15.67
C THR F 88 -14.63 18.53 -17.16
N THR F 89 -13.39 18.31 -17.59
CA THR F 89 -13.08 18.00 -18.98
C THR F 89 -13.69 16.66 -19.36
N GLY F 90 -13.69 15.72 -18.41
CA GLY F 90 -14.29 14.39 -18.62
C GLY F 90 -15.81 14.33 -18.44
N GLU F 91 -16.42 15.49 -18.18
CA GLU F 91 -17.88 15.61 -18.05
C GLU F 91 -18.45 14.73 -16.93
N GLY F 92 -17.81 14.69 -15.79
CA GLY F 92 -18.27 13.91 -14.70
C GLY F 92 -19.57 14.37 -14.11
N GLN F 93 -19.82 15.65 -14.28
CA GLN F 93 -21.06 16.31 -13.98
C GLN F 93 -22.27 15.76 -14.73
N LEU F 94 -22.05 15.08 -15.83
CA LEU F 94 -23.13 14.50 -16.56
C LEU F 94 -23.25 13.01 -16.42
N MET F 95 -22.48 12.40 -15.56
CA MET F 95 -22.50 10.99 -15.36
C MET F 95 -23.39 10.75 -14.20
N SER F 96 -24.02 9.61 -14.15
CA SER F 96 -24.60 9.10 -12.92
C SER F 96 -23.44 8.53 -12.10
N TRP F 97 -23.64 8.40 -10.79
CA TRP F 97 -22.59 7.88 -9.93
C TRP F 97 -22.15 6.46 -10.28
N ASP F 98 -23.08 5.65 -10.80
CA ASP F 98 -22.76 4.27 -11.18
CA ASP F 98 -22.78 4.27 -11.18
C ASP F 98 -21.82 4.22 -12.38
N GLU F 99 -22.07 5.07 -13.38
CA GLU F 99 -21.20 5.20 -14.55
C GLU F 99 -19.81 5.69 -14.15
N HIS F 100 -19.78 6.65 -13.22
CA HIS F 100 -18.55 7.32 -12.81
C HIS F 100 -17.63 6.35 -12.08
N ILE F 101 -18.18 5.63 -11.10
CA ILE F 101 -17.41 4.63 -10.35
C ILE F 101 -16.95 3.49 -11.27
N MET F 102 -17.78 3.13 -12.22
CA MET F 102 -17.43 2.13 -13.16
C MET F 102 -16.30 2.52 -14.09
N LEU F 103 -16.28 3.76 -14.53
CA LEU F 103 -15.19 4.29 -15.30
C LEU F 103 -13.89 4.32 -14.49
N ILE F 104 -13.91 4.81 -13.29
CA ILE F 104 -12.78 4.74 -12.45
C ILE F 104 -12.24 3.33 -12.21
N GLY F 105 -13.11 2.38 -11.92
CA GLY F 105 -12.69 1.00 -11.71
C GLY F 105 -12.11 0.39 -12.98
N HIS F 106 -12.72 0.73 -14.11
CA HIS F 106 -12.26 0.28 -15.43
C HIS F 106 -10.86 0.79 -15.72
N THR F 107 -10.62 2.07 -15.44
CA THR F 107 -9.35 2.73 -15.72
C THR F 107 -8.23 2.17 -14.85
N VAL F 108 -8.52 1.93 -13.57
CA VAL F 108 -7.58 1.29 -12.67
C VAL F 108 -7.24 -0.12 -13.15
N ASN F 109 -8.27 -0.90 -13.48
CA ASN F 109 -8.09 -2.29 -13.90
C ASN F 109 -7.29 -2.43 -15.20
N CYS F 110 -7.46 -1.48 -16.12
CA CYS F 110 -6.78 -1.57 -17.40
C CYS F 110 -5.44 -0.85 -17.43
N PHE F 111 -5.30 0.23 -16.66
CA PHE F 111 -4.16 1.13 -16.85
C PHE F 111 -3.44 1.54 -15.58
N GLY F 112 -3.96 1.08 -14.44
CA GLY F 112 -3.46 1.49 -13.13
C GLY F 112 -1.98 1.24 -12.91
N GLY F 113 -1.42 0.22 -13.56
CA GLY F 113 0.02 -0.04 -13.48
C GLY F 113 0.90 0.81 -14.39
N SER F 114 0.29 1.48 -15.36
CA SER F 114 1.04 2.31 -16.31
C SER F 114 0.83 3.81 -16.12
N ILE F 115 -0.24 4.16 -15.42
CA ILE F 115 -0.59 5.57 -15.22
C ILE F 115 -1.31 5.69 -13.88
N LYS F 116 -1.07 6.79 -13.18
CA LYS F 116 -1.74 7.05 -11.91
C LYS F 116 -3.18 7.50 -12.17
N VAL F 117 -4.11 6.91 -11.43
CA VAL F 117 -5.52 7.16 -11.66
C VAL F 117 -6.12 7.99 -10.53
N ILE F 118 -6.57 9.19 -10.90
CA ILE F 118 -7.18 10.10 -9.95
C ILE F 118 -8.67 10.21 -10.30
N GLY F 119 -9.51 9.66 -9.43
CA GLY F 119 -10.94 9.68 -9.66
C GLY F 119 -11.52 10.99 -9.19
N ASN F 120 -12.38 11.59 -10.01
CA ASN F 120 -13.08 12.80 -9.57
C ASN F 120 -14.34 12.43 -8.80
N THR F 121 -14.20 12.38 -7.49
CA THR F 121 -15.30 11.92 -6.65
C THR F 121 -15.83 13.05 -5.76
N GLY F 122 -15.50 14.29 -6.13
CA GLY F 122 -16.04 15.47 -5.49
C GLY F 122 -17.49 15.78 -5.85
N SER F 123 -18.11 16.60 -5.01
CA SER F 123 -19.54 16.93 -5.13
C SER F 123 -19.85 18.17 -4.26
N ASN F 124 -20.92 18.89 -4.61
CA ASN F 124 -21.43 19.93 -3.73
C ASN F 124 -22.18 19.36 -2.51
N SER F 125 -22.55 18.09 -2.60
CA SER F 125 -23.09 17.37 -1.46
C SER F 125 -22.01 16.55 -0.76
N THR F 126 -21.81 16.84 0.52
CA THR F 126 -20.88 16.10 1.34
C THR F 126 -21.21 14.61 1.38
N ARG F 127 -22.50 14.27 1.41
CA ARG F 127 -22.92 12.86 1.41
C ARG F 127 -22.49 12.14 0.14
N GLU F 128 -22.77 12.76 -1.01
CA GLU F 128 -22.38 12.22 -2.30
C GLU F 128 -20.87 12.04 -2.40
N ALA F 129 -20.12 13.03 -1.91
CA ALA F 129 -18.66 13.03 -1.93
C ALA F 129 -18.08 11.92 -1.03
N ILE F 130 -18.69 11.71 0.12
CA ILE F 130 -18.32 10.62 1.03
C ILE F 130 -18.54 9.26 0.37
N HIS F 131 -19.72 9.06 -0.22
CA HIS F 131 -20.06 7.79 -0.84
CA HIS F 131 -20.10 7.82 -0.88
C HIS F 131 -19.21 7.51 -2.08
N ALA F 132 -19.03 8.52 -2.93
CA ALA F 132 -18.23 8.36 -4.15
C ALA F 132 -16.75 8.04 -3.89
N THR F 133 -16.15 8.76 -2.93
CA THR F 133 -14.74 8.62 -2.63
C THR F 133 -14.41 7.24 -2.04
N GLU F 134 -15.23 6.82 -1.09
CA GLU F 134 -15.20 5.49 -0.50
C GLU F 134 -15.20 4.42 -1.57
N GLN F 135 -16.13 4.52 -2.51
CA GLN F 135 -16.26 3.55 -3.58
C GLN F 135 -15.11 3.63 -4.57
N GLY F 136 -14.67 4.85 -4.86
CA GLY F 136 -13.53 5.11 -5.73
C GLY F 136 -12.22 4.50 -5.23
N PHE F 137 -11.91 4.70 -3.96
CA PHE F 137 -10.73 4.03 -3.38
C PHE F 137 -10.90 2.51 -3.29
N ALA F 138 -12.14 2.05 -3.16
CA ALA F 138 -12.40 0.62 -3.05
C ALA F 138 -12.10 -0.11 -4.35
N VAL F 139 -12.36 0.54 -5.48
CA VAL F 139 -12.02 -0.04 -6.79
C VAL F 139 -10.59 0.32 -7.24
N GLY F 140 -9.82 0.89 -6.32
CA GLY F 140 -8.37 0.96 -6.43
C GLY F 140 -7.73 2.22 -6.99
N MET F 141 -8.46 3.33 -7.00
CA MET F 141 -7.92 4.59 -7.54
C MET F 141 -6.82 5.11 -6.59
N HIS F 142 -5.91 5.90 -7.14
CA HIS F 142 -4.72 6.34 -6.41
C HIS F 142 -4.96 7.59 -5.60
N ALA F 143 -5.93 8.38 -6.03
CA ALA F 143 -6.21 9.67 -5.40
C ALA F 143 -7.61 10.16 -5.77
N ALA F 144 -8.12 11.10 -4.98
CA ALA F 144 -9.41 11.72 -5.25
C ALA F 144 -9.24 13.20 -5.60
N LEU F 145 -9.96 13.65 -6.62
CA LEU F 145 -10.06 15.09 -6.89
C LEU F 145 -11.31 15.64 -6.18
N HIS F 146 -11.13 16.72 -5.42
CA HIS F 146 -12.20 17.30 -4.62
C HIS F 146 -12.36 18.81 -4.76
N ILE F 147 -13.41 19.19 -5.48
CA ILE F 147 -13.86 20.57 -5.62
C ILE F 147 -14.60 21.02 -4.35
N ASN F 148 -14.57 22.33 -4.09
CA ASN F 148 -15.45 22.92 -3.07
C ASN F 148 -16.91 22.90 -3.56
N PRO F 149 -17.89 22.85 -2.64
CA PRO F 149 -19.29 22.84 -3.08
C PRO F 149 -19.66 24.00 -4.01
N TYR F 150 -19.98 23.66 -5.25
CA TYR F 150 -20.44 24.58 -6.28
C TYR F 150 -21.95 24.75 -6.18
N TYR F 151 -22.43 25.92 -6.62
CA TYR F 151 -23.87 26.28 -6.56
C TYR F 151 -24.39 26.46 -5.12
N GLY F 152 -24.46 25.36 -4.37
CA GLY F 152 -24.78 25.42 -2.94
C GLY F 152 -23.57 25.81 -2.12
N LYS F 153 -23.15 27.06 -2.28
CA LYS F 153 -22.01 27.64 -1.57
C LYS F 153 -22.18 27.51 -0.05
N THR F 154 -21.11 27.12 0.64
CA THR F 154 -21.15 27.07 2.10
C THR F 154 -20.17 28.08 2.68
N SER F 155 -20.12 28.20 3.99
CA SER F 155 -19.19 29.05 4.68
C SER F 155 -17.79 28.50 4.65
N LEU F 156 -16.83 29.26 5.09
CA LEU F 156 -15.47 28.82 5.10
C LEU F 156 -15.37 27.71 6.08
N GLU F 157 -15.99 27.91 7.20
CA GLU F 157 -16.18 26.82 8.37
CA GLU F 157 -16.15 26.89 8.16
C GLU F 157 -16.81 25.56 7.76
N GLY F 158 -17.76 25.71 6.86
CA GLY F 158 -18.41 24.60 6.17
C GLY F 158 -17.49 23.91 5.14
N LEU F 159 -16.60 24.70 4.53
CA LEU F 159 -15.59 24.15 3.62
C LEU F 159 -14.68 23.19 4.36
N VAL F 160 -14.21 23.62 5.54
CA VAL F 160 -13.37 22.78 6.37
C VAL F 160 -14.09 21.47 6.70
N SER F 161 -15.36 21.55 7.10
CA SER F 161 -16.13 20.36 7.46
C SER F 161 -16.35 19.43 6.27
N HIS F 162 -16.54 20.02 5.09
CA HIS F 162 -16.72 19.24 3.88
C HIS F 162 -15.43 18.50 3.53
N PHE F 163 -14.34 19.23 3.41
CA PHE F 163 -13.07 18.66 3.05
C PHE F 163 -12.57 17.65 4.07
N GLU F 164 -12.89 17.88 5.30
CA GLU F 164 -12.53 17.04 6.38
C GLU F 164 -13.27 15.73 6.42
N SER F 165 -14.34 15.62 5.66
CA SER F 165 -15.15 14.46 5.64
C SER F 165 -14.55 13.44 4.73
N VAL F 166 -13.79 13.93 3.79
CA VAL F 166 -13.28 13.07 2.73
C VAL F 166 -11.75 12.91 2.75
N LEU F 167 -11.04 13.84 3.39
CA LEU F 167 -9.58 13.73 3.50
C LEU F 167 -9.06 12.44 4.16
N PRO F 168 -9.72 11.94 5.23
CA PRO F 168 -9.21 10.71 5.85
C PRO F 168 -9.26 9.47 4.96
N MET F 169 -9.95 9.55 3.82
CA MET F 169 -10.15 8.37 2.98
C MET F 169 -8.97 8.04 2.06
N GLY F 170 -8.11 9.03 1.82
CA GLY F 170 -6.92 8.81 1.02
C GLY F 170 -6.42 10.06 0.32
N PRO F 171 -5.33 9.92 -0.46
CA PRO F 171 -4.71 11.02 -1.18
C PRO F 171 -5.74 11.86 -1.92
N THR F 172 -5.70 13.16 -1.67
CA THR F 172 -6.70 14.09 -2.15
C THR F 172 -6.06 15.30 -2.83
N VAL F 173 -6.58 15.64 -4.00
CA VAL F 173 -6.26 16.89 -4.65
C VAL F 173 -7.46 17.85 -4.53
N ILE F 174 -7.24 19.01 -3.92
CA ILE F 174 -8.30 20.01 -3.80
C ILE F 174 -8.32 20.89 -5.05
N TYR F 175 -9.52 21.12 -5.55
CA TYR F 175 -9.74 21.75 -6.85
C TYR F 175 -10.40 23.11 -6.64
N ASN F 176 -9.71 24.16 -7.07
CA ASN F 176 -10.23 25.53 -6.97
C ASN F 176 -10.45 26.17 -8.34
N VAL F 177 -11.68 26.46 -8.69
CA VAL F 177 -12.03 27.10 -9.93
C VAL F 177 -13.29 27.96 -9.79
N PRO F 178 -13.15 29.08 -9.11
CA PRO F 178 -14.24 30.02 -8.88
C PRO F 178 -15.08 30.42 -10.06
N SER F 179 -14.53 30.54 -11.24
CA SER F 179 -15.32 30.90 -12.39
C SER F 179 -16.38 29.88 -12.73
N ARG F 180 -16.26 28.73 -12.11
CA ARG F 180 -17.22 27.65 -12.32
C ARG F 180 -18.10 27.40 -11.08
N THR F 181 -17.51 27.56 -9.90
CA THR F 181 -18.16 27.18 -8.65
C THR F 181 -18.90 28.31 -7.95
N GLY F 182 -18.48 29.55 -8.22
CA GLY F 182 -19.02 30.73 -7.56
C GLY F 182 -18.27 31.12 -6.30
N GLN F 183 -17.29 30.31 -5.93
CA GLN F 183 -16.54 30.52 -4.68
C GLN F 183 -15.04 30.22 -4.78
N ASP F 184 -14.25 31.21 -4.38
CA ASP F 184 -12.80 31.08 -4.34
C ASP F 184 -12.42 30.46 -3.01
N ILE F 185 -11.71 29.33 -3.05
CA ILE F 185 -11.18 28.73 -1.82
C ILE F 185 -9.98 29.57 -1.37
N PRO F 186 -10.10 30.30 -0.26
CA PRO F 186 -8.99 31.16 0.15
C PRO F 186 -7.81 30.34 0.73
N PRO F 187 -6.59 30.91 0.72
CA PRO F 187 -5.41 30.21 1.23
C PRO F 187 -5.57 29.75 2.70
N GLY F 188 -6.33 30.51 3.48
CA GLY F 188 -6.60 30.14 4.89
C GLY F 188 -7.24 28.76 5.05
N VAL F 189 -8.14 28.42 4.14
CA VAL F 189 -8.82 27.12 4.16
C VAL F 189 -7.88 25.99 3.69
N ILE F 190 -7.07 26.27 2.68
CA ILE F 190 -6.08 25.31 2.19
C ILE F 190 -5.07 24.94 3.30
N HIS F 191 -4.55 25.97 3.99
CA HIS F 191 -3.61 25.78 5.09
C HIS F 191 -4.21 25.06 6.29
N THR F 192 -5.51 25.25 6.52
CA THR F 192 -6.22 24.55 7.59
C THR F 192 -6.35 23.06 7.29
N VAL F 193 -6.75 22.73 6.06
CA VAL F 193 -6.91 21.34 5.65
C VAL F 193 -5.58 20.63 5.37
N ALA F 194 -4.52 21.41 5.14
CA ALA F 194 -3.17 20.86 4.94
C ALA F 194 -2.56 20.26 6.21
N GLN F 195 -3.30 20.31 7.32
CA GLN F 195 -2.95 19.58 8.54
C GLN F 195 -3.05 18.09 8.26
N SER F 196 -3.86 17.74 7.25
CA SER F 196 -4.06 16.36 6.84
C SER F 196 -2.92 15.85 5.96
N ALA F 197 -2.32 14.74 6.41
CA ALA F 197 -1.29 14.03 5.65
C ALA F 197 -1.78 13.55 4.28
N ASN F 198 -3.10 13.49 4.09
CA ASN F 198 -3.69 13.04 2.83
C ASN F 198 -3.89 14.14 1.79
N LEU F 199 -3.59 15.38 2.13
CA LEU F 199 -3.65 16.42 1.13
C LEU F 199 -2.43 16.33 0.22
N ALA F 200 -2.63 15.88 -1.01
CA ALA F 200 -1.54 15.80 -1.97
C ALA F 200 -1.19 17.19 -2.46
N GLY F 201 -2.22 17.98 -2.76
CA GLY F 201 -2.02 19.33 -3.23
C GLY F 201 -3.28 19.98 -3.76
N VAL F 202 -3.09 20.98 -4.60
CA VAL F 202 -4.15 21.76 -5.18
C VAL F 202 -4.12 21.91 -6.71
N GLU F 204 -5.14 24.38 -9.10
CA GLU F 204 -5.43 25.78 -8.95
C GLU F 204 -5.70 26.51 -10.26
N CYS F 205 -6.75 27.32 -10.29
CA CYS F 205 -7.21 27.95 -11.54
C CYS F 205 -7.32 29.48 -11.47
N VAL F 206 -7.12 30.09 -10.30
CA VAL F 206 -7.26 31.55 -10.21
C VAL F 206 -6.09 32.31 -10.80
N GLY F 207 -4.96 31.64 -10.98
CA GLY F 207 -3.79 32.24 -11.63
C GLY F 207 -2.45 31.95 -10.97
N ASN F 208 -1.39 32.39 -11.63
CA ASN F 208 -0.01 32.10 -11.21
C ASN F 208 0.44 32.76 -9.92
N ASP F 209 -0.06 33.98 -9.66
CA ASP F 209 0.27 34.64 -8.41
C ASP F 209 -0.29 33.90 -7.21
N ARG F 210 -1.46 33.30 -7.39
CA ARG F 210 -2.03 32.41 -6.37
C ARG F 210 -1.21 31.13 -6.19
N ILE F 211 -0.81 30.52 -7.31
CA ILE F 211 0.06 29.35 -7.29
C ILE F 211 1.31 29.62 -6.45
N LYS F 212 1.93 30.78 -6.68
CA LYS F 212 3.12 31.19 -5.95
C LYS F 212 2.91 31.30 -4.43
N GLN F 213 1.76 31.83 -4.02
CA GLN F 213 1.42 31.89 -2.58
C GLN F 213 1.47 30.51 -1.94
N TYR F 214 1.04 29.49 -2.68
CA TYR F 214 1.03 28.12 -2.17
C TYR F 214 2.40 27.44 -2.22
N THR F 215 3.12 27.62 -3.33
CA THR F 215 4.38 26.90 -3.54
C THR F 215 5.52 27.48 -2.71
N ASP F 216 5.43 28.76 -2.37
CA ASP F 216 6.33 29.38 -1.38
C ASP F 216 6.09 28.82 0.02
N ASN F 217 4.87 28.33 0.25
CA ASN F 217 4.50 27.81 1.56
C ASN F 217 4.47 26.28 1.65
N ARG F 218 5.33 25.63 0.87
CA ARG F 218 5.51 24.18 0.93
C ARG F 218 4.27 23.36 0.50
N ILE F 219 3.32 24.00 -0.18
CA ILE F 219 2.15 23.32 -0.72
C ILE F 219 2.34 23.03 -2.20
N VAL F 220 2.10 21.78 -2.60
CA VAL F 220 2.23 21.33 -3.99
C VAL F 220 1.02 21.83 -4.78
N VAL F 221 1.28 22.41 -5.96
CA VAL F 221 0.23 22.94 -6.80
C VAL F 221 0.40 22.48 -8.24
N TRP F 222 -0.72 22.07 -8.85
CA TRP F 222 -0.78 21.89 -10.30
C TRP F 222 -1.64 23.01 -10.89
N SER F 223 -1.16 23.62 -11.97
CA SER F 223 -1.94 24.60 -12.70
C SER F 223 -3.11 23.91 -13.40
N GLY F 224 -4.28 24.56 -13.35
CA GLY F 224 -5.45 24.08 -14.08
C GLY F 224 -5.70 24.82 -15.38
N ASN F 225 -4.83 25.78 -15.70
CA ASN F 225 -4.97 26.62 -16.89
C ASN F 225 -3.82 26.39 -17.87
N ASP F 226 -4.14 25.86 -19.04
CA ASP F 226 -3.12 25.48 -20.03
C ASP F 226 -2.29 26.64 -20.59
N ASP F 227 -2.90 27.81 -20.72
CA ASP F 227 -2.18 29.03 -21.15
C ASP F 227 -1.21 29.61 -20.10
N GLN F 228 -1.28 29.13 -18.87
CA GLN F 228 -0.45 29.66 -17.79
C GLN F 228 0.56 28.64 -17.28
N CYS F 229 0.38 27.38 -17.66
CA CYS F 229 1.06 26.27 -16.98
C CYS F 229 2.55 26.19 -17.24
N HIS F 230 2.99 26.51 -18.46
CA HIS F 230 4.40 26.63 -18.76
C HIS F 230 5.07 27.56 -17.75
N ASP F 231 4.54 28.77 -17.61
CA ASP F 231 5.09 29.75 -16.68
C ASP F 231 4.91 29.32 -15.22
N ALA F 232 3.78 28.68 -14.92
CA ALA F 232 3.54 28.12 -13.58
C ALA F 232 4.66 27.17 -13.16
N LYS F 233 5.09 26.32 -14.07
CA LYS F 233 6.16 25.36 -13.83
C LYS F 233 7.52 26.04 -13.60
N TRP F 234 7.97 26.80 -14.60
CA TRP F 234 9.34 27.31 -14.61
C TRP F 234 9.55 28.59 -13.77
N ASP F 235 8.46 29.31 -13.50
CA ASP F 235 8.58 30.60 -12.78
C ASP F 235 7.87 30.68 -11.43
N TYR F 236 6.80 29.91 -11.23
CA TYR F 236 5.98 30.04 -10.01
C TYR F 236 5.98 28.82 -9.07
N GLY F 237 6.89 27.88 -9.31
CA GLY F 237 7.07 26.74 -8.41
C GLY F 237 5.98 25.68 -8.44
N ALA F 238 5.11 25.74 -9.45
CA ALA F 238 4.13 24.68 -9.68
C ALA F 238 4.82 23.35 -9.98
N THR F 239 4.28 22.27 -9.44
CA THR F 239 4.79 20.94 -9.74
C THR F 239 4.43 20.53 -11.17
N GLY F 240 3.26 20.95 -11.64
CA GLY F 240 2.89 20.66 -13.02
C GLY F 240 1.53 21.14 -13.45
N VAL F 241 0.99 20.42 -14.42
CA VAL F 241 -0.30 20.78 -14.98
C VAL F 241 -1.25 19.61 -14.87
N ILE F 242 -2.52 19.93 -14.61
CA ILE F 242 -3.63 19.04 -14.87
C ILE F 242 -4.32 19.62 -16.10
N SER F 243 -4.17 18.94 -17.23
CA SER F 243 -4.32 19.53 -18.55
C SER F 243 -5.52 19.07 -19.37
N VAL F 244 -6.07 20.02 -20.13
CA VAL F 244 -7.10 19.76 -21.12
C VAL F 244 -6.44 19.50 -22.46
N THR F 245 -5.53 20.39 -22.82
CA THR F 245 -4.82 20.37 -24.11
C THR F 245 -4.03 19.07 -24.38
N SER F 246 -3.52 18.45 -23.32
CA SER F 246 -2.82 17.17 -23.47
C SER F 246 -3.70 16.04 -24.02
N ASN F 247 -5.01 16.22 -24.00
CA ASN F 247 -5.93 15.37 -24.69
C ASN F 247 -5.71 15.36 -26.18
N LEU F 248 -5.23 16.47 -26.73
CA LEU F 248 -4.96 16.61 -28.14
C LEU F 248 -3.51 16.43 -28.54
N ILE F 249 -2.64 17.10 -27.81
CA ILE F 249 -1.23 17.07 -28.07
C ILE F 249 -0.41 16.67 -26.84
N PRO F 250 -0.46 15.41 -26.46
CA PRO F 250 0.18 14.97 -25.21
C PRO F 250 1.71 15.10 -25.24
N GLY F 251 2.32 14.67 -26.34
CA GLY F 251 3.78 14.72 -26.52
C GLY F 251 4.39 16.10 -26.38
N LEU F 252 3.73 17.10 -26.97
CA LEU F 252 4.18 18.49 -26.85
C LEU F 252 4.02 19.01 -25.44
N MET F 253 2.97 18.63 -24.76
CA MET F 253 2.74 19.07 -23.40
C MET F 253 3.71 18.47 -22.41
N ARG F 254 4.07 17.24 -22.66
CA ARG F 254 5.05 16.53 -21.91
C ARG F 254 6.39 17.22 -22.08
N GLN F 255 6.62 17.73 -23.26
CA GLN F 255 7.82 18.41 -23.57
C GLN F 255 7.89 19.76 -22.91
N LEU F 256 6.76 20.39 -22.76
CA LEU F 256 6.71 21.70 -22.20
C LEU F 256 6.90 21.68 -20.73
N LEU F 257 6.62 20.55 -20.11
CA LEU F 257 6.71 20.40 -18.68
C LEU F 257 7.96 19.70 -18.21
N PHE F 258 8.67 19.04 -19.09
CA PHE F 258 9.83 18.28 -18.70
C PHE F 258 11.16 18.75 -19.28
N LYS F 259 11.17 19.35 -20.45
CA LYS F 259 12.41 19.69 -21.16
C LYS F 259 12.99 21.08 -20.86
N GLY F 260 12.39 21.82 -19.94
CA GLY F 260 12.88 23.15 -19.57
C GLY F 260 12.10 24.29 -20.21
N LYS F 261 12.36 25.50 -19.75
CA LYS F 261 11.78 26.71 -20.28
C LYS F 261 11.90 26.83 -21.78
N ASN F 262 10.79 26.93 -22.46
CA ASN F 262 10.78 27.04 -23.88
C ASN F 262 9.67 27.93 -24.34
N PRO F 263 9.95 29.21 -24.43
CA PRO F 263 8.96 30.23 -24.77
C PRO F 263 8.42 30.08 -26.13
N SER F 264 9.27 29.59 -27.00
CA SER F 264 8.95 29.35 -28.40
C SER F 264 7.96 28.21 -28.61
N LEU F 265 8.09 27.11 -27.85
CA LEU F 265 7.11 26.02 -27.91
C LEU F 265 5.77 26.46 -27.30
N ASN F 266 5.86 27.22 -26.21
CA ASN F 266 4.68 27.73 -25.52
C ASN F 266 3.83 28.65 -26.41
N ALA F 267 4.49 29.54 -27.15
CA ALA F 267 3.80 30.41 -28.09
C ALA F 267 3.22 29.62 -29.28
N LYS F 268 3.87 28.51 -29.63
CA LYS F 268 3.42 27.66 -30.72
C LYS F 268 2.08 26.94 -30.45
N ILE F 269 1.84 26.55 -29.20
CA ILE F 269 0.62 25.84 -28.83
C ILE F 269 -0.53 26.78 -28.47
N MET F 270 -0.19 28.05 -28.22
CA MET F 270 -1.16 29.04 -27.75
C MET F 270 -2.40 29.28 -28.64
N PRO F 271 -2.26 29.24 -29.95
CA PRO F 271 -3.44 29.32 -30.80
C PRO F 271 -4.47 28.24 -30.55
N LEU F 272 -4.03 27.01 -30.35
CA LEU F 272 -4.86 25.90 -29.97
C LEU F 272 -5.52 26.02 -28.60
N VAL F 273 -4.80 26.48 -27.62
CA VAL F 273 -5.36 26.69 -26.33
C VAL F 273 -6.42 27.79 -26.35
N ASN F 274 -6.13 28.93 -26.93
CA ASN F 274 -7.13 29.99 -27.10
C ASN F 274 -8.41 29.46 -27.74
N TRP F 275 -8.25 28.71 -28.83
CA TRP F 275 -9.38 28.09 -29.53
C TRP F 275 -10.22 27.18 -28.62
N LEU F 276 -9.55 26.42 -27.75
CA LEU F 276 -10.20 25.46 -26.85
C LEU F 276 -10.99 26.10 -25.71
N PHE F 277 -10.78 27.39 -25.46
CA PHE F 277 -11.41 28.06 -24.33
C PHE F 277 -12.27 29.26 -24.70
N GLU F 278 -12.57 29.40 -25.99
CA GLU F 278 -13.46 30.45 -26.47
C GLU F 278 -14.86 30.19 -25.92
N GLU F 279 -15.36 28.98 -26.15
CA GLU F 279 -16.52 28.45 -25.45
C GLU F 279 -16.05 27.62 -24.25
N PRO F 280 -16.91 27.45 -23.23
CA PRO F 280 -16.48 26.71 -22.04
C PRO F 280 -16.07 25.27 -22.33
N ASN F 281 -14.88 24.90 -21.86
CA ASN F 281 -14.40 23.51 -21.85
C ASN F 281 -15.44 22.59 -21.19
N PRO F 282 -15.70 21.39 -21.75
CA PRO F 282 -15.06 20.70 -22.88
C PRO F 282 -15.71 20.87 -24.24
N ILE F 283 -16.46 21.95 -24.47
CA ILE F 283 -17.10 22.12 -25.77
C ILE F 283 -16.07 22.05 -26.90
N GLY F 284 -15.05 22.88 -26.84
CA GLY F 284 -13.96 22.83 -27.75
C GLY F 284 -13.30 21.49 -27.95
N LEU F 285 -12.95 20.85 -26.86
CA LEU F 285 -12.35 19.56 -26.88
C LEU F 285 -13.14 18.48 -27.53
N ASN F 286 -14.39 18.34 -27.16
CA ASN F 286 -15.22 17.33 -27.75
C ASN F 286 -15.30 17.53 -29.26
N THR F 287 -15.30 18.77 -29.68
CA THR F 287 -15.35 19.05 -31.09
C THR F 287 -14.07 18.66 -31.79
N ALA F 288 -12.94 19.06 -31.25
CA ALA F 288 -11.65 18.74 -31.79
C ALA F 288 -11.38 17.27 -31.91
N LEU F 289 -11.71 16.50 -30.90
CA LEU F 289 -11.44 15.10 -30.87
C LEU F 289 -12.28 14.36 -31.86
N ALA F 290 -13.48 14.83 -32.09
CA ALA F 290 -14.29 14.29 -33.15
C ALA F 290 -13.77 14.60 -34.56
N GLN F 291 -13.14 15.73 -34.76
CA GLN F 291 -12.59 16.12 -36.04
C GLN F 291 -11.38 15.27 -36.36
N LEU F 292 -10.65 14.88 -35.33
CA LEU F 292 -9.51 14.02 -35.45
C LEU F 292 -9.89 12.59 -35.65
N GLY F 293 -11.15 12.27 -35.46
CA GLY F 293 -11.64 10.91 -35.64
C GLY F 293 -11.30 9.92 -34.54
N VAL F 294 -10.82 10.42 -33.41
CA VAL F 294 -10.53 9.59 -32.24
C VAL F 294 -11.69 9.35 -31.33
N VAL F 295 -12.74 10.13 -31.47
CA VAL F 295 -14.00 9.91 -30.78
C VAL F 295 -15.12 10.14 -31.76
N ARG F 296 -16.24 9.51 -31.51
CA ARG F 296 -17.46 9.71 -32.22
C ARG F 296 -18.05 11.08 -31.97
N PRO F 297 -18.70 11.64 -32.95
CA PRO F 297 -19.24 13.00 -32.80
C PRO F 297 -20.55 13.04 -32.02
N VAL F 298 -20.49 12.65 -30.75
CA VAL F 298 -21.65 12.55 -29.88
C VAL F 298 -21.46 13.42 -28.64
N PHE F 299 -22.47 14.23 -28.35
CA PHE F 299 -22.45 15.14 -27.22
C PHE F 299 -23.59 14.82 -26.26
N ARG F 300 -23.29 14.79 -24.97
CA ARG F 300 -24.32 14.81 -23.94
C ARG F 300 -24.65 16.26 -23.66
N LEU F 301 -25.94 16.58 -23.66
CA LEU F 301 -26.39 17.93 -23.34
C LEU F 301 -26.09 18.19 -21.88
N PRO F 302 -25.84 19.46 -21.49
CA PRO F 302 -26.05 20.73 -22.19
C PRO F 302 -24.95 21.14 -23.17
N TYR F 303 -24.04 20.24 -23.52
CA TYR F 303 -22.95 20.58 -24.43
C TYR F 303 -23.33 20.44 -25.89
N VAL F 304 -22.87 21.39 -26.68
CA VAL F 304 -23.21 21.49 -28.11
C VAL F 304 -21.91 21.83 -28.87
N PRO F 305 -21.68 21.25 -30.01
CA PRO F 305 -20.44 21.49 -30.72
C PRO F 305 -20.17 22.90 -31.20
N LEU F 306 -18.93 23.23 -31.46
CA LEU F 306 -18.58 24.49 -32.08
C LEU F 306 -19.10 24.53 -33.51
N PRO F 307 -19.40 25.70 -34.04
CA PRO F 307 -19.99 25.86 -35.38
C PRO F 307 -19.03 25.69 -36.55
N LEU F 308 -19.57 25.58 -37.75
CA LEU F 308 -18.75 25.34 -38.94
C LEU F 308 -17.46 26.17 -38.99
N ALA F 309 -17.57 27.48 -38.78
CA ALA F 309 -16.43 28.39 -38.90
C ALA F 309 -15.29 28.06 -37.93
N LYS F 310 -15.64 27.59 -36.74
CA LYS F 310 -14.64 27.25 -35.74
C LYS F 310 -13.95 25.93 -36.05
N ARG F 311 -14.71 25.01 -36.65
CA ARG F 311 -14.18 23.73 -37.11
C ARG F 311 -13.16 23.91 -38.24
N VAL F 312 -13.47 24.82 -39.18
CA VAL F 312 -12.54 25.25 -40.23
C VAL F 312 -11.27 25.83 -39.60
N GLU F 313 -11.45 26.72 -38.64
CA GLU F 313 -10.33 27.33 -37.93
C GLU F 313 -9.44 26.29 -37.24
N PHE F 314 -10.05 25.20 -36.74
CA PHE F 314 -9.31 24.12 -36.11
C PHE F 314 -8.44 23.34 -37.11
N VAL F 315 -9.01 23.04 -38.27
CA VAL F 315 -8.27 22.39 -39.35
C VAL F 315 -6.98 23.15 -39.70
N ASN F 316 -7.06 24.48 -39.70
CA ASN F 316 -5.88 25.32 -39.93
C ASN F 316 -4.91 25.36 -38.75
N ILE F 317 -5.43 25.25 -37.53
CA ILE F 317 -4.58 25.13 -36.34
C ILE F 317 -3.80 23.81 -36.34
N VAL F 318 -4.47 22.73 -36.73
CA VAL F 318 -3.83 21.43 -36.85
C VAL F 318 -2.67 21.52 -37.84
N LYS F 319 -2.95 22.04 -39.04
CA LYS F 319 -1.93 22.15 -40.10
C LYS F 319 -0.70 22.95 -39.64
N GLU F 320 -0.96 24.07 -38.96
CA GLU F 320 0.10 24.97 -38.48
C GLU F 320 1.01 24.29 -37.45
N ILE F 321 0.44 23.47 -36.59
CA ILE F 321 1.23 22.77 -35.57
C ILE F 321 1.83 21.46 -36.10
N GLY F 322 1.07 20.80 -36.96
CA GLY F 322 1.45 19.52 -37.49
C GLY F 322 0.60 18.42 -36.95
N ARG F 323 -0.04 17.70 -37.82
CA ARG F 323 -0.95 16.68 -37.44
C ARG F 323 -0.30 15.49 -36.80
N GLU F 324 1.01 15.40 -36.90
CA GLU F 324 1.71 14.30 -36.31
C GLU F 324 1.80 14.47 -34.84
N ASN F 325 1.59 15.67 -34.38
CA ASN F 325 1.61 16.00 -32.95
C ASN F 325 0.26 15.81 -32.24
N PHE F 326 -0.80 15.59 -33.02
CA PHE F 326 -2.14 15.37 -32.48
C PHE F 326 -2.44 13.88 -32.41
N VAL F 327 -3.26 13.48 -31.43
CA VAL F 327 -3.70 12.09 -31.29
C VAL F 327 -4.35 11.55 -32.56
N GLY F 328 -4.22 10.23 -32.78
CA GLY F 328 -4.85 9.57 -33.92
C GLY F 328 -4.00 9.55 -35.19
N GLU F 329 -4.37 8.68 -36.11
CA GLU F 329 -3.67 8.56 -37.39
C GLU F 329 -4.53 9.08 -38.56
N LYS F 330 -5.83 9.26 -38.32
CA LYS F 330 -6.76 9.66 -39.37
C LYS F 330 -6.64 11.14 -39.72
N ASP F 331 -6.87 11.45 -40.99
CA ASP F 331 -6.84 12.84 -41.47
C ASP F 331 -7.92 13.68 -40.82
N VAL F 332 -7.57 14.90 -40.40
CA VAL F 332 -8.53 15.79 -39.77
C VAL F 332 -9.67 16.16 -40.72
N LYS F 333 -10.88 16.25 -40.19
CA LYS F 333 -12.05 16.56 -41.00
C LYS F 333 -12.75 17.80 -40.43
N VAL F 334 -13.38 18.57 -41.30
CA VAL F 334 -14.16 19.74 -40.88
C VAL F 334 -15.44 19.26 -40.21
N LEU F 335 -16.08 18.26 -40.82
CA LEU F 335 -17.35 17.66 -40.38
C LEU F 335 -18.55 18.54 -40.71
N ASP F 336 -19.68 17.89 -41.00
CA ASP F 336 -20.93 18.61 -41.27
C ASP F 336 -21.76 18.63 -39.99
N ASP F 337 -22.57 19.68 -39.83
CA ASP F 337 -23.40 19.84 -38.64
C ASP F 337 -24.26 18.62 -38.37
N ASP F 338 -24.71 17.97 -39.44
CA ASP F 338 -25.58 16.80 -39.34
C ASP F 338 -24.83 15.52 -38.95
N ASP F 339 -23.51 15.61 -38.82
CA ASP F 339 -22.71 14.49 -38.32
C ASP F 339 -22.81 14.40 -36.81
N PHE F 340 -23.04 15.54 -36.16
CA PHE F 340 -23.06 15.62 -34.71
C PHE F 340 -24.39 15.18 -34.11
N ILE F 341 -24.32 14.31 -33.11
CA ILE F 341 -25.49 13.79 -32.42
C ILE F 341 -25.57 14.38 -31.02
N LEU F 342 -26.74 14.95 -30.69
CA LEU F 342 -26.99 15.52 -29.37
C LEU F 342 -27.93 14.60 -28.62
N VAL F 343 -27.55 14.23 -27.40
CA VAL F 343 -28.35 13.31 -26.60
C VAL F 343 -28.80 13.94 -25.28
N GLY F 344 -30.10 13.83 -25.01
CA GLY F 344 -30.69 14.37 -23.78
C GLY F 344 -31.06 13.27 -22.82
N ARG F 345 -31.56 12.17 -23.38
CA ARG F 345 -31.99 10.99 -22.61
C ARG F 345 -31.08 9.80 -22.94
N TYR F 346 -30.36 9.34 -21.93
CA TYR F 346 -29.37 8.27 -22.10
C TYR F 346 -29.15 7.52 -20.78
N SER G 40 16.10 22.50 6.27
CA SER G 40 16.85 23.65 6.87
C SER G 40 17.00 23.49 8.39
N VAL G 41 17.95 24.19 8.98
CA VAL G 41 18.16 24.13 10.43
C VAL G 41 17.02 24.79 11.20
N ASP G 42 16.39 25.78 10.58
CA ASP G 42 15.25 26.49 11.17
C ASP G 42 14.02 25.59 11.37
N ASP G 43 13.87 24.59 10.50
CA ASP G 43 12.81 23.59 10.66
C ASP G 43 13.04 22.75 11.92
N ILE G 44 14.30 22.47 12.21
CA ILE G 44 14.69 21.69 13.39
C ILE G 44 14.64 22.57 14.64
N LYS G 45 15.08 23.82 14.51
CA LYS G 45 15.16 24.76 15.62
C LYS G 45 13.81 25.09 16.29
N SER G 46 12.70 24.90 15.59
CA SER G 46 11.39 25.26 16.14
C SER G 46 10.67 24.10 16.81
N LEU G 47 11.21 22.88 16.69
CA LEU G 47 10.61 21.70 17.30
C LEU G 47 10.60 21.80 18.83
N ARG G 48 9.44 21.54 19.42
CA ARG G 48 9.29 21.63 20.88
C ARG G 48 9.20 20.25 21.52
N LEU G 49 8.51 19.33 20.87
CA LEU G 49 8.40 17.95 21.36
C LEU G 49 9.02 16.93 20.39
N ILE G 50 10.18 16.42 20.75
CA ILE G 50 10.83 15.33 20.06
C ILE G 50 10.90 14.07 20.90
N THR G 51 10.37 12.99 20.38
CA THR G 51 10.46 11.70 21.04
C THR G 51 11.66 10.89 20.61
N ALA G 52 12.46 10.51 21.56
CA ALA G 52 13.44 9.47 21.35
C ALA G 52 12.76 8.13 21.34
N ILE G 53 12.23 7.75 20.20
CA ILE G 53 11.52 6.51 20.00
C ILE G 53 12.26 5.21 20.38
N LYS G 54 11.56 4.34 21.07
CA LYS G 54 12.07 3.04 21.39
C LYS G 54 12.05 2.11 20.19
N THR G 55 12.96 1.17 20.17
CA THR G 55 13.00 0.16 19.12
C THR G 55 12.53 -1.19 19.57
N PRO G 56 11.43 -1.63 19.04
CA PRO G 56 10.83 -2.90 19.43
C PRO G 56 11.33 -4.10 18.62
N TYR G 57 11.36 -5.27 19.25
CA TYR G 57 11.95 -6.46 18.66
C TYR G 57 11.00 -7.63 18.49
N LEU G 58 11.30 -8.46 17.49
CA LEU G 58 10.67 -9.76 17.31
C LEU G 58 11.34 -10.76 18.26
N PRO G 59 10.78 -11.98 18.39
CA PRO G 59 11.33 -12.97 19.34
C PRO G 59 12.80 -13.34 19.13
N ASP G 60 13.29 -13.24 17.90
CA ASP G 60 14.69 -13.57 17.60
C ASP G 60 15.64 -12.37 17.75
N GLY G 61 15.09 -11.20 18.04
CA GLY G 61 15.90 -10.01 18.32
C GLY G 61 15.97 -9.02 17.18
N ARG G 62 15.41 -9.38 16.03
CA ARG G 62 15.33 -8.49 14.87
C ARG G 62 14.26 -7.42 15.09
N PHE G 63 14.38 -6.28 14.38
CA PHE G 63 13.41 -5.19 14.49
C PHE G 63 11.96 -5.64 14.22
N ASP G 64 11.02 -5.26 15.08
CA ASP G 64 9.60 -5.42 14.86
C ASP G 64 9.04 -4.16 14.25
N LEU G 65 8.95 -4.14 12.94
CA LEU G 65 8.59 -2.97 12.23
C LEU G 65 7.13 -2.68 12.33
N GLU G 66 6.30 -3.68 12.48
CA GLU G 66 4.88 -3.48 12.67
C GLU G 66 4.59 -2.77 13.99
N ALA G 67 5.27 -3.19 15.04
CA ALA G 67 5.16 -2.52 16.34
C ALA G 67 5.73 -1.11 16.29
N TYR G 68 6.87 -0.95 15.60
CA TYR G 68 7.57 0.33 15.50
C TYR G 68 6.73 1.35 14.77
N ASP G 69 6.11 0.94 13.68
CA ASP G 69 5.23 1.80 12.91
C ASP G 69 4.06 2.29 13.77
N ALA G 70 3.46 1.39 14.53
CA ALA G 70 2.36 1.77 15.43
C ALA G 70 2.83 2.81 16.45
N LEU G 71 4.03 2.60 17.00
CA LEU G 71 4.59 3.56 17.96
C LEU G 71 4.78 4.93 17.33
N VAL G 72 5.32 4.98 16.12
CA VAL G 72 5.54 6.27 15.46
C VAL G 72 4.19 6.95 15.17
N ASN G 73 3.24 6.19 14.64
CA ASN G 73 1.87 6.68 14.43
C ASN G 73 1.23 7.32 15.66
N MET G 74 1.36 6.66 16.82
CA MET G 74 0.79 7.18 18.05
C MET G 74 1.45 8.48 18.48
N GLN G 75 2.74 8.61 18.19
CA GLN G 75 3.46 9.86 18.43
C GLN G 75 2.91 10.98 17.55
N ILE G 76 2.68 10.66 16.28
CA ILE G 76 2.16 11.64 15.32
C ILE G 76 0.78 12.12 15.77
N VAL G 77 -0.07 11.16 16.13
CA VAL G 77 -1.45 11.41 16.53
C VAL G 77 -1.52 12.35 17.74
N ASP G 78 -0.63 12.16 18.71
CA ASP G 78 -0.64 13.00 19.91
C ASP G 78 0.19 14.28 19.80
N GLY G 79 0.82 14.49 18.65
CA GLY G 79 1.43 15.78 18.35
C GLY G 79 2.92 15.91 18.56
N ALA G 80 3.62 14.77 18.70
CA ALA G 80 5.07 14.78 18.70
C ALA G 80 5.54 15.33 17.36
N GLU G 81 6.49 16.26 17.40
CA GLU G 81 6.94 16.97 16.20
C GLU G 81 8.15 16.33 15.50
N GLY G 82 8.94 15.58 16.27
CA GLY G 82 10.14 14.92 15.76
C GLY G 82 10.43 13.62 16.49
N VAL G 83 11.22 12.77 15.84
CA VAL G 83 11.71 11.52 16.44
C VAL G 83 13.21 11.37 16.28
N ILE G 84 13.86 10.91 17.34
CA ILE G 84 15.23 10.44 17.25
C ILE G 84 15.14 8.95 16.92
N VAL G 85 15.75 8.55 15.80
CA VAL G 85 15.83 7.14 15.45
C VAL G 85 17.15 6.54 15.94
N GLY G 86 17.04 5.51 16.78
CA GLY G 86 18.23 4.85 17.35
C GLY G 86 19.06 5.74 18.25
N GLY G 87 18.40 6.55 19.08
CA GLY G 87 19.07 7.29 20.14
C GLY G 87 19.36 6.36 21.30
N THR G 88 19.78 6.87 22.43
CA THR G 88 20.00 6.06 23.63
C THR G 88 18.79 5.24 24.02
N THR G 89 17.66 5.88 24.07
CA THR G 89 16.39 5.25 24.34
C THR G 89 16.01 4.27 23.24
N GLY G 90 16.48 4.53 22.06
CA GLY G 90 16.22 3.68 20.90
C GLY G 90 17.18 2.52 20.75
N GLU G 91 18.19 2.46 21.62
CA GLU G 91 19.17 1.37 21.64
C GLU G 91 19.98 1.31 20.34
N GLY G 92 20.37 2.45 19.83
CA GLY G 92 21.23 2.56 18.70
C GLY G 92 22.57 1.93 18.91
N GLN G 93 23.04 1.97 20.15
CA GLN G 93 24.22 1.29 20.65
C GLN G 93 24.24 -0.23 20.46
N LEU G 94 23.08 -0.83 20.27
CA LEU G 94 22.98 -2.23 20.03
C LEU G 94 22.67 -2.55 18.57
N MET G 95 22.60 -1.55 17.74
CA MET G 95 22.34 -1.76 16.35
C MET G 95 23.65 -1.96 15.58
N SER G 96 23.64 -2.78 14.56
CA SER G 96 24.65 -2.69 13.52
C SER G 96 24.33 -1.44 12.67
N TRP G 97 25.34 -0.86 12.02
CA TRP G 97 25.12 0.33 11.18
C TRP G 97 24.11 0.10 10.06
N ASP G 98 24.09 -1.09 9.48
CA ASP G 98 23.12 -1.37 8.43
C ASP G 98 21.68 -1.41 8.97
N GLU G 99 21.48 -2.02 10.13
CA GLU G 99 20.19 -1.93 10.85
C GLU G 99 19.79 -0.48 11.10
N HIS G 100 20.74 0.29 11.63
CA HIS G 100 20.49 1.68 12.02
C HIS G 100 20.05 2.56 10.84
N ILE G 101 20.84 2.55 9.75
CA ILE G 101 20.53 3.33 8.56
C ILE G 101 19.21 2.87 7.93
N MET G 102 18.95 1.58 8.00
CA MET G 102 17.75 1.00 7.47
C MET G 102 16.51 1.49 8.18
N LEU G 103 16.57 1.54 9.48
CA LEU G 103 15.52 2.05 10.29
C LEU G 103 15.36 3.54 10.09
N ILE G 104 16.40 4.32 10.01
CA ILE G 104 16.29 5.71 9.66
C ILE G 104 15.59 5.91 8.30
N GLY G 105 16.02 5.17 7.31
CA GLY G 105 15.43 5.17 5.97
C GLY G 105 13.98 4.73 5.94
N HIS G 106 13.64 3.73 6.73
CA HIS G 106 12.25 3.27 6.85
C HIS G 106 11.37 4.38 7.44
N THR G 107 11.85 4.98 8.54
CA THR G 107 11.14 6.04 9.23
C THR G 107 10.88 7.22 8.29
N VAL G 108 11.86 7.55 7.44
CA VAL G 108 11.73 8.68 6.51
C VAL G 108 10.76 8.34 5.39
N ASN G 109 10.87 7.12 4.85
CA ASN G 109 9.98 6.63 3.79
C ASN G 109 8.52 6.65 4.21
N CYS G 110 8.24 6.20 5.44
CA CYS G 110 6.87 6.04 5.91
C CYS G 110 6.25 7.29 6.57
N PHE G 111 7.07 8.07 7.29
CA PHE G 111 6.55 9.12 8.18
C PHE G 111 7.20 10.51 7.98
N GLY G 112 8.13 10.61 7.04
CA GLY G 112 8.91 11.83 6.84
C GLY G 112 8.11 13.07 6.47
N GLY G 113 6.92 12.85 5.91
CA GLY G 113 6.02 13.94 5.58
C GLY G 113 5.22 14.42 6.78
N SER G 114 5.16 13.63 7.84
CA SER G 114 4.35 13.93 9.04
C SER G 114 5.14 14.27 10.31
N ILE G 115 6.42 13.89 10.33
CA ILE G 115 7.24 14.09 11.51
C ILE G 115 8.70 14.31 11.08
N LYS G 116 9.44 15.11 11.84
CA LYS G 116 10.86 15.33 11.54
C LYS G 116 11.68 14.14 12.02
N VAL G 117 12.52 13.60 11.13
CA VAL G 117 13.28 12.40 11.46
C VAL G 117 14.73 12.78 11.73
N ILE G 118 15.13 12.62 12.98
CA ILE G 118 16.49 12.95 13.39
C ILE G 118 17.18 11.63 13.68
N GLY G 119 18.11 11.26 12.80
CA GLY G 119 18.86 10.02 12.96
C GLY G 119 19.99 10.19 13.94
N ASN G 120 20.10 9.27 14.89
CA ASN G 120 21.27 9.27 15.75
C ASN G 120 22.46 8.58 15.05
N THR G 121 23.25 9.38 14.34
CA THR G 121 24.35 8.85 13.55
C THR G 121 25.70 9.20 14.17
N GLY G 122 25.70 9.54 15.45
CA GLY G 122 26.91 9.85 16.18
C GLY G 122 27.67 8.60 16.57
N SER G 123 28.94 8.78 16.94
CA SER G 123 29.82 7.70 17.32
C SER G 123 31.03 8.23 18.09
N ASN G 124 31.65 7.35 18.89
CA ASN G 124 32.97 7.63 19.48
C ASN G 124 34.10 7.55 18.44
N SER G 125 33.79 6.98 17.28
CA SER G 125 34.72 6.92 16.17
C SER G 125 34.31 7.94 15.11
N THR G 126 35.19 8.87 14.82
CA THR G 126 34.95 9.82 13.80
C THR G 126 34.68 9.24 12.45
N ARG G 127 35.41 8.22 12.08
CA ARG G 127 35.12 7.51 10.87
C ARG G 127 33.71 6.96 10.78
N GLU G 128 33.23 6.35 11.85
CA GLU G 128 31.88 5.88 11.92
C GLU G 128 30.88 7.00 11.90
N ALA G 129 31.14 8.10 12.58
CA ALA G 129 30.24 9.25 12.56
C ALA G 129 30.09 9.82 11.15
N ILE G 130 31.22 10.01 10.46
CA ILE G 130 31.23 10.47 9.07
C ILE G 130 30.39 9.57 8.15
N HIS G 131 30.72 8.27 8.12
CA HIS G 131 30.05 7.33 7.23
CA HIS G 131 30.06 7.29 7.26
C HIS G 131 28.56 7.25 7.53
N ALA G 132 28.19 7.15 8.80
CA ALA G 132 26.81 7.01 9.24
C ALA G 132 25.97 8.23 8.91
N THR G 133 26.53 9.40 9.16
CA THR G 133 25.84 10.66 8.88
C THR G 133 25.60 10.89 7.37
N GLU G 134 26.61 10.64 6.56
CA GLU G 134 26.48 10.69 5.10
C GLU G 134 25.35 9.80 4.60
N GLN G 135 25.27 8.59 5.17
CA GLN G 135 24.28 7.61 4.76
C GLN G 135 22.88 7.98 5.22
N GLY G 136 22.83 8.56 6.43
CA GLY G 136 21.60 9.04 7.03
C GLY G 136 20.97 10.16 6.23
N PHE G 137 21.77 11.18 5.88
CA PHE G 137 21.26 12.23 4.98
C PHE G 137 20.92 11.69 3.58
N ALA G 138 21.70 10.72 3.10
CA ALA G 138 21.44 10.11 1.80
C ALA G 138 20.06 9.46 1.72
N VAL G 139 19.62 8.80 2.80
CA VAL G 139 18.33 8.12 2.80
C VAL G 139 17.18 9.04 3.23
N GLY G 140 17.51 10.29 3.54
CA GLY G 140 16.51 11.35 3.66
C GLY G 140 16.25 11.95 5.03
N MET G 141 17.07 11.62 6.04
CA MET G 141 16.82 12.14 7.37
C MET G 141 16.94 13.67 7.37
N HIS G 142 16.31 14.32 8.35
CA HIS G 142 16.20 15.76 8.36
C HIS G 142 17.31 16.41 9.19
N ALA G 143 17.84 15.64 10.14
CA ALA G 143 18.93 16.08 10.99
C ALA G 143 19.67 14.89 11.63
N ALA G 144 20.83 15.20 12.21
CA ALA G 144 21.67 14.21 12.86
C ALA G 144 21.85 14.57 14.31
N LEU G 145 21.82 13.56 15.18
CA LEU G 145 22.19 13.75 16.58
C LEU G 145 23.62 13.28 16.76
N HIS G 146 24.46 14.14 17.33
CA HIS G 146 25.86 13.79 17.54
C HIS G 146 26.34 13.96 18.97
N ILE G 147 26.65 12.83 19.59
CA ILE G 147 27.23 12.78 20.91
C ILE G 147 28.74 13.03 20.80
N ASN G 148 29.36 13.48 21.89
CA ASN G 148 30.82 13.54 21.98
C ASN G 148 31.35 12.12 22.15
N PRO G 149 32.59 11.84 21.68
CA PRO G 149 33.09 10.45 21.81
C PRO G 149 33.07 9.92 23.23
N TYR G 150 32.24 8.91 23.46
CA TYR G 150 32.13 8.24 24.74
C TYR G 150 33.24 7.21 24.85
N TYR G 151 33.66 6.92 26.09
CA TYR G 151 34.65 5.89 26.40
C TYR G 151 36.04 6.25 25.90
N GLY G 152 36.22 6.34 24.58
CA GLY G 152 37.43 6.86 23.98
C GLY G 152 37.49 8.38 24.07
N LYS G 153 37.55 8.88 25.29
CA LYS G 153 37.56 10.30 25.58
C LYS G 153 38.67 10.99 24.79
N THR G 154 38.33 12.10 24.14
CA THR G 154 39.34 12.91 23.46
C THR G 154 39.50 14.29 24.12
N SER G 155 40.44 15.06 23.65
CA SER G 155 40.62 16.40 24.13
C SER G 155 39.63 17.42 23.59
N LEU G 156 39.77 18.65 23.99
CA LEU G 156 38.91 19.69 23.50
C LEU G 156 39.14 20.07 22.05
N GLU G 157 40.37 20.11 21.58
CA GLU G 157 40.69 20.30 20.34
CA GLU G 157 40.73 20.28 20.34
C GLU G 157 40.28 19.10 19.53
N GLY G 158 40.28 17.91 20.10
CA GLY G 158 39.79 16.69 19.45
C GLY G 158 38.29 16.72 19.22
N LEU G 159 37.54 17.21 20.21
CA LEU G 159 36.07 17.35 20.10
C LEU G 159 35.67 18.28 18.96
N VAL G 160 36.38 19.39 18.83
CA VAL G 160 36.17 20.32 17.74
C VAL G 160 36.40 19.60 16.40
N SER G 161 37.52 18.88 16.29
CA SER G 161 37.84 18.13 15.08
C SER G 161 36.79 17.09 14.75
N HIS G 162 36.23 16.46 15.78
CA HIS G 162 35.18 15.47 15.62
C HIS G 162 33.90 16.08 15.07
N PHE G 163 33.40 17.13 15.71
CA PHE G 163 32.14 17.75 15.29
C PHE G 163 32.26 18.45 13.94
N GLU G 164 33.44 19.01 13.66
CA GLU G 164 33.69 19.67 12.37
C GLU G 164 33.73 18.70 11.17
N SER G 165 33.86 17.42 11.45
CA SER G 165 33.83 16.38 10.42
C SER G 165 32.41 16.13 9.91
N VAL G 166 31.44 16.26 10.82
CA VAL G 166 30.05 15.90 10.52
C VAL G 166 29.12 17.11 10.32
N LEU G 167 29.47 18.24 10.95
CA LEU G 167 28.66 19.45 10.86
C LEU G 167 28.33 19.95 9.43
N PRO G 168 29.29 19.87 8.48
CA PRO G 168 28.99 20.27 7.11
C PRO G 168 27.91 19.45 6.40
N MET G 169 27.54 18.29 6.93
CA MET G 169 26.66 17.37 6.21
C MET G 169 25.18 17.75 6.27
N GLY G 170 24.80 18.52 7.29
CA GLY G 170 23.41 18.90 7.47
C GLY G 170 23.14 19.36 8.88
N PRO G 171 21.87 19.70 9.18
CA PRO G 171 21.46 20.19 10.49
C PRO G 171 21.81 19.17 11.57
N THR G 172 22.40 19.68 12.65
CA THR G 172 23.01 18.84 13.68
C THR G 172 22.59 19.30 15.06
N VAL G 173 22.13 18.35 15.86
CA VAL G 173 21.93 18.55 17.28
C VAL G 173 23.07 17.83 18.02
N ILE G 174 23.80 18.58 18.85
CA ILE G 174 24.88 18.01 19.65
C ILE G 174 24.38 17.53 21.02
N TYR G 175 24.83 16.33 21.39
CA TYR G 175 24.26 15.59 22.50
C TYR G 175 25.27 15.55 23.64
N ASN G 176 24.95 16.24 24.74
CA ASN G 176 25.82 16.24 25.91
C ASN G 176 25.20 15.47 27.07
N VAL G 177 25.83 14.40 27.48
CA VAL G 177 25.33 13.59 28.55
C VAL G 177 26.47 12.83 29.24
N PRO G 178 27.13 13.49 30.17
CA PRO G 178 28.34 13.03 30.80
C PRO G 178 28.16 11.88 31.75
N SER G 179 27.00 11.73 32.30
CA SER G 179 26.74 10.59 33.11
C SER G 179 26.94 9.31 32.34
N ARG G 180 26.87 9.40 31.03
CA ARG G 180 26.98 8.26 30.12
C ARG G 180 28.30 8.22 29.33
N THR G 181 28.81 9.40 28.94
CA THR G 181 29.98 9.47 28.06
C THR G 181 31.29 9.57 28.83
N GLY G 182 31.19 9.94 30.11
CA GLY G 182 32.35 10.24 30.94
C GLY G 182 32.95 11.60 30.67
N GLN G 183 32.38 12.36 29.74
CA GLN G 183 32.93 13.67 29.40
C GLN G 183 31.88 14.76 29.20
N ASP G 184 32.07 15.85 29.94
CA ASP G 184 31.19 16.99 29.87
C ASP G 184 31.67 17.92 28.78
N ILE G 185 30.86 18.09 27.72
CA ILE G 185 31.18 19.05 26.67
C ILE G 185 31.07 20.46 27.24
N PRO G 186 32.19 21.20 27.26
CA PRO G 186 32.15 22.57 27.78
C PRO G 186 31.46 23.52 26.83
N PRO G 187 30.90 24.63 27.34
CA PRO G 187 30.30 25.67 26.49
C PRO G 187 31.29 26.25 25.48
N GLY G 188 32.57 26.34 25.85
CA GLY G 188 33.64 26.77 24.94
C GLY G 188 33.61 26.01 23.63
N VAL G 189 33.44 24.69 23.72
CA VAL G 189 33.35 23.82 22.54
C VAL G 189 32.06 24.07 21.74
N ILE G 190 30.93 24.18 22.41
CA ILE G 190 29.65 24.47 21.75
C ILE G 190 29.72 25.79 20.98
N HIS G 191 30.31 26.81 21.60
CA HIS G 191 30.45 28.12 20.95
C HIS G 191 31.37 28.12 19.73
N THR G 192 32.47 27.37 19.81
CA THR G 192 33.39 27.22 18.68
C THR G 192 32.70 26.59 17.46
N VAL G 193 31.99 25.49 17.68
CA VAL G 193 31.31 24.77 16.59
C VAL G 193 30.01 25.46 16.15
N ALA G 194 29.48 26.34 17.00
CA ALA G 194 28.30 27.15 16.67
C ALA G 194 28.58 28.13 15.54
N GLN G 195 29.85 28.23 15.13
CA GLN G 195 30.23 29.00 13.95
C GLN G 195 29.67 28.37 12.69
N SER G 196 29.30 27.09 12.77
CA SER G 196 28.66 26.39 11.67
C SER G 196 27.18 26.77 11.58
N ALA G 197 26.75 27.13 10.37
CA ALA G 197 25.35 27.44 10.12
C ALA G 197 24.47 26.21 10.35
N ASN G 198 25.08 25.02 10.29
CA ASN G 198 24.35 23.75 10.42
C ASN G 198 24.03 23.28 11.83
N LEU G 199 24.55 23.98 12.84
CA LEU G 199 24.25 23.61 14.22
C LEU G 199 22.86 24.11 14.63
N ALA G 200 21.92 23.17 14.69
CA ALA G 200 20.56 23.44 15.14
C ALA G 200 20.58 23.81 16.62
N GLY G 201 21.33 23.05 17.40
CA GLY G 201 21.46 23.35 18.82
C GLY G 201 21.88 22.14 19.61
N VAL G 202 21.55 22.12 20.89
CA VAL G 202 22.01 21.13 21.83
C VAL G 202 20.94 20.36 22.63
N GLU G 204 20.78 18.77 25.99
CA GLU G 204 21.60 18.95 27.16
C GLU G 204 21.04 18.17 28.30
N CYS G 205 21.92 17.59 29.09
CA CYS G 205 21.51 16.71 30.19
C CYS G 205 22.11 17.02 31.55
N VAL G 206 23.02 18.00 31.64
CA VAL G 206 23.71 18.24 32.91
C VAL G 206 22.89 19.03 33.95
N GLY G 207 21.82 19.68 33.51
CA GLY G 207 20.98 20.48 34.41
C GLY G 207 20.49 21.77 33.78
N ASN G 208 19.50 22.38 34.44
CA ASN G 208 18.87 23.60 33.92
C ASN G 208 19.78 24.82 33.90
N ASP G 209 20.70 24.90 34.85
CA ASP G 209 21.66 26.01 34.91
C ASP G 209 22.52 26.08 33.65
N ARG G 210 22.89 24.91 33.13
CA ARG G 210 23.65 24.82 31.89
C ARG G 210 22.82 25.25 30.69
N ILE G 211 21.54 24.86 30.68
CA ILE G 211 20.61 25.28 29.63
C ILE G 211 20.50 26.80 29.56
N LYS G 212 20.41 27.45 30.72
CA LYS G 212 20.30 28.91 30.80
C LYS G 212 21.54 29.60 30.22
N GLN G 213 22.72 29.06 30.51
CA GLN G 213 23.98 29.55 29.95
C GLN G 213 23.96 29.60 28.43
N TYR G 214 23.32 28.61 27.82
CA TYR G 214 23.26 28.49 26.36
C TYR G 214 22.18 29.36 25.75
N THR G 215 20.98 29.32 26.34
CA THR G 215 19.82 30.04 25.82
C THR G 215 19.96 31.55 26.00
N ASP G 216 20.69 31.97 27.04
CA ASP G 216 21.06 33.37 27.21
C ASP G 216 22.02 33.87 26.13
N ASN G 217 22.67 32.93 25.42
CA ASN G 217 23.72 33.27 24.46
C ASN G 217 23.46 32.79 23.03
N ARG G 218 22.20 32.86 22.60
CA ARG G 218 21.80 32.60 21.21
C ARG G 218 21.92 31.13 20.75
N ILE G 219 21.85 30.21 21.70
CA ILE G 219 21.91 28.78 21.37
C ILE G 219 20.60 28.06 21.72
N VAL G 220 20.02 27.40 20.73
CA VAL G 220 18.80 26.63 20.89
C VAL G 220 19.10 25.33 21.66
N VAL G 221 18.32 25.07 22.72
CA VAL G 221 18.55 23.91 23.58
C VAL G 221 17.27 23.12 23.80
N TRP G 222 17.38 21.79 23.71
CA TRP G 222 16.33 20.89 24.18
C TRP G 222 16.84 20.18 25.42
N SER G 223 15.96 20.05 26.41
CA SER G 223 16.29 19.29 27.61
C SER G 223 16.26 17.80 27.30
N GLY G 224 17.22 17.07 27.83
CA GLY G 224 17.25 15.62 27.72
C GLY G 224 16.72 14.95 28.97
N ASN G 225 16.38 15.74 29.98
CA ASN G 225 15.85 15.22 31.25
C ASN G 225 14.37 15.52 31.41
N ASP G 226 13.55 14.47 31.41
CA ASP G 226 12.10 14.63 31.53
C ASP G 226 11.65 15.29 32.83
N ASP G 227 12.34 14.98 33.92
CA ASP G 227 12.01 15.53 35.23
C ASP G 227 12.43 16.99 35.39
N GLN G 228 12.95 17.57 34.31
CA GLN G 228 13.45 18.95 34.35
C GLN G 228 12.89 19.81 33.22
N CYS G 229 12.28 19.16 32.21
CA CYS G 229 11.96 19.84 30.95
C CYS G 229 10.89 20.93 31.08
N HIS G 230 9.93 20.69 31.98
CA HIS G 230 8.92 21.67 32.30
CA HIS G 230 8.91 21.65 32.37
C HIS G 230 9.55 23.01 32.69
N ASP G 231 10.40 22.99 33.70
CA ASP G 231 11.01 24.16 34.21
C ASP G 231 11.98 24.71 33.20
N ALA G 232 12.54 23.85 32.38
CA ALA G 232 13.51 24.22 31.40
C ALA G 232 12.90 25.07 30.31
N LYS G 233 11.77 24.63 29.85
CA LYS G 233 10.99 25.33 28.88
C LYS G 233 10.45 26.65 29.39
N TRP G 234 9.95 26.70 30.61
CA TRP G 234 9.26 27.88 31.09
C TRP G 234 10.10 28.90 31.85
N ASP G 235 11.12 28.46 32.54
CA ASP G 235 12.00 29.31 33.35
C ASP G 235 13.42 29.47 32.81
N TYR G 236 13.89 28.53 31.98
CA TYR G 236 15.30 28.50 31.60
C TYR G 236 15.61 28.71 30.11
N GLY G 237 14.58 28.90 29.29
CA GLY G 237 14.76 29.26 27.89
C GLY G 237 14.83 28.11 26.87
N ALA G 238 14.77 26.87 27.34
CA ALA G 238 14.81 25.72 26.43
C ALA G 238 13.68 25.79 25.41
N THR G 239 13.99 25.41 24.17
CA THR G 239 13.00 25.39 23.09
C THR G 239 12.00 24.24 23.27
N GLY G 240 12.46 23.14 23.85
CA GLY G 240 11.59 22.00 24.03
C GLY G 240 12.30 20.85 24.71
N VAL G 241 11.89 19.65 24.37
CA VAL G 241 12.43 18.45 25.00
C VAL G 241 12.70 17.36 23.98
N ILE G 242 13.82 16.66 24.16
CA ILE G 242 13.97 15.34 23.56
C ILE G 242 13.66 14.34 24.66
N SER G 243 12.47 13.74 24.57
CA SER G 243 11.86 13.07 25.70
C SER G 243 11.93 11.56 25.61
N VAL G 244 12.00 10.92 26.77
CA VAL G 244 11.83 9.48 26.89
C VAL G 244 10.36 9.20 27.18
N THR G 245 9.83 9.93 28.17
CA THR G 245 8.50 9.73 28.73
C THR G 245 7.38 9.88 27.70
N SER G 246 7.58 10.75 26.70
CA SER G 246 6.60 10.89 25.60
C SER G 246 6.40 9.60 24.79
N ASN G 247 7.27 8.63 25.00
CA ASN G 247 7.06 7.32 24.49
C ASN G 247 5.81 6.68 25.09
N LEU G 248 5.55 6.99 26.34
CA LEU G 248 4.41 6.48 27.04
C LEU G 248 3.21 7.39 27.03
N ILE G 249 3.43 8.65 27.32
CA ILE G 249 2.37 9.62 27.46
C ILE G 249 2.57 10.82 26.58
N PRO G 250 2.49 10.63 25.29
CA PRO G 250 2.82 11.71 24.37
C PRO G 250 1.89 12.93 24.49
N GLY G 251 0.59 12.70 24.65
CA GLY G 251 -0.40 13.77 24.80
C GLY G 251 -0.14 14.69 25.98
N LEU G 252 0.19 14.08 27.13
CA LEU G 252 0.49 14.85 28.34
C LEU G 252 1.80 15.63 28.24
N MET G 253 2.78 15.07 27.54
CA MET G 253 4.04 15.77 27.31
C MET G 253 3.87 16.98 26.39
N ARG G 254 3.01 16.84 25.37
CA ARG G 254 2.69 17.98 24.51
C ARG G 254 2.03 19.10 25.32
N GLN G 255 1.09 18.75 26.17
CA GLN G 255 0.49 19.67 27.11
C GLN G 255 1.45 20.41 28.00
N LEU G 256 2.40 19.71 28.57
CA LEU G 256 3.39 20.30 29.40
C LEU G 256 4.18 21.36 28.70
N LEU G 257 4.34 21.24 27.40
CA LEU G 257 5.24 22.11 26.68
C LEU G 257 4.60 23.20 25.82
N PHE G 258 3.32 23.11 25.58
CA PHE G 258 2.61 24.08 24.72
C PHE G 258 1.67 25.03 25.46
N LYS G 259 1.06 24.56 26.55
CA LYS G 259 -0.04 25.27 27.19
C LYS G 259 0.35 26.10 28.41
N GLY G 260 1.55 26.70 28.38
CA GLY G 260 2.04 27.51 29.51
C GLY G 260 2.39 26.71 30.75
N LYS G 261 2.96 27.34 31.77
CA LYS G 261 3.28 26.68 33.00
C LYS G 261 2.15 25.89 33.61
N ASN G 262 2.40 24.67 34.00
CA ASN G 262 1.41 23.84 34.62
C ASN G 262 2.06 22.90 35.60
N PRO G 263 2.32 23.39 36.79
CA PRO G 263 3.07 22.63 37.76
C PRO G 263 2.26 21.54 38.36
N SER G 264 0.97 21.65 38.25
CA SER G 264 0.06 20.60 38.69
C SER G 264 0.18 19.35 37.82
N LEU G 265 0.24 19.52 36.51
CA LEU G 265 0.42 18.41 35.57
C LEU G 265 1.82 17.83 35.71
N ASN G 266 2.79 18.72 35.90
CA ASN G 266 4.16 18.33 36.11
C ASN G 266 4.34 17.40 37.31
N ALA G 267 3.69 17.74 38.43
CA ALA G 267 3.76 16.89 39.63
C ALA G 267 2.99 15.60 39.45
N LYS G 268 2.00 15.62 38.58
CA LYS G 268 1.19 14.44 38.28
C LYS G 268 1.96 13.36 37.50
N ILE G 269 2.85 13.78 36.62
CA ILE G 269 3.63 12.85 35.78
C ILE G 269 4.93 12.38 36.43
N MET G 270 5.38 13.09 37.46
CA MET G 270 6.65 12.82 38.12
C MET G 270 6.84 11.38 38.70
N PRO G 271 5.83 10.73 39.17
CA PRO G 271 6.02 9.36 39.61
C PRO G 271 6.34 8.42 38.49
N LEU G 272 5.83 8.66 37.30
CA LEU G 272 6.21 7.88 36.13
C LEU G 272 7.64 8.18 35.72
N VAL G 273 8.01 9.43 35.67
CA VAL G 273 9.35 9.76 35.34
C VAL G 273 10.35 9.15 36.31
N ASN G 274 10.17 9.34 37.61
CA ASN G 274 11.05 8.75 38.63
C ASN G 274 11.21 7.24 38.49
N TRP G 275 10.11 6.57 38.16
CA TRP G 275 10.09 5.13 37.96
C TRP G 275 10.85 4.72 36.71
N LEU G 276 10.75 5.53 35.65
CA LEU G 276 11.44 5.28 34.38
C LEU G 276 12.96 5.36 34.46
N PHE G 277 13.47 6.02 35.48
CA PHE G 277 14.90 6.30 35.56
C PHE G 277 15.60 5.73 36.79
N GLU G 278 14.94 4.82 37.51
CA GLU G 278 15.54 4.15 38.67
C GLU G 278 16.70 3.28 38.23
N GLU G 279 16.44 2.42 37.24
CA GLU G 279 17.50 1.74 36.49
C GLU G 279 17.78 2.59 35.23
N PRO G 280 18.95 2.38 34.61
CA PRO G 280 19.28 3.17 33.42
C PRO G 280 18.32 2.98 32.25
N ASN G 281 17.86 4.10 31.68
CA ASN G 281 17.06 4.12 30.49
C ASN G 281 17.80 3.40 29.35
N PRO G 282 17.09 2.59 28.53
CA PRO G 282 15.63 2.35 28.41
C PRO G 282 15.07 1.10 29.10
N ILE G 283 15.76 0.57 30.10
CA ILE G 283 15.28 -0.61 30.83
C ILE G 283 13.81 -0.41 31.27
N GLY G 284 13.55 0.65 32.01
CA GLY G 284 12.23 1.03 32.38
C GLY G 284 11.23 1.15 31.28
N LEU G 285 11.51 1.99 30.31
CA LEU G 285 10.69 2.11 29.13
C LEU G 285 10.38 0.82 28.45
N ASN G 286 11.38 0.01 28.21
CA ASN G 286 11.21 -1.28 27.54
C ASN G 286 10.19 -2.14 28.26
N THR G 287 10.33 -2.19 29.59
CA THR G 287 9.42 -2.92 30.48
C THR G 287 7.99 -2.37 30.41
N ALA G 288 7.84 -1.08 30.56
CA ALA G 288 6.56 -0.41 30.50
C ALA G 288 5.82 -0.61 29.21
N LEU G 289 6.51 -0.55 28.08
CA LEU G 289 5.86 -0.75 26.82
C LEU G 289 5.42 -2.16 26.61
N ALA G 290 6.11 -3.11 27.21
CA ALA G 290 5.72 -4.48 27.12
C ALA G 290 4.46 -4.69 27.93
N GLN G 291 4.42 -4.05 29.07
CA GLN G 291 3.26 -4.09 29.95
C GLN G 291 2.02 -3.44 29.34
N LEU G 292 2.21 -2.35 28.60
CA LEU G 292 1.11 -1.70 27.89
C LEU G 292 0.67 -2.52 26.69
N GLY G 293 1.44 -3.53 26.34
CA GLY G 293 1.13 -4.41 25.21
C GLY G 293 1.37 -3.84 23.83
N VAL G 294 2.11 -2.75 23.74
CA VAL G 294 2.49 -2.12 22.48
C VAL G 294 3.75 -2.67 21.79
N VAL G 295 4.65 -3.24 22.55
CA VAL G 295 5.76 -3.97 22.01
C VAL G 295 5.81 -5.34 22.61
N ARG G 296 6.47 -6.26 21.93
CA ARG G 296 6.76 -7.56 22.47
C ARG G 296 7.74 -7.51 23.64
N PRO G 297 7.61 -8.41 24.58
CA PRO G 297 8.54 -8.36 25.71
C PRO G 297 9.89 -9.00 25.36
N VAL G 298 10.57 -8.43 24.36
CA VAL G 298 11.88 -8.91 23.94
C VAL G 298 12.93 -7.87 24.24
N PHE G 299 13.98 -8.29 24.95
CA PHE G 299 15.11 -7.43 25.28
C PHE G 299 16.38 -7.89 24.56
N ARG G 300 17.08 -6.94 23.95
CA ARG G 300 18.45 -7.17 23.50
C ARG G 300 19.38 -6.94 24.66
N LEU G 301 20.26 -7.89 24.92
CA LEU G 301 21.29 -7.74 25.94
C LEU G 301 22.20 -6.57 25.55
N PRO G 302 22.75 -5.83 26.53
CA PRO G 302 22.84 -6.08 27.97
C PRO G 302 21.65 -5.61 28.82
N TYR G 303 20.56 -5.20 28.20
CA TYR G 303 19.42 -4.74 28.98
C TYR G 303 18.53 -5.88 29.43
N VAL G 304 18.07 -5.76 30.67
CA VAL G 304 17.24 -6.76 31.35
C VAL G 304 16.00 -6.05 31.94
N PRO G 305 14.83 -6.67 31.84
CA PRO G 305 13.62 -6.07 32.35
C PRO G 305 13.60 -5.82 33.84
N LEU G 306 12.77 -4.90 34.28
CA LEU G 306 12.58 -4.67 35.69
C LEU G 306 11.90 -5.84 36.36
N PRO G 307 12.19 -6.03 37.63
CA PRO G 307 11.63 -7.14 38.39
C PRO G 307 10.15 -7.02 38.72
N LEU G 308 9.52 -8.13 39.05
CA LEU G 308 8.06 -8.19 39.32
C LEU G 308 7.52 -7.06 40.18
N ALA G 309 8.22 -6.77 41.27
CA ALA G 309 7.82 -5.69 42.19
C ALA G 309 7.67 -4.34 41.49
N LYS G 310 8.64 -3.99 40.64
CA LYS G 310 8.60 -2.71 39.91
C LYS G 310 7.53 -2.71 38.81
N ARG G 311 7.22 -3.89 38.30
CA ARG G 311 6.17 -4.06 37.31
C ARG G 311 4.78 -3.89 37.94
N VAL G 312 4.59 -4.48 39.12
CA VAL G 312 3.37 -4.30 39.92
C VAL G 312 3.17 -2.82 40.18
N GLU G 313 4.24 -2.14 40.56
CA GLU G 313 4.22 -0.70 40.84
C GLU G 313 3.87 0.14 39.61
N PHE G 314 4.31 -0.31 38.42
CA PHE G 314 3.97 0.38 37.17
C PHE G 314 2.47 0.37 36.94
N VAL G 315 1.85 -0.81 37.11
CA VAL G 315 0.40 -0.96 37.03
C VAL G 315 -0.31 0.10 37.89
N ASN G 316 0.20 0.33 39.11
CA ASN G 316 -0.35 1.33 40.02
C ASN G 316 -0.13 2.78 39.57
N ILE G 317 0.97 3.02 38.87
CA ILE G 317 1.27 4.34 38.31
C ILE G 317 0.34 4.64 37.14
N VAL G 318 -0.01 3.60 36.38
CA VAL G 318 -0.92 3.72 35.25
C VAL G 318 -2.32 4.07 35.73
N LYS G 319 -2.77 3.39 36.79
CA LYS G 319 -4.09 3.64 37.38
C LYS G 319 -4.19 5.10 37.86
N GLU G 320 -3.21 5.55 38.63
CA GLU G 320 -3.19 6.91 39.18
C GLU G 320 -3.25 8.02 38.11
N ILE G 321 -2.45 7.90 37.06
CA ILE G 321 -2.48 8.86 35.95
C ILE G 321 -3.69 8.63 35.04
N GLY G 322 -4.05 7.39 34.77
CA GLY G 322 -5.16 7.06 33.93
C GLY G 322 -4.79 6.37 32.66
N ARG G 323 -5.13 5.11 32.51
CA ARG G 323 -4.66 4.33 31.40
C ARG G 323 -4.84 4.96 30.04
N GLU G 324 -5.78 5.86 29.90
CA GLU G 324 -6.17 6.34 28.60
C GLU G 324 -5.22 7.40 28.10
N ASN G 325 -4.40 7.88 29.00
CA ASN G 325 -3.30 8.79 28.68
C ASN G 325 -2.05 8.08 28.15
N PHE G 326 -2.04 6.75 28.26
CA PHE G 326 -0.91 5.93 27.83
C PHE G 326 -1.17 5.34 26.44
N VAL G 327 -0.09 5.06 25.73
CA VAL G 327 -0.17 4.51 24.38
C VAL G 327 -0.84 3.14 24.36
N GLY G 328 -1.53 2.85 23.26
CA GLY G 328 -2.19 1.57 23.09
C GLY G 328 -3.58 1.54 23.69
N GLU G 329 -4.31 0.48 23.36
CA GLU G 329 -5.69 0.29 23.80
C GLU G 329 -5.83 -0.84 24.82
N LYS G 330 -4.90 -1.79 24.81
CA LYS G 330 -5.00 -3.01 25.62
C LYS G 330 -4.85 -2.73 27.11
N ASP G 331 -5.41 -3.62 27.94
CA ASP G 331 -5.32 -3.49 29.39
C ASP G 331 -3.89 -3.73 29.86
N VAL G 332 -3.35 -2.80 30.64
CA VAL G 332 -2.00 -2.94 31.19
C VAL G 332 -1.91 -4.24 32.01
N LYS G 333 -0.78 -4.92 31.88
CA LYS G 333 -0.52 -6.21 32.51
C LYS G 333 0.74 -6.23 33.35
N VAL G 334 0.85 -7.16 34.29
CA VAL G 334 2.04 -7.23 35.13
C VAL G 334 3.15 -7.94 34.39
N LEU G 335 2.77 -8.99 33.70
CA LEU G 335 3.64 -9.92 33.03
C LEU G 335 4.43 -10.84 33.94
N ASP G 336 4.57 -12.08 33.54
CA ASP G 336 5.36 -13.02 34.30
C ASP G 336 6.81 -12.92 33.86
N ASP G 337 7.74 -13.24 34.75
CA ASP G 337 9.15 -13.27 34.39
C ASP G 337 9.41 -14.08 33.11
N ASP G 338 8.68 -15.18 32.95
CA ASP G 338 8.83 -16.09 31.80
C ASP G 338 8.33 -15.53 30.46
N ASP G 339 7.59 -14.42 30.52
CA ASP G 339 7.08 -13.76 29.31
C ASP G 339 8.22 -13.07 28.55
N PHE G 340 9.25 -12.65 29.28
CA PHE G 340 10.37 -11.92 28.71
C PHE G 340 11.37 -12.82 28.00
N ILE G 341 11.87 -12.35 26.86
CA ILE G 341 12.87 -13.06 26.09
C ILE G 341 14.12 -12.18 26.03
N LEU G 342 15.27 -12.75 26.41
CA LEU G 342 16.55 -12.05 26.35
C LEU G 342 17.40 -12.58 25.22
N VAL G 343 17.81 -11.70 24.31
CA VAL G 343 18.56 -12.12 23.13
C VAL G 343 19.99 -11.60 23.18
N GLY G 344 20.95 -12.49 22.93
CA GLY G 344 22.35 -12.13 22.89
C GLY G 344 22.90 -12.22 21.47
N ARG G 345 22.52 -13.29 20.79
CA ARG G 345 22.91 -13.53 19.40
C ARG G 345 21.71 -13.29 18.50
N TYR G 346 21.80 -12.29 17.65
CA TYR G 346 20.68 -11.92 16.77
C TYR G 346 21.15 -11.29 15.46
N THR H 39 47.34 -21.79 26.67
CA THR H 39 47.34 -21.05 27.96
C THR H 39 45.98 -21.17 28.70
N SER H 40 46.07 -21.54 29.98
CA SER H 40 44.90 -21.66 30.86
C SER H 40 44.71 -20.38 31.67
N VAL H 41 43.64 -20.34 32.46
CA VAL H 41 43.39 -19.20 33.35
C VAL H 41 44.58 -18.94 34.28
N ASP H 42 45.21 -20.02 34.76
CA ASP H 42 46.37 -19.91 35.67
C ASP H 42 47.59 -19.26 35.01
N ASP H 43 47.79 -19.48 33.71
CA ASP H 43 48.89 -18.84 33.00
C ASP H 43 48.69 -17.34 32.89
N ILE H 44 47.43 -16.91 32.77
CA ILE H 44 47.09 -15.49 32.75
C ILE H 44 47.27 -14.86 34.13
N LYS H 45 46.88 -15.58 35.18
CA LYS H 45 46.93 -15.08 36.56
C LYS H 45 48.33 -14.74 37.08
N SER H 46 49.37 -15.31 36.49
CA SER H 46 50.72 -15.12 36.99
C SER H 46 51.43 -13.93 36.35
N LEU H 47 50.79 -13.30 35.38
CA LEU H 47 51.40 -12.22 34.59
C LEU H 47 51.51 -10.95 35.40
N ARG H 48 52.69 -10.34 35.36
CA ARG H 48 52.94 -9.14 36.16
C ARG H 48 52.95 -7.87 35.31
N LEU H 49 53.60 -7.92 34.15
CA LEU H 49 53.66 -6.77 33.27
C LEU H 49 52.92 -7.03 31.96
N ILE H 50 51.77 -6.38 31.83
CA ILE H 50 51.01 -6.42 30.61
C ILE H 50 51.01 -5.00 30.02
N THR H 51 51.34 -4.91 28.74
CA THR H 51 51.31 -3.64 28.05
C THR H 51 50.06 -3.59 27.22
N ALA H 52 49.31 -2.50 27.35
CA ALA H 52 48.25 -2.21 26.40
C ALA H 52 48.94 -1.51 25.24
N ILE H 53 49.38 -2.27 24.28
CA ILE H 53 50.14 -1.78 23.15
C ILE H 53 49.40 -0.80 22.25
N LYS H 54 50.11 0.22 21.80
CA LYS H 54 49.56 1.13 20.86
C LYS H 54 49.43 0.57 19.44
N THR H 55 48.54 1.12 18.67
CA THR H 55 48.33 0.68 17.32
C THR H 55 48.81 1.74 16.37
N PRO H 56 49.92 1.49 15.70
CA PRO H 56 50.51 2.49 14.80
C PRO H 56 49.86 2.48 13.42
N TYR H 57 49.89 3.61 12.73
CA TYR H 57 49.21 3.73 11.44
C TYR H 57 50.12 4.20 10.30
N LEU H 58 49.71 3.84 9.07
CA LEU H 58 50.29 4.34 7.84
C LEU H 58 49.72 5.74 7.51
N PRO H 59 50.36 6.47 6.57
CA PRO H 59 49.91 7.83 6.21
C PRO H 59 48.44 7.97 5.84
N ASP H 60 47.82 6.92 5.32
CA ASP H 60 46.40 6.97 4.93
C ASP H 60 45.45 6.49 6.04
N GLY H 61 46.02 6.09 7.17
CA GLY H 61 45.23 5.68 8.34
C GLY H 61 45.12 4.18 8.59
N ARG H 62 45.54 3.38 7.62
CA ARG H 62 45.55 1.93 7.78
C ARG H 62 46.62 1.51 8.79
N PHE H 63 46.50 0.29 9.31
CA PHE H 63 47.47 -0.22 10.29
C PHE H 63 48.86 -0.30 9.68
N ASP H 64 49.84 0.15 10.42
CA ASP H 64 51.22 -0.05 10.07
C ASP H 64 51.68 -1.34 10.76
N LEU H 65 51.59 -2.44 10.07
CA LEU H 65 51.94 -3.71 10.66
C LEU H 65 53.41 -3.89 10.85
N GLU H 66 54.21 -3.25 10.04
CA GLU H 66 55.63 -3.23 10.23
C GLU H 66 56.04 -2.52 11.52
N ALA H 67 55.51 -1.35 11.77
CA ALA H 67 55.80 -0.64 13.02
C ALA H 67 55.22 -1.35 14.25
N TYR H 68 54.01 -1.90 14.10
CA TYR H 68 53.37 -2.67 15.17
C TYR H 68 54.25 -3.84 15.62
N ASP H 69 54.75 -4.60 14.65
CA ASP H 69 55.63 -5.74 14.93
C ASP H 69 56.89 -5.31 15.68
N ALA H 70 57.47 -4.19 15.29
CA ALA H 70 58.63 -3.64 15.95
C ALA H 70 58.31 -3.29 17.41
N LEU H 71 57.16 -2.67 17.64
CA LEU H 71 56.70 -2.37 19.00
C LEU H 71 56.57 -3.61 19.89
N VAL H 72 55.92 -4.66 19.37
CA VAL H 72 55.75 -5.87 20.18
C VAL H 72 57.11 -6.46 20.49
N ASN H 73 57.98 -6.52 19.48
CA ASN H 73 59.34 -7.03 19.67
C ASN H 73 60.10 -6.30 20.79
N MET H 74 60.01 -4.98 20.81
CA MET H 74 60.66 -4.18 21.86
C MET H 74 60.12 -4.47 23.25
N GLN H 75 58.84 -4.78 23.33
CA GLN H 75 58.21 -5.20 24.59
C GLN H 75 58.74 -6.56 25.04
N ILE H 76 58.78 -7.53 24.12
CA ILE H 76 59.26 -8.88 24.42
C ILE H 76 60.71 -8.81 24.91
N VAL H 77 61.53 -8.00 24.24
CA VAL H 77 62.93 -7.81 24.59
C VAL H 77 63.11 -7.26 26.01
N ASP H 78 62.27 -6.30 26.41
CA ASP H 78 62.36 -5.73 27.76
C ASP H 78 61.55 -6.47 28.82
N GLY H 79 61.00 -7.62 28.46
CA GLY H 79 60.42 -8.54 29.42
C GLY H 79 58.94 -8.37 29.77
N ALA H 80 58.19 -7.64 28.93
CA ALA H 80 56.74 -7.66 29.06
C ALA H 80 56.23 -9.08 28.83
N GLU H 81 55.25 -9.50 29.63
CA GLU H 81 54.81 -10.88 29.60
C GLU H 81 53.50 -11.07 28.84
N GLY H 82 52.77 -9.97 28.65
CA GLY H 82 51.48 -10.00 27.96
C GLY H 82 51.21 -8.68 27.25
N VAL H 83 50.36 -8.72 26.22
CA VAL H 83 49.88 -7.51 25.56
C VAL H 83 48.37 -7.49 25.42
N ILE H 84 47.79 -6.30 25.56
CA ILE H 84 46.39 -6.08 25.20
C ILE H 84 46.35 -5.59 23.77
N VAL H 85 45.59 -6.28 22.93
CA VAL H 85 45.48 -5.89 21.53
C VAL H 85 44.17 -5.13 21.32
N GLY H 86 44.29 -3.85 21.01
CA GLY H 86 43.13 -3.00 20.78
C GLY H 86 42.44 -2.60 22.07
N GLY H 87 43.22 -2.40 23.12
CA GLY H 87 42.71 -1.88 24.37
C GLY H 87 42.40 -0.41 24.14
N THR H 88 42.09 0.34 25.16
CA THR H 88 41.82 1.74 25.02
C THR H 88 42.99 2.48 24.43
N THR H 89 44.15 2.10 24.90
CA THR H 89 45.42 2.64 24.49
C THR H 89 45.79 2.25 23.08
N GLY H 90 45.33 1.08 22.67
CA GLY H 90 45.44 0.58 21.34
C GLY H 90 44.39 1.07 20.40
N GLU H 91 43.52 1.94 20.87
CA GLU H 91 42.47 2.51 20.05
C GLU H 91 41.54 1.48 19.40
N GLY H 92 41.13 0.48 20.14
CA GLY H 92 40.20 -0.49 19.66
C GLY H 92 38.85 0.09 19.33
N GLN H 93 38.56 1.20 19.95
CA GLN H 93 37.41 2.00 19.71
C GLN H 93 37.35 2.60 18.30
N LEU H 94 38.48 2.75 17.64
CA LEU H 94 38.50 3.29 16.30
C LEU H 94 38.68 2.26 15.19
N MET H 95 38.81 1.03 15.56
CA MET H 95 38.90 -0.07 14.63
C MET H 95 37.55 -0.57 14.23
N SER H 96 37.45 -1.05 13.01
CA SER H 96 36.35 -1.91 12.63
C SER H 96 36.69 -3.30 13.17
N TRP H 97 35.68 -4.16 13.26
CA TRP H 97 35.89 -5.48 13.82
C TRP H 97 36.87 -6.33 13.03
N ASP H 98 36.84 -6.20 11.69
CA ASP H 98 37.75 -6.98 10.84
C ASP H 98 39.23 -6.65 11.11
N GLU H 99 39.53 -5.36 11.25
CA GLU H 99 40.85 -4.88 11.66
C GLU H 99 41.29 -5.44 13.00
N HIS H 100 40.35 -5.45 13.95
CA HIS H 100 40.62 -5.81 15.32
C HIS H 100 40.93 -7.30 15.45
N ILE H 101 40.09 -8.12 14.84
CA ILE H 101 40.28 -9.56 14.87
C ILE H 101 41.56 -9.91 14.13
N MET H 102 41.79 -9.25 12.99
CA MET H 102 43.02 -9.46 12.24
C MET H 102 44.24 -9.18 13.12
N LEU H 103 44.23 -8.05 13.81
CA LEU H 103 45.35 -7.66 14.63
C LEU H 103 45.57 -8.63 15.79
N ILE H 104 44.47 -9.16 16.34
CA ILE H 104 44.56 -10.18 17.37
C ILE H 104 45.18 -11.45 16.79
N GLY H 105 44.66 -11.90 15.66
CA GLY H 105 45.18 -13.09 14.99
C GLY H 105 46.62 -12.93 14.56
N HIS H 106 46.96 -11.72 14.12
CA HIS H 106 48.29 -11.42 13.69
C HIS H 106 49.27 -11.58 14.84
N THR H 107 48.89 -11.06 16.00
CA THR H 107 49.74 -11.05 17.20
C THR H 107 49.97 -12.46 17.75
N VAL H 108 48.94 -13.29 17.72
CA VAL H 108 49.04 -14.68 18.12
C VAL H 108 49.99 -15.44 17.18
N ASN H 109 49.74 -15.33 15.87
CA ASN H 109 50.57 -15.97 14.85
C ASN H 109 52.06 -15.62 14.95
N CYS H 110 52.38 -14.35 15.15
CA CYS H 110 53.79 -13.93 15.15
C CYS H 110 54.44 -13.92 16.54
N PHE H 111 53.64 -13.78 17.59
CA PHE H 111 54.21 -13.53 18.93
C PHE H 111 53.67 -14.42 20.06
N GLY H 112 52.65 -15.22 19.76
CA GLY H 112 51.97 -16.05 20.76
C GLY H 112 52.84 -17.04 21.52
N GLY H 113 54.01 -17.35 20.97
CA GLY H 113 54.95 -18.26 21.62
C GLY H 113 55.87 -17.57 22.60
N SER H 114 55.93 -16.24 22.52
CA SER H 114 56.87 -15.43 23.32
C SER H 114 56.19 -14.49 24.31
N ILE H 115 54.90 -14.22 24.11
CA ILE H 115 54.16 -13.27 24.92
C ILE H 115 52.67 -13.68 24.97
N LYS H 116 52.02 -13.45 26.11
CA LYS H 116 50.58 -13.71 26.23
C LYS H 116 49.75 -12.64 25.51
N VAL H 117 48.81 -13.09 24.68
CA VAL H 117 48.04 -12.20 23.83
C VAL H 117 46.63 -12.08 24.37
N ILE H 118 46.28 -10.89 24.85
CA ILE H 118 44.96 -10.66 25.40
C ILE H 118 44.17 -9.75 24.47
N GLY H 119 43.13 -10.31 23.86
CA GLY H 119 42.30 -9.56 22.93
C GLY H 119 41.26 -8.73 23.64
N ASN H 120 41.28 -7.40 23.43
CA ASN H 120 40.15 -6.57 23.86
C ASN H 120 38.94 -6.81 22.94
N THR H 121 38.15 -7.82 23.27
CA THR H 121 36.97 -8.15 22.49
C THR H 121 35.70 -7.71 23.21
N GLY H 122 35.83 -6.69 24.05
CA GLY H 122 34.69 -6.17 24.79
C GLY H 122 33.93 -5.12 24.00
N SER H 123 32.65 -4.98 24.33
CA SER H 123 31.75 -4.05 23.65
C SER H 123 30.65 -3.64 24.62
N ASN H 124 30.05 -2.47 24.38
CA ASN H 124 28.81 -2.10 25.06
C ASN H 124 27.61 -2.91 24.54
N SER H 125 27.80 -3.56 23.39
CA SER H 125 26.77 -4.43 22.85
C SER H 125 27.12 -5.88 23.08
N THR H 126 26.29 -6.56 23.82
CA THR H 126 26.44 -7.95 24.10
C THR H 126 26.65 -8.84 22.91
N ARG H 127 25.91 -8.58 21.86
CA ARG H 127 26.07 -9.25 20.61
C ARG H 127 27.45 -9.16 19.99
N GLU H 128 27.96 -7.95 19.88
CA GLU H 128 29.30 -7.71 19.45
C GLU H 128 30.34 -8.42 20.30
N ALA H 129 30.22 -8.31 21.60
CA ALA H 129 31.15 -8.93 22.53
C ALA H 129 31.16 -10.46 22.35
N ILE H 130 29.97 -11.04 22.22
CA ILE H 130 29.84 -12.48 21.96
C ILE H 130 30.57 -12.91 20.68
N HIS H 131 30.27 -12.24 19.57
CA HIS H 131 30.85 -12.59 18.28
C HIS H 131 32.35 -12.34 18.25
N ALA H 132 32.78 -11.19 18.78
CA ALA H 132 34.18 -10.82 18.76
C ALA H 132 35.02 -11.75 19.63
N THR H 133 34.46 -12.16 20.77
CA THR H 133 35.21 -12.97 21.73
C THR H 133 35.42 -14.40 21.20
N GLU H 134 34.36 -15.00 20.66
CA GLU H 134 34.48 -16.35 20.12
C GLU H 134 35.41 -16.39 18.90
N GLN H 135 35.40 -15.33 18.09
CA GLN H 135 36.26 -15.21 16.92
C GLN H 135 37.70 -15.05 17.37
N GLY H 136 37.90 -14.23 18.41
CA GLY H 136 39.21 -13.98 18.97
C GLY H 136 39.85 -15.23 19.55
N PHE H 137 39.09 -16.00 20.31
CA PHE H 137 39.57 -17.27 20.83
C PHE H 137 39.81 -18.29 19.73
N ALA H 138 39.00 -18.25 18.68
CA ALA H 138 39.17 -19.16 17.56
C ALA H 138 40.49 -18.88 16.81
N VAL H 139 40.90 -17.61 16.70
CA VAL H 139 42.20 -17.31 16.09
C VAL H 139 43.37 -17.53 17.05
N GLY H 140 43.05 -17.84 18.31
CA GLY H 140 44.03 -18.33 19.26
C GLY H 140 44.50 -17.43 20.37
N MET H 141 43.77 -16.34 20.64
CA MET H 141 44.15 -15.43 21.74
C MET H 141 44.11 -16.16 23.09
N HIS H 142 44.87 -15.67 24.05
CA HIS H 142 45.01 -16.38 25.32
C HIS H 142 43.95 -15.97 26.34
N ALA H 143 43.43 -14.75 26.21
CA ALA H 143 42.45 -14.19 27.14
C ALA H 143 41.69 -13.06 26.48
N ALA H 144 40.50 -12.74 27.02
CA ALA H 144 39.72 -11.61 26.54
C ALA H 144 39.64 -10.52 27.60
N LEU H 145 39.77 -9.27 27.16
CA LEU H 145 39.53 -8.12 28.03
C LEU H 145 38.08 -7.69 27.86
N HIS H 146 37.36 -7.57 28.98
CA HIS H 146 35.94 -7.22 28.96
C HIS H 146 35.54 -6.06 29.85
N ILE H 147 35.29 -4.92 29.21
CA ILE H 147 34.77 -3.75 29.85
C ILE H 147 33.27 -3.91 30.09
N ASN H 148 32.73 -3.18 31.07
CA ASN H 148 31.28 -3.09 31.24
C ASN H 148 30.72 -2.16 30.17
N PRO H 149 29.43 -2.34 29.77
CA PRO H 149 28.89 -1.48 28.72
C PRO H 149 28.99 0.01 29.02
N TYR H 150 29.77 0.72 28.20
CA TYR H 150 29.94 2.16 28.28
C TYR H 150 28.79 2.84 27.52
N TYR H 151 28.53 4.11 27.85
CA TYR H 151 27.50 4.91 27.18
C TYR H 151 26.08 4.35 27.35
N GLY H 152 25.81 3.19 26.74
CA GLY H 152 24.55 2.47 26.92
C GLY H 152 24.56 1.70 28.23
N LYS H 153 24.56 2.45 29.33
CA LYS H 153 24.60 1.91 30.68
C LYS H 153 23.46 0.91 30.92
N THR H 154 23.80 -0.23 31.52
CA THR H 154 22.80 -1.24 31.89
C THR H 154 22.70 -1.35 33.41
N SER H 155 21.73 -2.11 33.89
CA SER H 155 21.55 -2.38 35.31
C SER H 155 22.58 -3.38 35.79
N LEU H 156 22.84 -3.40 37.09
CA LEU H 156 23.77 -4.37 37.66
C LEU H 156 23.39 -5.82 37.34
N GLU H 157 22.09 -6.09 37.23
CA GLU H 157 21.60 -7.40 36.81
C GLU H 157 21.89 -7.66 35.33
N GLY H 158 21.94 -6.61 34.54
CA GLY H 158 22.26 -6.75 33.15
C GLY H 158 23.73 -6.88 32.88
N LEU H 159 24.52 -6.18 33.67
CA LEU H 159 25.93 -6.33 33.72
C LEU H 159 26.32 -7.77 33.88
N VAL H 160 25.67 -8.45 34.78
CA VAL H 160 25.99 -9.80 35.09
C VAL H 160 25.58 -10.67 33.93
N SER H 161 24.44 -10.37 33.34
CA SER H 161 23.97 -11.12 32.16
C SER H 161 24.90 -10.95 30.96
N HIS H 162 25.51 -9.77 30.85
CA HIS H 162 26.49 -9.44 29.83
C HIS H 162 27.81 -10.24 30.02
N PHE H 163 28.41 -10.16 31.20
CA PHE H 163 29.64 -10.88 31.46
C PHE H 163 29.44 -12.40 31.35
N GLU H 164 28.29 -12.90 31.78
CA GLU H 164 28.01 -14.34 31.75
C GLU H 164 27.81 -14.86 30.33
N SER H 165 27.62 -13.96 29.37
CA SER H 165 27.54 -14.32 27.96
C SER H 165 28.92 -14.62 27.37
N VAL H 166 29.96 -14.02 27.95
CA VAL H 166 31.31 -14.13 27.38
C VAL H 166 32.30 -14.94 28.24
N LEU H 167 32.07 -14.96 29.55
CA LEU H 167 32.90 -15.74 30.47
C LEU H 167 33.12 -17.22 30.14
N PRO H 168 32.07 -17.93 29.65
CA PRO H 168 32.31 -19.34 29.30
C PRO H 168 33.32 -19.58 28.17
N MET H 169 33.60 -18.56 27.36
CA MET H 169 34.41 -18.71 26.15
C MET H 169 35.90 -18.91 26.40
N GLY H 170 36.38 -18.46 27.55
CA GLY H 170 37.77 -18.64 27.94
C GLY H 170 38.23 -17.64 28.98
N PRO H 171 39.53 -17.63 29.30
CA PRO H 171 40.08 -16.71 30.30
C PRO H 171 39.70 -15.26 30.06
N THR H 172 39.22 -14.61 31.13
CA THR H 172 38.65 -13.27 31.04
C THR H 172 39.22 -12.33 32.09
N VAL H 173 39.64 -11.15 31.65
CA VAL H 173 40.01 -10.07 32.53
C VAL H 173 38.87 -9.04 32.44
N ILE H 174 38.32 -8.65 33.59
CA ILE H 174 37.26 -7.66 33.59
C ILE H 174 37.83 -6.25 33.78
N TYR H 175 37.32 -5.33 32.97
CA TYR H 175 37.89 -4.00 32.86
C TYR H 175 36.93 -2.97 33.49
N ASN H 176 37.38 -2.34 34.56
CA ASN H 176 36.60 -1.31 35.25
C ASN H 176 37.24 0.06 35.16
N VAL H 177 36.63 0.94 34.39
CA VAL H 177 37.15 2.29 34.26
C VAL H 177 36.01 3.33 34.22
N PRO H 178 35.39 3.61 35.40
CA PRO H 178 34.21 4.47 35.54
C PRO H 178 34.39 5.86 34.94
N SER H 179 35.63 6.35 34.94
CA SER H 179 35.93 7.67 34.39
C SER H 179 35.69 7.71 32.87
N ARG H 180 35.59 6.53 32.26
CA ARG H 180 35.38 6.42 30.82
C ARG H 180 34.02 5.83 30.45
N THR H 181 33.54 4.89 31.25
CA THR H 181 32.30 4.19 30.96
C THR H 181 31.05 4.90 31.48
N GLY H 182 31.23 5.73 32.50
CA GLY H 182 30.11 6.36 33.19
C GLY H 182 29.51 5.48 34.29
N GLN H 183 30.04 4.26 34.45
CA GLN H 183 29.53 3.32 35.45
C GLN H 183 30.63 2.52 36.16
N ASP H 184 30.64 2.64 37.48
CA ASP H 184 31.54 1.90 38.35
C ASP H 184 31.00 0.49 38.52
N ILE H 185 31.81 -0.52 38.17
CA ILE H 185 31.45 -1.91 38.49
C ILE H 185 31.66 -2.14 39.99
N PRO H 186 30.57 -2.44 40.72
CA PRO H 186 30.69 -2.61 42.16
C PRO H 186 31.24 -3.99 42.55
N PRO H 187 31.87 -4.09 43.73
CA PRO H 187 32.36 -5.38 44.24
C PRO H 187 31.32 -6.50 44.17
N GLY H 188 30.05 -6.16 44.37
CA GLY H 188 28.96 -7.15 44.28
C GLY H 188 28.94 -7.88 42.96
N VAL H 189 29.15 -7.15 41.86
CA VAL H 189 29.17 -7.73 40.53
C VAL H 189 30.43 -8.58 40.32
N ILE H 190 31.58 -8.05 40.72
CA ILE H 190 32.86 -8.75 40.59
C ILE H 190 32.81 -10.13 41.26
N HIS H 191 32.32 -10.18 42.51
CA HIS H 191 32.20 -11.44 43.24
C HIS H 191 31.19 -12.37 42.62
N THR H 192 30.17 -11.80 41.99
CA THR H 192 29.16 -12.61 41.31
C THR H 192 29.78 -13.34 40.11
N VAL H 193 30.60 -12.63 39.35
CA VAL H 193 31.22 -13.22 38.15
C VAL H 193 32.46 -14.05 38.52
N ALA H 194 33.15 -13.66 39.59
CA ALA H 194 34.30 -14.39 40.13
C ALA H 194 33.97 -15.81 40.56
N GLN H 195 32.72 -16.23 40.34
CA GLN H 195 32.28 -17.61 40.56
C GLN H 195 32.48 -18.45 39.30
N SER H 196 32.93 -17.82 38.23
CA SER H 196 33.30 -18.53 37.00
C SER H 196 34.77 -18.93 37.10
N ALA H 197 35.07 -20.17 36.72
CA ALA H 197 36.45 -20.64 36.67
C ALA H 197 37.27 -19.86 35.62
N ASN H 198 36.57 -19.19 34.70
CA ASN H 198 37.22 -18.44 33.62
C ASN H 198 37.64 -17.01 33.96
N LEU H 199 37.23 -16.51 35.12
CA LEU H 199 37.67 -15.18 35.52
C LEU H 199 39.13 -15.19 35.94
N ALA H 200 39.97 -14.64 35.09
CA ALA H 200 41.38 -14.51 35.40
C ALA H 200 41.58 -13.44 36.46
N GLY H 201 40.87 -12.34 36.33
CA GLY H 201 40.97 -11.24 37.27
C GLY H 201 40.41 -9.93 36.78
N VAL H 202 40.88 -8.85 37.35
CA VAL H 202 40.31 -7.55 37.11
C VAL H 202 41.37 -6.53 36.79
N GLU H 204 41.59 -2.91 37.17
CA GLU H 204 40.89 -2.02 38.04
C GLU H 204 41.46 -0.63 37.94
N CYS H 205 40.62 0.40 37.87
CA CYS H 205 41.08 1.76 37.61
C CYS H 205 40.63 2.81 38.63
N VAL H 206 39.80 2.41 39.59
CA VAL H 206 39.29 3.38 40.58
C VAL H 206 40.29 3.76 41.66
N GLY H 207 41.17 2.84 42.04
CA GLY H 207 42.16 3.12 43.07
C GLY H 207 42.62 1.92 43.86
N ASN H 208 43.68 2.12 44.63
CA ASN H 208 44.31 1.06 45.41
C ASN H 208 43.43 0.48 46.51
N ASP H 209 42.58 1.31 47.10
CA ASP H 209 41.66 0.84 48.11
C ASP H 209 40.69 -0.21 47.64
N ARG H 210 40.19 -0.08 46.43
CA ARG H 210 39.27 -1.05 45.85
C ARG H 210 39.96 -2.31 45.37
N ILE H 211 41.21 -2.17 44.95
CA ILE H 211 42.07 -3.28 44.66
C ILE H 211 42.26 -4.18 45.86
N LYS H 212 42.56 -3.58 47.00
CA LYS H 212 42.72 -4.33 48.26
C LYS H 212 41.46 -5.12 48.61
N GLN H 213 40.30 -4.54 48.31
CA GLN H 213 39.01 -5.22 48.52
C GLN H 213 38.90 -6.56 47.77
N TYR H 214 39.53 -6.64 46.60
CA TYR H 214 39.47 -7.86 45.79
C TYR H 214 40.58 -8.84 46.12
N THR H 215 41.79 -8.32 46.32
CA THR H 215 42.97 -9.16 46.60
C THR H 215 42.88 -9.84 47.97
N ASP H 216 42.31 -9.13 48.95
CA ASP H 216 41.97 -9.70 50.25
C ASP H 216 41.11 -10.95 50.09
N ASN H 217 40.24 -10.95 49.08
CA ASN H 217 39.40 -12.12 48.78
C ASN H 217 39.95 -13.00 47.64
N ARG H 218 41.26 -12.90 47.43
CA ARG H 218 41.99 -13.76 46.48
C ARG H 218 41.42 -13.72 45.06
N ILE H 219 41.04 -12.52 44.63
CA ILE H 219 40.68 -12.24 43.25
C ILE H 219 41.88 -11.52 42.66
N VAL H 220 42.37 -12.02 41.52
CA VAL H 220 43.58 -11.44 40.91
C VAL H 220 43.28 -10.04 40.34
N VAL H 221 44.13 -9.08 40.65
CA VAL H 221 43.92 -7.72 40.18
C VAL H 221 45.16 -7.11 39.57
N TRP H 222 44.99 -6.48 38.41
CA TRP H 222 46.01 -5.64 37.81
C TRP H 222 45.57 -4.18 37.91
N SER H 223 46.45 -3.32 38.41
CA SER H 223 46.22 -1.89 38.38
C SER H 223 46.21 -1.38 36.93
N GLY H 224 45.20 -0.58 36.59
CA GLY H 224 45.16 0.11 35.31
C GLY H 224 45.79 1.50 35.36
N ASN H 225 46.14 1.96 36.56
CA ASN H 225 46.76 3.28 36.75
C ASN H 225 48.27 3.20 37.00
N ASP H 226 49.05 3.72 36.05
CA ASP H 226 50.51 3.67 36.15
C ASP H 226 51.05 4.42 37.37
N ASP H 227 50.43 5.55 37.69
CA ASP H 227 50.86 6.36 38.84
C ASP H 227 50.55 5.69 40.19
N GLN H 228 49.83 4.57 40.15
CA GLN H 228 49.37 3.88 41.35
C GLN H 228 49.89 2.45 41.45
N CYS H 229 50.43 1.93 40.35
CA CYS H 229 50.67 0.49 40.20
C CYS H 229 51.80 -0.05 41.06
N HIS H 230 52.80 0.79 41.34
CA HIS H 230 53.91 0.41 42.22
C HIS H 230 53.41 0.09 43.63
N ASP H 231 52.60 0.96 44.18
CA ASP H 231 52.04 0.77 45.50
C ASP H 231 51.01 -0.31 45.50
N ALA H 232 50.28 -0.43 44.42
CA ALA H 232 49.33 -1.50 44.23
C ALA H 232 49.94 -2.91 44.31
N LYS H 233 51.05 -3.10 43.63
CA LYS H 233 51.76 -4.35 43.71
C LYS H 233 52.26 -4.67 45.10
N TRP H 234 52.83 -3.68 45.75
CA TRP H 234 53.62 -3.94 46.92
C TRP H 234 52.93 -3.73 48.23
N ASP H 235 51.85 -3.00 48.25
CA ASP H 235 51.11 -2.69 49.47
C ASP H 235 49.65 -3.14 49.45
N TYR H 236 49.09 -3.37 48.27
CA TYR H 236 47.67 -3.67 48.16
C TYR H 236 47.38 -5.05 47.57
N GLY H 237 48.44 -5.78 47.24
CA GLY H 237 48.32 -7.17 46.80
C GLY H 237 48.00 -7.39 45.33
N ALA H 238 48.03 -6.31 44.54
CA ALA H 238 47.86 -6.45 43.09
C ALA H 238 48.96 -7.33 42.51
N THR H 239 48.58 -8.17 41.53
CA THR H 239 49.53 -9.08 40.88
C THR H 239 50.47 -8.31 39.95
N GLY H 240 50.00 -7.21 39.39
CA GLY H 240 50.81 -6.41 38.49
C GLY H 240 50.06 -5.25 37.88
N VAL H 241 50.53 -4.80 36.73
CA VAL H 241 49.93 -3.67 36.03
C VAL H 241 49.52 -4.07 34.61
N ILE H 242 48.46 -3.44 34.11
CA ILE H 242 48.20 -3.36 32.68
C ILE H 242 48.49 -1.91 32.29
N SER H 243 49.61 -1.72 31.59
CA SER H 243 50.31 -0.45 31.54
C SER H 243 50.22 0.29 30.22
N VAL H 244 50.14 1.62 30.33
CA VAL H 244 50.30 2.50 29.19
C VAL H 244 51.78 2.87 29.09
N THR H 245 52.37 3.21 30.23
CA THR H 245 53.73 3.73 30.27
C THR H 245 54.77 2.74 29.73
N SER H 246 54.52 1.44 29.91
CA SER H 246 55.44 0.40 29.39
C SER H 246 55.59 0.41 27.87
N ASN H 247 54.72 1.12 27.18
CA ASN H 247 54.84 1.36 25.78
C ASN H 247 56.08 2.15 25.47
N LEU H 248 56.51 2.92 26.44
CA LEU H 248 57.66 3.76 26.28
C LEU H 248 58.86 3.28 27.04
N ILE H 249 58.65 2.86 28.27
CA ILE H 249 59.71 2.48 29.15
C ILE H 249 59.48 1.12 29.78
N PRO H 250 59.48 0.05 28.99
CA PRO H 250 59.09 -1.26 29.52
C PRO H 250 60.10 -1.86 30.49
N GLY H 251 61.38 -1.64 30.22
CA GLY H 251 62.46 -2.11 31.10
C GLY H 251 62.33 -1.56 32.51
N LEU H 252 62.09 -0.25 32.59
CA LEU H 252 61.88 0.41 33.88
C LEU H 252 60.60 -0.06 34.59
N MET H 253 59.53 -0.26 33.83
CA MET H 253 58.26 -0.74 34.39
C MET H 253 58.37 -2.17 34.94
N ARG H 254 59.13 -3.03 34.25
CA ARG H 254 59.38 -4.39 34.76
C ARG H 254 60.19 -4.33 36.07
N GLN H 255 61.23 -3.55 36.06
CA GLN H 255 62.06 -3.30 37.20
C GLN H 255 61.23 -2.84 38.39
N LEU H 256 60.24 -2.03 38.12
CA LEU H 256 59.36 -1.50 39.12
C LEU H 256 58.44 -2.52 39.75
N LEU H 257 58.29 -3.68 39.16
CA LEU H 257 57.28 -4.58 39.60
C LEU H 257 57.84 -5.91 39.99
N PHE H 258 59.09 -6.12 39.72
CA PHE H 258 59.69 -7.41 39.94
C PHE H 258 60.67 -7.39 41.09
N LYS H 259 61.40 -6.31 41.27
CA LYS H 259 62.56 -6.25 42.15
C LYS H 259 62.32 -5.43 43.42
N GLY H 260 61.34 -5.85 44.22
CA GLY H 260 61.00 -5.22 45.50
C GLY H 260 60.55 -3.75 45.39
N LYS H 261 60.14 -3.15 46.48
CA LYS H 261 59.78 -1.74 46.48
C LYS H 261 60.89 -0.83 46.06
N ASN H 262 60.53 0.21 45.36
CA ASN H 262 61.48 1.15 44.87
C ASN H 262 60.86 2.49 44.65
N PRO H 263 60.48 3.13 45.73
CA PRO H 263 60.11 4.51 45.62
C PRO H 263 61.40 5.12 45.21
N SER H 264 61.39 6.10 44.37
CA SER H 264 62.63 6.71 43.94
C SER H 264 62.76 6.47 42.49
N LEU H 265 62.70 5.21 42.10
CA LEU H 265 62.50 4.85 40.73
C LEU H 265 61.07 5.20 40.38
N ASN H 266 60.17 4.88 41.27
CA ASN H 266 58.77 5.23 41.15
C ASN H 266 58.59 6.74 41.01
N ALA H 267 59.32 7.50 41.82
CA ALA H 267 59.30 8.96 41.73
C ALA H 267 59.94 9.45 40.42
N LYS H 268 60.96 8.73 39.97
CA LYS H 268 61.72 9.11 38.77
C LYS H 268 60.87 9.08 37.50
N ILE H 269 59.99 8.09 37.38
CA ILE H 269 59.14 7.94 36.19
C ILE H 269 57.85 8.78 36.27
N MET H 270 57.55 9.30 37.45
CA MET H 270 56.30 10.02 37.69
C MET H 270 56.03 11.27 36.82
N PRO H 271 57.04 12.01 36.44
CA PRO H 271 56.84 13.12 35.53
C PRO H 271 56.45 12.69 34.16
N LEU H 272 56.75 11.45 33.82
CA LEU H 272 56.40 10.93 32.52
C LEU H 272 54.95 10.53 32.55
N VAL H 273 54.56 9.84 33.57
CA VAL H 273 53.21 9.42 33.76
C VAL H 273 52.20 10.57 33.79
N ASN H 274 52.49 11.64 34.50
CA ASN H 274 51.65 12.85 34.51
C ASN H 274 51.47 13.45 33.11
N TRP H 275 52.59 13.64 32.41
CA TRP H 275 52.59 14.13 31.04
C TRP H 275 51.69 13.26 30.14
N LEU H 276 51.79 11.94 30.29
CA LEU H 276 51.00 11.00 29.48
C LEU H 276 49.50 11.10 29.71
N PHE H 277 49.09 11.55 30.88
CA PHE H 277 47.66 11.58 31.22
C PHE H 277 47.06 12.97 31.40
N GLU H 278 47.81 14.00 31.03
CA GLU H 278 47.30 15.37 31.06
C GLU H 278 46.09 15.53 30.14
N GLU H 279 46.26 15.18 28.87
CA GLU H 279 45.12 14.98 27.98
C GLU H 279 44.74 13.49 28.06
N PRO H 280 43.51 13.13 27.59
CA PRO H 280 43.13 11.72 27.66
C PRO H 280 44.04 10.78 26.86
N ASN H 281 44.53 9.75 27.53
CA ASN H 281 45.24 8.64 26.90
C ASN H 281 44.36 8.09 25.77
N PRO H 282 44.94 7.82 24.58
CA PRO H 282 46.36 7.78 24.23
C PRO H 282 46.95 8.99 23.49
N ILE H 283 46.34 10.17 23.61
CA ILE H 283 46.86 11.36 22.93
C ILE H 283 48.35 11.59 23.24
N GLY H 284 48.70 11.51 24.50
CA GLY H 284 50.05 11.59 24.95
C GLY H 284 50.97 10.53 24.41
N LEU H 285 50.61 9.27 24.57
CA LEU H 285 51.33 8.17 23.99
C LEU H 285 51.55 8.27 22.49
N ASN H 286 50.51 8.54 21.74
CA ASN H 286 50.63 8.66 20.32
C ASN H 286 51.64 9.72 19.98
N THR H 287 51.64 10.81 20.73
CA THR H 287 52.56 11.91 20.50
C THR H 287 53.99 11.51 20.81
N ALA H 288 54.19 10.87 21.94
CA ALA H 288 55.51 10.46 22.36
C ALA H 288 56.19 9.41 21.50
N LEU H 289 55.46 8.43 21.02
CA LEU H 289 56.01 7.42 20.17
C LEU H 289 56.37 7.98 18.81
N ALA H 290 55.72 9.05 18.39
CA ALA H 290 56.08 9.69 17.17
C ALA H 290 57.31 10.51 17.35
N GLN H 291 57.46 11.10 18.50
CA GLN H 291 58.68 11.85 18.82
C GLN H 291 59.91 10.95 18.97
N LEU H 292 59.71 9.71 19.43
CA LEU H 292 60.80 8.74 19.52
C LEU H 292 61.14 8.10 18.17
N GLY H 293 60.27 8.30 17.18
CA GLY H 293 60.48 7.81 15.81
C GLY H 293 60.09 6.35 15.57
N VAL H 294 59.39 5.74 16.51
CA VAL H 294 58.96 4.35 16.43
C VAL H 294 57.63 4.10 15.76
N VAL H 295 56.85 5.13 15.57
CA VAL H 295 55.61 5.09 14.85
C VAL H 295 55.59 6.35 14.01
N ARG H 296 54.83 6.35 12.93
CA ARG H 296 54.63 7.50 12.11
C ARG H 296 53.71 8.45 12.81
N PRO H 297 53.86 9.74 12.57
CA PRO H 297 53.02 10.71 13.28
C PRO H 297 51.62 10.83 12.65
N VAL H 298 50.85 9.75 12.72
CA VAL H 298 49.53 9.68 12.10
C VAL H 298 48.50 9.37 13.20
N PHE H 299 47.42 10.16 13.22
CA PHE H 299 46.35 10.04 14.21
C PHE H 299 45.01 9.71 13.57
N ARG H 300 44.28 8.76 14.14
CA ARG H 300 42.89 8.55 13.77
C ARG H 300 42.05 9.49 14.62
N LEU H 301 41.18 10.25 13.96
CA LEU H 301 40.24 11.12 14.68
C LEU H 301 39.33 10.23 15.51
N PRO H 302 38.87 10.70 16.69
CA PRO H 302 38.89 12.07 17.22
C PRO H 302 40.14 12.48 18.00
N TYR H 303 41.19 11.67 17.94
CA TYR H 303 42.43 12.02 18.64
C TYR H 303 43.28 12.99 17.83
N VAL H 304 44.04 13.79 18.52
CA VAL H 304 44.75 14.87 17.91
C VAL H 304 45.98 15.05 18.79
N PRO H 305 47.10 15.49 18.28
CA PRO H 305 48.30 15.53 19.12
C PRO H 305 48.43 16.70 20.06
N LEU H 306 49.27 16.52 21.06
CA LEU H 306 49.67 17.56 21.97
C LEU H 306 50.38 18.68 21.24
N PRO H 307 50.25 19.90 21.73
CA PRO H 307 50.84 21.07 21.10
C PRO H 307 52.36 21.20 21.25
N LEU H 308 52.98 22.07 20.48
CA LEU H 308 54.44 22.23 20.48
C LEU H 308 55.06 22.29 21.87
N ALA H 309 54.53 23.15 22.74
CA ALA H 309 55.07 23.31 24.08
C ALA H 309 55.18 21.98 24.85
N LYS H 310 54.16 21.14 24.72
CA LYS H 310 54.15 19.83 25.40
C LYS H 310 55.12 18.84 24.78
N ARG H 311 55.38 18.99 23.48
CA ARG H 311 56.32 18.15 22.78
C ARG H 311 57.74 18.50 23.22
N VAL H 312 58.01 19.81 23.33
CA VAL H 312 59.26 20.33 23.89
C VAL H 312 59.43 19.79 25.31
N GLU H 313 58.36 19.86 26.10
CA GLU H 313 58.34 19.34 27.47
C GLU H 313 58.75 17.86 27.53
N PHE H 314 58.33 17.08 26.53
CA PHE H 314 58.65 15.64 26.46
C PHE H 314 60.13 15.35 26.23
N VAL H 315 60.76 16.10 25.32
CA VAL H 315 62.21 15.98 25.09
C VAL H 315 62.96 16.08 26.42
N ASN H 316 62.58 17.05 27.26
CA ASN H 316 63.19 17.26 28.57
C ASN H 316 62.93 16.12 29.53
N ILE H 317 61.71 15.59 29.50
CA ILE H 317 61.35 14.41 30.30
C ILE H 317 62.20 13.20 29.88
N VAL H 318 62.46 13.06 28.59
CA VAL H 318 63.32 12.00 28.05
C VAL H 318 64.77 12.16 28.55
N LYS H 319 65.28 13.39 28.49
CA LYS H 319 66.64 13.70 28.94
C LYS H 319 66.88 13.32 30.40
N GLU H 320 65.97 13.74 31.28
CA GLU H 320 66.07 13.48 32.71
C GLU H 320 66.09 11.98 33.06
N ILE H 321 65.27 11.19 32.36
CA ILE H 321 65.19 9.75 32.60
C ILE H 321 66.32 8.97 31.91
N GLY H 322 66.80 9.50 30.80
CA GLY H 322 67.74 8.82 29.96
C GLY H 322 67.13 8.09 28.80
N ARG H 323 67.47 8.51 27.61
CA ARG H 323 66.88 7.99 26.41
C ARG H 323 67.05 6.50 26.24
N GLU H 324 67.99 5.90 26.94
CA GLU H 324 68.31 4.49 26.80
C GLU H 324 67.28 3.62 27.45
N ASN H 325 66.45 4.24 28.26
CA ASN H 325 65.34 3.55 28.92
C ASN H 325 64.07 3.55 28.07
N PHE H 326 64.07 4.36 27.02
CA PHE H 326 62.93 4.47 26.11
C PHE H 326 63.09 3.57 24.88
N VAL H 327 61.97 3.06 24.37
CA VAL H 327 61.97 2.23 23.17
C VAL H 327 62.63 2.93 21.97
N GLY H 328 63.28 2.15 21.11
CA GLY H 328 63.87 2.68 19.88
C GLY H 328 65.30 3.19 20.03
N GLU H 329 65.86 3.71 18.94
CA GLU H 329 67.26 4.14 18.91
C GLU H 329 67.49 5.57 18.40
N LYS H 330 66.48 6.13 17.75
CA LYS H 330 66.59 7.44 17.13
C LYS H 330 66.57 8.55 18.18
N ASP H 331 67.26 9.66 17.87
CA ASP H 331 67.21 10.86 18.72
C ASP H 331 65.77 11.37 18.79
N VAL H 332 65.29 11.55 20.01
CA VAL H 332 63.95 12.08 20.25
C VAL H 332 63.82 13.46 19.62
N LYS H 333 62.73 13.67 18.86
CA LYS H 333 62.52 14.92 18.14
C LYS H 333 61.32 15.70 18.69
N VAL H 334 61.38 17.02 18.54
CA VAL H 334 60.24 17.89 18.88
C VAL H 334 59.08 17.67 17.91
N LEU H 335 59.40 17.68 16.61
CA LEU H 335 58.43 17.59 15.50
C LEU H 335 57.70 18.91 15.24
N ASP H 336 57.45 19.21 13.96
CA ASP H 336 56.66 20.38 13.58
C ASP H 336 55.17 20.06 13.61
N ASP H 337 54.33 21.08 13.77
CA ASP H 337 52.88 20.90 13.70
C ASP H 337 52.47 20.18 12.40
N ASP H 338 53.12 20.52 11.30
CA ASP H 338 52.80 20.00 9.96
C ASP H 338 53.36 18.62 9.66
N ASP H 339 54.04 18.01 10.63
CA ASP H 339 54.48 16.61 10.50
C ASP H 339 53.31 15.64 10.72
N PHE H 340 52.30 16.10 11.46
CA PHE H 340 51.19 15.24 11.87
C PHE H 340 50.09 15.11 10.84
N ILE H 341 49.62 13.87 10.66
CA ILE H 341 48.50 13.60 9.77
C ILE H 341 47.29 13.16 10.59
N LEU H 342 46.19 13.89 10.45
CA LEU H 342 44.93 13.52 11.07
C LEU H 342 44.03 12.90 10.01
N VAL H 343 43.47 11.73 10.29
CA VAL H 343 42.57 11.10 9.31
C VAL H 343 41.18 10.82 9.86
N GLY H 344 40.16 11.27 9.11
CA GLY H 344 38.77 11.01 9.42
C GLY H 344 38.25 9.82 8.65
N ARG H 345 38.64 9.71 7.39
CA ARG H 345 38.22 8.60 6.53
C ARG H 345 39.43 7.72 6.27
N TYR H 346 39.30 6.44 6.58
CA TYR H 346 40.42 5.51 6.44
C TYR H 346 39.96 4.05 6.32
#